data_8GPG
#
_entry.id   8GPG
#
_cell.length_a   1.00
_cell.length_b   1.00
_cell.length_c   1.00
_cell.angle_alpha   90.00
_cell.angle_beta   90.00
_cell.angle_gamma   90.00
#
_symmetry.space_group_name_H-M   'P 1'
#
loop_
_entity.id
_entity.type
_entity.pdbx_description
1 polymer 'F6 Fab heavy chain'
2 polymer 'F6 Fab light chain'
3 polymer 'HIV-1 Env X18 UFO'
4 branched alpha-D-mannopyranose-(1-3)-[alpha-D-mannopyranose-(1-6)]beta-D-mannopyranose-(1-4)-2-acetamido-2-deoxy-beta-D-glucopyranose-(1-4)-2-acetamido-2-deoxy-beta-D-glucopyranose
5 branched 2-acetamido-2-deoxy-beta-D-glucopyranose-(1-4)-2-acetamido-2-deoxy-beta-D-glucopyranose
6 non-polymer 2-acetamido-2-deoxy-beta-D-glucopyranose
#
loop_
_entity_poly.entity_id
_entity_poly.type
_entity_poly.pdbx_seq_one_letter_code
_entity_poly.pdbx_strand_id
1 'polypeptide(L)'
;QVQLQQWGTGLLKPSETLSLTCAVYGVSLRGYYWTWIRQSPKKGLEWIGEIDEIGRTKYSQSLRSRATLSIDTSKKQFSL
RLTSVTAADMATYYCARWRLMMVDEVTRHGMDVWSQGTMVTVSSASTKGPSVFPLAPSSKSTSGGTAALGCLVKDYFPEP
VTVSWNSGALTSGVHTFPAVLQSSGLYSLSSVVTVPSSSLGTQTYICNVNHKPSNTKVDKKVEPKSCDKTHT
;
A,C,E
2 'polypeptide(L)'
;DIVMTQSPLSLSVAPGEAASISCRSTQSLLNRNGDNYLEWYLRRPGRSPQLLIYLGSERALGVPDRFSGSGSGRDFTLKI
SRVEAQDVGTYYCLQTRQGAFTFGQGTKLEIKRTVAAPSVFIFPPSDSQLKSGTASVVCLLNNFYPREAKVQWKVDNALQ
SGNSQESVTEQDSKDSTYSLSSTLTLSKADYEKHKVYACEVTHQGLSSPVTKSFNRGECG
;
B,D,F
3 'polypeptide(L)'
;NLWVTVYYGVPVWRDADTTLFCASDAKAHVPEAHNVWATHACVPTDPNPQEIPLENVTENFNMWKNNMVEQMQEDVISLW
DQSLKPCVKLTPLCVTLNCTKANLTHNTTNDKNGTGNITDEVKIGNITDEVKNCTFNMTTEIRDKQQKVHALFYALDIVQ
MKENGSEYRLISCNTSVIKQACPKISFDPIPIHYCAPAGYAILKCNDKKFNGTGPCKNVSTVQCTHGIKPVVSTQLLLNG
SLAEEEIIIRSENLTNNAKNIIVHLNKSVSISCTRPSNNTRTSIRIGPGQMFYRTGDIIGDIRKAYCELNGTEWNETLNK
VTEKLKEHFNKTIVFQPPSGGDLETTMHHFNCRGEFFYCNTTKLFNTKNGTREEFNGTIILPCRIKQIVNMWQGVGQAMY
APPISGIINCTSNITGIILTRDGGNGNTTDETFRPGGGNIKDNWRSELYKYKVVQIEPLGIAPTRCKRRVVDGGGGSGGG
GSAVGIGAMIFGFLGAAGSTMGAASITLTVQARQLLSGNPDWLPDMTVWGIKQLQARVLAVERYLKDQKFLGLWGCSGKI
ICCTNVPWNSTWSNKSYEEIWNNMTWIEWEKEISNYTNRIYDLLTESQNQQERNEKDLLELD
;
X,Y,Z
#
# COMPACT_ATOMS: atom_id res chain seq x y z
N GLN A 1 5.45 -20.63 -38.65
CA GLN A 1 5.97 -19.92 -39.81
C GLN A 1 5.10 -18.73 -40.16
N VAL A 2 5.72 -17.68 -40.70
CA VAL A 2 5.01 -16.49 -41.15
C VAL A 2 5.46 -16.17 -42.57
N GLN A 3 4.59 -15.48 -43.30
CA GLN A 3 4.86 -15.14 -44.69
C GLN A 3 4.42 -13.70 -44.95
N LEU A 4 5.00 -13.11 -46.00
CA LEU A 4 4.69 -11.75 -46.41
C LEU A 4 4.29 -11.74 -47.88
N GLN A 5 3.52 -10.74 -48.26
CA GLN A 5 3.08 -10.58 -49.65
C GLN A 5 3.09 -9.11 -50.01
N GLN A 6 3.16 -8.84 -51.31
CA GLN A 6 3.25 -7.48 -51.81
C GLN A 6 2.31 -7.29 -53.01
N TRP A 7 1.88 -6.05 -53.21
CA TRP A 7 1.16 -5.64 -54.40
C TRP A 7 1.69 -4.30 -54.86
N GLY A 8 1.81 -4.12 -56.18
CA GLY A 8 2.31 -2.88 -56.72
C GLY A 8 2.02 -2.69 -58.19
N THR A 9 2.58 -1.64 -58.77
CA THR A 9 2.37 -1.33 -60.18
C THR A 9 3.33 -2.11 -61.06
N GLY A 10 3.16 -1.95 -62.36
CA GLY A 10 4.07 -2.51 -63.34
C GLY A 10 4.99 -1.45 -63.90
N LEU A 11 4.64 -0.92 -65.07
CA LEU A 11 5.44 0.08 -65.75
C LEU A 11 4.93 1.48 -65.38
N LEU A 12 5.82 2.32 -64.85
CA LEU A 12 5.47 3.66 -64.41
C LEU A 12 6.47 4.66 -64.96
N LYS A 13 5.96 5.73 -65.59
CA LYS A 13 6.81 6.77 -66.15
C LYS A 13 7.14 7.80 -65.07
N PRO A 14 8.21 8.58 -65.25
CA PRO A 14 8.67 9.46 -64.17
C PRO A 14 7.65 10.52 -63.79
N SER A 15 7.90 11.12 -62.62
CA SER A 15 7.17 12.26 -62.05
C SER A 15 5.79 11.91 -61.54
N GLU A 16 5.46 10.63 -61.40
CA GLU A 16 4.19 10.22 -60.82
C GLU A 16 4.38 9.74 -59.39
N THR A 17 3.32 9.15 -58.83
CA THR A 17 3.32 8.62 -57.48
C THR A 17 3.37 7.10 -57.53
N LEU A 18 4.29 6.52 -56.77
CA LEU A 18 4.45 5.08 -56.67
C LEU A 18 3.88 4.61 -55.33
N SER A 19 2.91 3.72 -55.38
CA SER A 19 2.26 3.21 -54.17
C SER A 19 2.47 1.71 -54.10
N LEU A 20 3.04 1.24 -53.00
CA LEU A 20 3.33 -0.18 -52.80
C LEU A 20 2.69 -0.65 -51.51
N THR A 21 1.96 -1.76 -51.58
CA THR A 21 1.27 -2.31 -50.43
C THR A 21 1.92 -3.64 -50.05
N CYS A 22 2.01 -3.90 -48.75
CA CYS A 22 2.67 -5.10 -48.26
C CYS A 22 1.86 -5.64 -47.09
N ALA A 23 1.44 -6.89 -47.19
CA ALA A 23 0.57 -7.52 -46.20
C ALA A 23 1.31 -8.64 -45.49
N VAL A 24 1.01 -8.80 -44.20
CA VAL A 24 1.61 -9.83 -43.36
C VAL A 24 0.55 -10.88 -43.05
N TYR A 25 0.93 -12.15 -43.15
CA TYR A 25 0.01 -13.26 -42.94
C TYR A 25 0.40 -14.11 -41.74
N GLY A 26 0.99 -13.49 -40.73
CA GLY A 26 1.42 -14.24 -39.56
C GLY A 26 1.13 -13.53 -38.25
N VAL A 27 2.15 -13.41 -37.40
CA VAL A 27 1.98 -12.74 -36.12
C VAL A 27 1.63 -11.27 -36.37
N SER A 28 0.94 -10.65 -35.42
CA SER A 28 0.45 -9.30 -35.58
C SER A 28 1.62 -8.31 -35.65
N LEU A 29 1.29 -7.04 -35.85
CA LEU A 29 2.27 -5.97 -35.98
C LEU A 29 2.74 -5.42 -34.64
N ARG A 30 2.26 -5.98 -33.54
CA ARG A 30 2.46 -5.35 -32.23
C ARG A 30 3.93 -5.25 -31.86
N GLY A 31 4.69 -6.33 -32.05
CA GLY A 31 6.01 -6.43 -31.48
C GLY A 31 7.18 -6.57 -32.43
N TYR A 32 7.19 -5.81 -33.52
CA TYR A 32 8.30 -5.87 -34.46
C TYR A 32 8.46 -4.50 -35.10
N TYR A 33 9.42 -4.40 -36.02
CA TYR A 33 9.45 -3.31 -36.99
C TYR A 33 9.29 -3.87 -38.38
N TRP A 34 8.66 -3.09 -39.26
CA TRP A 34 8.53 -3.45 -40.67
C TRP A 34 9.35 -2.44 -41.47
N THR A 35 10.27 -2.93 -42.28
CA THR A 35 11.27 -2.09 -42.92
C THR A 35 11.40 -2.45 -44.39
N TRP A 36 11.70 -1.46 -45.22
CA TRP A 36 11.81 -1.69 -46.65
C TRP A 36 13.27 -1.52 -47.08
N ILE A 37 13.73 -2.49 -47.87
CA ILE A 37 15.08 -2.49 -48.38
C ILE A 37 15.01 -2.48 -49.90
N ARG A 38 15.92 -1.76 -50.54
CA ARG A 38 15.89 -1.64 -51.98
C ARG A 38 17.18 -2.21 -52.58
N GLN A 39 17.02 -2.99 -53.66
CA GLN A 39 18.13 -3.60 -54.37
C GLN A 39 18.07 -3.18 -55.83
N SER A 40 19.22 -2.79 -56.36
CA SER A 40 19.34 -2.35 -57.73
C SER A 40 20.62 -2.94 -58.31
N PRO A 41 20.72 -3.04 -59.64
CA PRO A 41 22.00 -3.42 -60.25
C PRO A 41 23.11 -2.42 -60.02
N LYS A 42 22.85 -1.35 -59.28
CA LYS A 42 23.83 -0.29 -59.05
C LYS A 42 23.89 0.07 -57.58
N LYS A 43 25.13 0.15 -57.06
CA LYS A 43 25.47 0.73 -55.76
C LYS A 43 25.00 -0.13 -54.58
N GLY A 44 24.25 -1.21 -54.85
CA GLY A 44 23.98 -2.17 -53.79
C GLY A 44 22.69 -1.92 -53.02
N LEU A 45 22.56 -2.67 -51.93
CA LEU A 45 21.37 -2.65 -51.09
C LEU A 45 21.33 -1.38 -50.26
N GLU A 46 20.16 -0.77 -50.16
CA GLU A 46 19.97 0.47 -49.40
C GLU A 46 18.83 0.31 -48.41
N TRP A 47 18.43 1.43 -47.81
CA TRP A 47 17.45 1.46 -46.74
C TRP A 47 16.38 2.52 -47.05
N ILE A 48 15.11 2.20 -46.76
CA ILE A 48 14.05 3.13 -47.13
C ILE A 48 13.31 3.69 -45.92
N GLY A 49 12.66 2.82 -45.15
CA GLY A 49 11.78 3.30 -44.10
C GLY A 49 11.59 2.26 -43.01
N GLU A 50 11.17 2.75 -41.84
CA GLU A 50 10.91 1.91 -40.68
C GLU A 50 9.62 2.36 -40.01
N ILE A 51 8.75 1.41 -39.67
CA ILE A 51 7.45 1.73 -39.09
C ILE A 51 7.24 0.85 -37.87
N ASP A 52 6.69 1.44 -36.80
CA ASP A 52 6.22 0.68 -35.66
C ASP A 52 4.74 0.36 -35.87
N GLU A 53 4.05 -0.11 -34.83
CA GLU A 53 2.62 -0.34 -34.95
C GLU A 53 1.80 0.85 -34.48
N ILE A 54 2.33 1.67 -33.56
CA ILE A 54 1.64 2.87 -33.14
C ILE A 54 1.53 3.89 -34.27
N GLY A 55 2.46 3.85 -35.22
CA GLY A 55 2.56 4.86 -36.25
C GLY A 55 3.87 5.63 -36.26
N ARG A 56 4.75 5.40 -35.28
CA ARG A 56 6.06 6.03 -35.31
C ARG A 56 6.83 5.61 -36.55
N THR A 57 7.42 6.57 -37.24
CA THR A 57 8.08 6.33 -38.51
C THR A 57 9.50 6.89 -38.49
N LYS A 58 10.38 6.23 -39.22
CA LYS A 58 11.75 6.69 -39.40
C LYS A 58 12.14 6.54 -40.86
N TYR A 59 12.89 7.50 -41.38
CA TYR A 59 13.25 7.53 -42.79
C TYR A 59 14.74 7.77 -42.92
N SER A 60 15.24 7.61 -44.14
CA SER A 60 16.63 7.88 -44.46
C SER A 60 16.77 9.30 -45.02
N GLN A 61 18.01 9.79 -45.02
CA GLN A 61 18.28 11.13 -45.53
C GLN A 61 18.21 11.19 -47.04
N SER A 62 18.56 10.09 -47.73
CA SER A 62 18.57 10.11 -49.19
C SER A 62 17.18 10.36 -49.76
N LEU A 63 16.16 9.72 -49.19
CA LEU A 63 14.78 9.87 -49.64
C LEU A 63 13.90 10.44 -48.53
N ARG A 64 14.43 11.43 -47.80
CA ARG A 64 13.69 12.01 -46.69
C ARG A 64 12.44 12.72 -47.17
N SER A 65 12.54 13.46 -48.28
CA SER A 65 11.48 14.37 -48.72
C SER A 65 10.62 13.81 -49.84
N ARG A 66 10.80 12.54 -50.20
CA ARG A 66 10.06 11.98 -51.32
C ARG A 66 9.28 10.71 -51.01
N ALA A 67 9.50 10.09 -49.85
CA ALA A 67 8.85 8.83 -49.51
C ALA A 67 8.11 8.96 -48.20
N THR A 68 6.92 8.36 -48.14
CA THR A 68 6.12 8.33 -46.93
C THR A 68 5.57 6.93 -46.70
N LEU A 69 5.20 6.67 -45.44
CA LEU A 69 4.86 5.33 -44.97
C LEU A 69 3.51 5.36 -44.25
N SER A 70 2.69 4.36 -44.52
CA SER A 70 1.37 4.27 -43.89
C SER A 70 1.12 2.86 -43.42
N ILE A 71 0.32 2.74 -42.37
CA ILE A 71 -0.07 1.45 -41.81
C ILE A 71 -1.53 1.50 -41.38
N ASP A 72 -2.10 0.32 -41.15
CA ASP A 72 -3.43 0.17 -40.59
C ASP A 72 -3.39 -0.98 -39.61
N THR A 73 -4.56 -1.43 -39.15
CA THR A 73 -4.64 -2.56 -38.24
C THR A 73 -5.72 -3.57 -38.61
N SER A 74 -6.73 -3.19 -39.38
CA SER A 74 -7.86 -4.08 -39.65
C SER A 74 -7.42 -5.33 -40.41
N LYS A 75 -6.59 -5.15 -41.42
CA LYS A 75 -6.15 -6.27 -42.25
C LYS A 75 -4.63 -6.40 -42.33
N LYS A 76 -3.89 -5.64 -41.51
CA LYS A 76 -2.46 -5.84 -41.28
C LYS A 76 -1.63 -5.67 -42.56
N GLN A 77 -1.61 -4.43 -43.06
CA GLN A 77 -0.67 -4.09 -44.12
C GLN A 77 0.07 -2.79 -43.79
N PHE A 78 1.03 -2.49 -44.67
CA PHE A 78 1.84 -1.28 -44.62
C PHE A 78 2.22 -0.89 -46.04
N SER A 79 2.57 0.38 -46.23
CA SER A 79 2.56 0.91 -47.59
C SER A 79 3.54 2.05 -47.78
N LEU A 80 4.29 1.97 -48.89
CA LEU A 80 5.06 3.09 -49.42
C LEU A 80 4.21 3.98 -50.32
N ARG A 81 4.49 5.28 -50.25
CA ARG A 81 4.04 6.25 -51.24
C ARG A 81 5.23 7.15 -51.55
N LEU A 82 5.76 7.04 -52.77
CA LEU A 82 6.97 7.75 -53.18
C LEU A 82 6.61 8.68 -54.34
N THR A 83 6.83 9.97 -54.16
CA THR A 83 6.47 10.96 -55.16
C THR A 83 7.61 11.22 -56.12
N SER A 84 7.26 11.41 -57.39
CA SER A 84 8.20 11.81 -58.44
C SER A 84 9.34 10.79 -58.59
N VAL A 85 8.97 9.58 -59.01
CA VAL A 85 9.96 8.55 -59.27
C VAL A 85 10.80 8.95 -60.48
N THR A 86 12.12 8.91 -60.32
CA THR A 86 13.05 9.30 -61.37
C THR A 86 13.63 8.06 -62.05
N ALA A 87 14.42 8.31 -63.09
CA ALA A 87 15.02 7.22 -63.86
C ALA A 87 16.15 6.54 -63.10
N ALA A 88 16.80 7.25 -62.18
CA ALA A 88 17.91 6.70 -61.43
C ALA A 88 17.50 6.08 -60.11
N ASP A 89 16.20 6.04 -59.80
CA ASP A 89 15.72 5.45 -58.56
C ASP A 89 15.04 4.11 -58.77
N MET A 90 15.13 3.54 -59.97
CA MET A 90 14.56 2.22 -60.20
C MET A 90 15.21 1.20 -59.29
N ALA A 91 14.39 0.45 -58.57
CA ALA A 91 14.90 -0.43 -57.54
C ALA A 91 13.87 -1.46 -57.10
N THR A 92 14.24 -2.73 -57.14
CA THR A 92 13.38 -3.76 -56.57
C THR A 92 13.24 -3.54 -55.06
N TYR A 93 12.01 -3.68 -54.57
CA TYR A 93 11.70 -3.39 -53.18
C TYR A 93 11.38 -4.66 -52.41
N TYR A 94 11.82 -4.70 -51.15
CA TYR A 94 11.65 -5.86 -50.29
C TYR A 94 11.08 -5.40 -48.95
N CYS A 95 10.09 -6.15 -48.46
CA CYS A 95 9.58 -5.99 -47.11
C CYS A 95 10.32 -6.92 -46.17
N ALA A 96 10.54 -6.47 -44.94
CA ALA A 96 11.19 -7.36 -43.99
C ALA A 96 10.74 -7.02 -42.58
N ARG A 97 10.87 -8.01 -41.70
CA ARG A 97 10.41 -7.91 -40.31
C ARG A 97 11.63 -7.89 -39.37
N TRP A 98 11.99 -6.70 -38.90
CA TRP A 98 13.02 -6.58 -37.89
C TRP A 98 12.49 -7.06 -36.55
N ARG A 99 13.27 -7.94 -35.91
CA ARG A 99 13.05 -8.35 -34.52
C ARG A 99 13.66 -7.32 -33.58
N LEU A 100 13.11 -7.22 -32.39
CA LEU A 100 13.59 -6.25 -31.42
C LEU A 100 13.69 -6.88 -30.03
N MET A 101 14.56 -6.30 -29.19
CA MET A 101 14.79 -6.79 -27.84
C MET A 101 14.94 -5.60 -26.92
N MET A 102 14.29 -5.67 -25.76
CA MET A 102 14.25 -4.55 -24.81
C MET A 102 15.22 -4.82 -23.67
N VAL A 103 16.40 -4.19 -23.72
CA VAL A 103 17.27 -4.07 -22.56
C VAL A 103 17.83 -2.65 -22.47
N ASP A 104 17.13 -1.78 -21.74
CA ASP A 104 17.49 -0.38 -21.59
C ASP A 104 17.63 0.34 -22.92
N GLU A 105 17.22 -0.29 -24.02
CA GLU A 105 17.51 0.17 -25.37
C GLU A 105 16.77 -0.74 -26.34
N VAL A 106 16.48 -0.27 -27.54
CA VAL A 106 15.84 -1.13 -28.56
C VAL A 106 16.97 -1.82 -29.32
N THR A 107 17.47 -2.90 -28.73
CA THR A 107 18.53 -3.64 -29.40
C THR A 107 17.94 -4.42 -30.57
N ARG A 108 18.54 -4.24 -31.74
CA ARG A 108 17.95 -4.68 -32.99
C ARG A 108 18.63 -5.93 -33.49
N HIS A 109 17.91 -7.06 -33.45
CA HIS A 109 18.43 -8.33 -33.91
C HIS A 109 18.34 -8.37 -35.44
N GLY A 110 18.51 -9.55 -36.01
CA GLY A 110 18.51 -9.67 -37.46
C GLY A 110 17.13 -9.59 -38.05
N MET A 111 17.09 -9.48 -39.38
CA MET A 111 15.85 -9.40 -40.14
C MET A 111 15.62 -10.76 -40.79
N ASP A 112 14.96 -11.65 -40.06
CA ASP A 112 14.81 -13.01 -40.55
C ASP A 112 13.73 -13.11 -41.61
N VAL A 113 12.56 -12.53 -41.35
CA VAL A 113 11.39 -12.76 -42.18
C VAL A 113 11.42 -11.77 -43.33
N TRP A 114 11.73 -12.26 -44.52
CA TRP A 114 11.86 -11.44 -45.72
C TRP A 114 10.79 -11.82 -46.72
N SER A 115 10.15 -10.81 -47.31
CA SER A 115 9.15 -11.06 -48.34
C SER A 115 9.84 -11.53 -49.63
N GLN A 116 9.06 -12.22 -50.47
CA GLN A 116 9.61 -12.78 -51.69
C GLN A 116 10.07 -11.68 -52.64
N GLY A 117 9.50 -10.49 -52.54
CA GLY A 117 9.95 -9.39 -53.38
C GLY A 117 9.18 -9.31 -54.68
N THR A 118 9.12 -8.09 -55.23
CA THR A 118 8.44 -7.83 -56.49
C THR A 118 9.30 -6.94 -57.36
N MET A 119 9.27 -7.18 -58.66
CA MET A 119 10.03 -6.37 -59.61
C MET A 119 9.26 -5.11 -59.96
N VAL A 120 9.98 -4.00 -60.07
CA VAL A 120 9.41 -2.70 -60.41
C VAL A 120 10.24 -2.11 -61.54
N THR A 121 9.56 -1.63 -62.57
CA THR A 121 10.21 -1.09 -63.76
C THR A 121 9.85 0.38 -63.94
N VAL A 122 10.60 1.03 -64.83
CA VAL A 122 10.44 2.45 -65.12
C VAL A 122 10.07 2.61 -66.58
N SER A 123 9.11 3.49 -66.86
CA SER A 123 8.62 3.73 -68.21
C SER A 123 9.25 4.97 -68.78
N SER A 124 9.71 4.88 -70.02
CA SER A 124 10.29 6.02 -70.73
C SER A 124 10.30 5.78 -72.23
N ASP B 1 25.87 8.63 -44.04
CA ASP B 1 26.92 9.20 -43.21
C ASP B 1 27.94 8.13 -42.82
N ILE B 2 27.59 6.88 -43.06
CA ILE B 2 28.43 5.74 -42.70
C ILE B 2 28.66 4.91 -43.97
N VAL B 3 29.91 4.54 -44.21
CA VAL B 3 30.29 3.80 -45.41
C VAL B 3 31.04 2.54 -45.00
N MET B 4 30.60 1.40 -45.51
CA MET B 4 31.31 0.14 -45.34
C MET B 4 32.32 -0.04 -46.45
N THR B 5 33.27 -0.95 -46.23
CA THR B 5 34.22 -1.33 -47.26
C THR B 5 34.55 -2.80 -47.10
N GLN B 6 34.10 -3.62 -48.06
CA GLN B 6 34.23 -5.06 -47.97
C GLN B 6 35.46 -5.53 -48.73
N SER B 7 36.02 -6.66 -48.27
CA SER B 7 37.19 -7.22 -48.89
C SER B 7 37.21 -8.72 -48.67
N PRO B 8 37.44 -9.51 -49.73
CA PRO B 8 37.49 -8.98 -51.10
C PRO B 8 36.10 -8.90 -51.73
N LEU B 9 35.98 -8.20 -52.85
CA LEU B 9 34.71 -8.18 -53.56
C LEU B 9 34.34 -9.57 -54.05
N SER B 10 35.32 -10.31 -54.56
CA SER B 10 35.07 -11.68 -55.02
C SER B 10 36.33 -12.51 -54.83
N LEU B 11 36.16 -13.71 -54.27
CA LEU B 11 37.23 -14.67 -54.13
C LEU B 11 36.74 -16.02 -54.62
N SER B 12 37.64 -16.80 -55.20
CA SER B 12 37.31 -18.13 -55.72
C SER B 12 38.03 -19.16 -54.87
N VAL B 13 37.25 -19.95 -54.12
CA VAL B 13 37.78 -20.89 -53.14
C VAL B 13 37.42 -22.31 -53.57
N ALA B 14 38.33 -23.25 -53.32
CA ALA B 14 38.05 -24.64 -53.58
C ALA B 14 36.91 -25.12 -52.68
N PRO B 15 36.08 -26.04 -53.17
CA PRO B 15 34.90 -26.45 -52.39
C PRO B 15 35.29 -27.08 -51.06
N GLY B 16 34.46 -26.84 -50.05
CA GLY B 16 34.65 -27.43 -48.74
C GLY B 16 35.74 -26.80 -47.90
N GLU B 17 36.32 -25.68 -48.34
CA GLU B 17 37.42 -25.07 -47.62
C GLU B 17 36.91 -23.90 -46.78
N ALA B 18 37.84 -23.16 -46.19
CA ALA B 18 37.53 -22.04 -45.30
C ALA B 18 37.88 -20.73 -45.98
N ALA B 19 36.97 -19.75 -45.85
CA ALA B 19 37.17 -18.43 -46.42
C ALA B 19 36.81 -17.37 -45.39
N SER B 20 37.42 -16.20 -45.53
CA SER B 20 37.24 -15.11 -44.59
C SER B 20 36.93 -13.83 -45.34
N ILE B 21 35.93 -13.09 -44.86
CA ILE B 21 35.54 -11.80 -45.41
C ILE B 21 35.75 -10.75 -44.34
N SER B 22 36.17 -9.55 -44.73
CA SER B 22 36.40 -8.50 -43.76
C SER B 22 35.89 -7.17 -44.30
N CYS B 23 35.06 -6.49 -43.53
CA CYS B 23 34.61 -5.16 -43.93
C CYS B 23 34.91 -4.14 -42.84
N ARG B 24 35.27 -2.95 -43.30
CA ARG B 24 35.67 -1.82 -42.48
C ARG B 24 34.52 -0.82 -42.40
N SER B 25 34.47 -0.10 -41.30
CA SER B 25 33.52 0.96 -41.07
C SER B 25 34.25 2.31 -41.04
N THR B 26 33.50 3.37 -40.75
CA THR B 26 34.09 4.68 -40.51
C THR B 26 34.04 5.11 -39.06
N GLN B 27 33.28 4.42 -38.22
CA GLN B 27 33.17 4.72 -36.81
C GLN B 27 33.26 3.43 -36.00
N SER B 28 33.48 3.58 -34.70
CA SER B 28 33.55 2.41 -33.83
C SER B 28 32.17 1.83 -33.62
N LEU B 29 32.03 0.54 -33.90
CA LEU B 29 30.75 -0.15 -33.76
C LEU B 29 30.66 -0.88 -32.42
N LEU B 30 30.81 -0.12 -31.34
CA LEU B 30 30.80 -0.67 -29.99
C LEU B 30 29.65 -0.09 -29.19
N ASN B 31 28.88 -0.98 -28.57
CA ASN B 31 27.86 -0.59 -27.61
C ASN B 31 28.51 -0.27 -26.26
N ARG B 32 27.74 0.39 -25.40
CA ARG B 32 28.24 0.70 -24.06
C ARG B 32 28.59 -0.58 -23.31
N ASN B 33 27.72 -1.58 -23.37
CA ASN B 33 27.96 -2.86 -22.74
C ASN B 33 27.78 -4.05 -23.66
N GLY B 34 27.27 -3.85 -24.88
CA GLY B 34 27.01 -4.94 -25.79
C GLY B 34 28.24 -5.38 -26.55
N ASP B 35 27.98 -6.14 -27.61
CA ASP B 35 29.05 -6.68 -28.44
C ASP B 35 29.37 -5.75 -29.61
N ASN B 36 28.37 -5.48 -30.45
CA ASN B 36 28.56 -4.66 -31.65
C ASN B 36 27.18 -4.33 -32.20
N TYR B 37 27.15 -3.68 -33.36
CA TYR B 37 25.90 -3.26 -34.01
C TYR B 37 25.90 -3.65 -35.48
N LEU B 38 26.46 -4.81 -35.82
CA LEU B 38 26.67 -5.19 -37.21
C LEU B 38 25.89 -6.45 -37.54
N GLU B 39 25.58 -6.61 -38.82
CA GLU B 39 24.73 -7.67 -39.31
C GLU B 39 25.40 -8.37 -40.48
N TRP B 40 25.14 -9.67 -40.64
CA TRP B 40 25.65 -10.42 -41.78
C TRP B 40 24.52 -11.17 -42.46
N TYR B 41 24.43 -11.04 -43.79
CA TYR B 41 23.35 -11.59 -44.60
C TYR B 41 23.88 -12.37 -45.80
N LEU B 42 23.16 -13.43 -46.18
CA LEU B 42 23.32 -14.10 -47.46
C LEU B 42 22.41 -13.51 -48.53
N ARG B 43 22.73 -13.85 -49.77
CA ARG B 43 21.82 -13.68 -50.90
C ARG B 43 22.15 -14.76 -51.92
N ARG B 44 21.19 -15.63 -52.19
CA ARG B 44 21.30 -16.52 -53.32
C ARG B 44 20.92 -15.77 -54.60
N PRO B 45 21.44 -16.20 -55.75
CA PRO B 45 21.16 -15.47 -56.99
C PRO B 45 19.68 -15.49 -57.32
N GLY B 46 19.07 -14.31 -57.33
CA GLY B 46 17.67 -14.18 -57.69
C GLY B 46 16.67 -14.58 -56.63
N ARG B 47 17.09 -14.66 -55.36
CA ARG B 47 16.20 -15.04 -54.28
C ARG B 47 16.30 -14.03 -53.15
N SER B 48 15.32 -14.07 -52.26
CA SER B 48 15.29 -13.13 -51.15
C SER B 48 16.40 -13.45 -50.15
N PRO B 49 17.03 -12.43 -49.57
CA PRO B 49 18.09 -12.67 -48.58
C PRO B 49 17.54 -13.18 -47.27
N GLN B 50 18.45 -13.69 -46.45
CA GLN B 50 18.12 -14.24 -45.14
C GLN B 50 19.16 -13.81 -44.12
N LEU B 51 18.80 -13.92 -42.85
CA LEU B 51 19.74 -13.59 -41.77
C LEU B 51 20.84 -14.64 -41.66
N LEU B 52 22.05 -14.17 -41.37
CA LEU B 52 23.14 -15.05 -40.99
C LEU B 52 23.61 -14.78 -39.56
N ILE B 53 24.08 -13.56 -39.31
CA ILE B 53 24.73 -13.25 -38.05
C ILE B 53 24.14 -11.97 -37.51
N TYR B 54 23.61 -12.03 -36.29
CA TYR B 54 23.06 -10.88 -35.60
C TYR B 54 23.80 -10.65 -34.30
N LEU B 55 24.12 -9.39 -34.02
CA LEU B 55 25.00 -9.01 -32.92
C LEU B 55 26.38 -9.62 -33.07
N GLY B 56 26.79 -9.90 -34.31
CA GLY B 56 28.17 -10.24 -34.60
C GLY B 56 28.64 -11.60 -34.18
N SER B 57 27.91 -12.28 -33.31
CA SER B 57 28.37 -13.54 -32.73
C SER B 57 27.49 -14.73 -33.07
N GLU B 58 26.17 -14.62 -32.86
CA GLU B 58 25.30 -15.78 -32.96
C GLU B 58 24.69 -15.91 -34.36
N ARG B 59 24.04 -17.05 -34.59
CA ARG B 59 23.41 -17.37 -35.86
C ARG B 59 21.95 -17.71 -35.64
N ALA B 60 21.13 -17.47 -36.67
CA ALA B 60 19.68 -17.57 -36.54
C ALA B 60 19.23 -19.02 -36.66
N LEU B 61 17.91 -19.22 -36.65
CA LEU B 61 17.34 -20.54 -36.84
C LEU B 61 17.72 -21.09 -38.20
N GLY B 62 17.95 -22.40 -38.26
CA GLY B 62 18.26 -23.06 -39.52
C GLY B 62 19.59 -22.70 -40.12
N VAL B 63 20.44 -21.97 -39.39
CA VAL B 63 21.76 -21.57 -39.89
C VAL B 63 22.76 -22.66 -39.49
N PRO B 64 23.42 -23.32 -40.44
CA PRO B 64 24.41 -24.33 -40.08
C PRO B 64 25.57 -23.70 -39.31
N ASP B 65 26.17 -24.50 -38.43
CA ASP B 65 27.25 -24.00 -37.59
C ASP B 65 28.55 -23.99 -38.40
N ARG B 66 28.54 -23.27 -39.52
CA ARG B 66 29.72 -23.03 -40.31
C ARG B 66 29.98 -21.54 -40.47
N PHE B 67 29.07 -20.71 -40.01
CA PHE B 67 29.15 -19.26 -40.12
C PHE B 67 29.57 -18.70 -38.78
N SER B 68 30.66 -17.93 -38.75
CA SER B 68 31.09 -17.32 -37.50
C SER B 68 31.80 -16.00 -37.82
N GLY B 69 32.38 -15.39 -36.81
CA GLY B 69 33.12 -14.16 -37.04
C GLY B 69 33.00 -13.22 -35.86
N SER B 70 33.72 -12.12 -35.96
CA SER B 70 33.79 -11.15 -34.87
C SER B 70 34.53 -9.91 -35.36
N GLY B 71 34.78 -8.98 -34.45
CA GLY B 71 35.49 -7.77 -34.77
C GLY B 71 35.24 -6.71 -33.72
N SER B 72 35.69 -5.50 -34.04
CA SER B 72 35.52 -4.37 -33.14
C SER B 72 35.89 -3.10 -33.89
N GLY B 73 35.72 -1.97 -33.20
CA GLY B 73 36.13 -0.68 -33.72
C GLY B 73 35.67 -0.38 -35.13
N ARG B 74 36.62 -0.31 -36.07
CA ARG B 74 36.33 -0.06 -37.47
C ARG B 74 36.77 -1.23 -38.35
N ASP B 75 36.71 -2.45 -37.83
CA ASP B 75 36.99 -3.64 -38.64
C ASP B 75 36.24 -4.83 -38.07
N PHE B 76 35.47 -5.51 -38.93
CA PHE B 76 34.76 -6.71 -38.56
C PHE B 76 34.95 -7.75 -39.66
N THR B 77 34.79 -9.03 -39.29
CA THR B 77 35.03 -10.09 -40.24
C THR B 77 34.10 -11.27 -40.00
N LEU B 78 33.81 -11.96 -41.09
CA LEU B 78 33.00 -13.17 -41.15
C LEU B 78 33.88 -14.32 -41.62
N LYS B 79 33.52 -15.54 -41.23
CA LYS B 79 34.30 -16.72 -41.55
C LYS B 79 33.40 -17.90 -41.87
N ILE B 80 33.79 -18.64 -42.91
CA ILE B 80 33.25 -19.94 -43.26
C ILE B 80 34.36 -20.98 -43.09
N SER B 81 34.06 -22.05 -42.36
CA SER B 81 35.00 -23.16 -42.25
C SER B 81 34.81 -24.16 -43.39
N ARG B 82 33.55 -24.53 -43.65
CA ARG B 82 33.22 -25.46 -44.73
C ARG B 82 32.18 -24.83 -45.64
N VAL B 83 32.46 -24.82 -46.93
CA VAL B 83 31.57 -24.22 -47.92
C VAL B 83 31.01 -25.33 -48.80
N GLU B 84 29.78 -25.13 -49.25
CA GLU B 84 29.09 -26.09 -50.11
C GLU B 84 28.74 -25.44 -51.44
N ALA B 85 28.45 -26.28 -52.42
CA ALA B 85 27.99 -25.78 -53.72
C ALA B 85 26.64 -25.08 -53.60
N GLN B 86 25.88 -25.36 -52.55
CA GLN B 86 24.61 -24.67 -52.33
C GLN B 86 24.83 -23.21 -51.94
N ASP B 87 25.91 -22.92 -51.23
CA ASP B 87 26.10 -21.59 -50.65
C ASP B 87 26.77 -20.61 -51.61
N VAL B 88 27.08 -21.02 -52.84
CA VAL B 88 27.62 -20.08 -53.82
C VAL B 88 26.64 -18.92 -53.98
N GLY B 89 27.16 -17.70 -53.91
CA GLY B 89 26.25 -16.57 -53.92
C GLY B 89 26.87 -15.28 -53.46
N THR B 90 26.19 -14.53 -52.60
CA THR B 90 26.72 -13.27 -52.11
C THR B 90 26.52 -13.15 -50.61
N TYR B 91 27.45 -12.43 -49.96
CA TYR B 91 27.36 -12.05 -48.56
C TYR B 91 27.49 -10.54 -48.44
N TYR B 92 26.66 -9.96 -47.56
CA TYR B 92 26.68 -8.55 -47.26
C TYR B 92 26.80 -8.34 -45.76
N CYS B 93 27.45 -7.24 -45.37
CA CYS B 93 27.54 -6.83 -43.98
C CYS B 93 26.88 -5.46 -43.83
N LEU B 94 26.13 -5.30 -42.75
CA LEU B 94 25.26 -4.15 -42.57
C LEU B 94 25.54 -3.47 -41.23
N GLN B 95 25.31 -2.16 -41.18
CA GLN B 95 25.63 -1.30 -40.05
C GLN B 95 24.35 -0.76 -39.43
N THR B 96 24.34 -0.59 -38.10
CA THR B 96 23.13 -0.14 -37.42
C THR B 96 23.37 0.88 -36.31
N ARG B 97 24.61 1.34 -36.08
CA ARG B 97 24.84 2.16 -34.90
C ARG B 97 24.14 3.50 -35.00
N GLN B 98 24.30 4.20 -36.13
CA GLN B 98 23.67 5.49 -36.32
C GLN B 98 22.42 5.34 -37.18
N GLY B 99 21.69 6.45 -37.33
CA GLY B 99 20.42 6.40 -38.02
C GLY B 99 20.54 5.98 -39.47
N ALA B 100 21.56 6.50 -40.16
CA ALA B 100 21.75 6.20 -41.58
C ALA B 100 22.34 4.80 -41.72
N PHE B 101 21.46 3.81 -41.70
CA PHE B 101 21.88 2.43 -41.96
C PHE B 101 22.36 2.31 -43.40
N THR B 102 23.38 1.48 -43.63
CA THR B 102 23.91 1.33 -44.97
C THR B 102 24.61 -0.01 -45.10
N PHE B 103 24.40 -0.66 -46.24
CA PHE B 103 25.03 -1.94 -46.55
C PHE B 103 26.46 -1.71 -47.01
N GLY B 104 27.08 -2.76 -47.54
CA GLY B 104 28.42 -2.67 -48.08
C GLY B 104 28.43 -2.70 -49.59
N GLN B 105 29.50 -3.22 -50.18
CA GLN B 105 29.65 -3.29 -51.62
C GLN B 105 29.49 -4.69 -52.18
N GLY B 106 29.02 -5.63 -51.36
CA GLY B 106 28.76 -6.98 -51.86
C GLY B 106 29.99 -7.85 -51.93
N THR B 107 29.87 -9.10 -51.49
CA THR B 107 30.98 -10.04 -51.53
C THR B 107 30.52 -11.31 -52.23
N LYS B 108 31.02 -11.54 -53.44
CA LYS B 108 30.57 -12.67 -54.25
C LYS B 108 31.47 -13.88 -53.99
N LEU B 109 30.85 -15.00 -53.61
CA LEU B 109 31.57 -16.24 -53.34
C LEU B 109 31.24 -17.25 -54.43
N GLU B 110 32.31 -17.74 -55.08
CA GLU B 110 32.26 -18.61 -56.24
C GLU B 110 33.29 -19.72 -56.05
N ILE B 111 32.92 -20.95 -56.41
CA ILE B 111 33.75 -22.13 -56.18
C ILE B 111 34.62 -22.40 -57.40
N LYS B 112 35.90 -22.69 -57.16
CA LYS B 112 36.84 -23.09 -58.21
C LYS B 112 36.24 -24.05 -59.22
N GLN C 1 -6.28 43.61 -1.90
CA GLN C 1 -5.98 44.81 -1.13
C GLN C 1 -5.70 44.48 0.33
N VAL C 2 -4.43 44.49 0.70
CA VAL C 2 -4.01 44.22 2.08
C VAL C 2 -3.33 45.46 2.61
N GLN C 3 -3.46 45.68 3.93
CA GLN C 3 -2.97 46.90 4.53
C GLN C 3 -2.25 46.59 5.83
N LEU C 4 -1.37 47.51 6.22
CA LEU C 4 -0.60 47.40 7.45
C LEU C 4 -0.78 48.68 8.28
N GLN C 5 -0.67 48.54 9.59
CA GLN C 5 -0.79 49.67 10.50
C GLN C 5 0.19 49.49 11.65
N GLN C 6 0.54 50.61 12.28
CA GLN C 6 1.50 50.60 13.38
C GLN C 6 0.99 51.44 14.53
N TRP C 7 1.19 50.95 15.75
CA TRP C 7 0.98 51.70 16.98
C TRP C 7 2.35 51.94 17.60
N GLY C 8 2.66 53.21 17.85
CA GLY C 8 4.00 53.60 18.21
C GLY C 8 4.04 54.55 19.41
N THR C 9 5.25 54.94 19.75
CA THR C 9 5.53 55.81 20.87
C THR C 9 6.14 57.13 20.36
N GLY C 10 5.89 58.20 21.11
CA GLY C 10 6.34 59.51 20.70
C GLY C 10 7.78 59.78 21.05
N LEU C 11 8.05 60.94 21.64
CA LEU C 11 9.41 61.29 22.03
C LEU C 11 9.87 60.42 23.19
N LEU C 12 11.11 59.96 23.12
CA LEU C 12 11.70 59.11 24.16
C LEU C 12 13.00 59.73 24.67
N LYS C 13 13.19 59.64 25.98
CA LYS C 13 14.46 59.99 26.58
C LYS C 13 15.53 58.98 26.14
N PRO C 14 16.78 59.40 26.03
CA PRO C 14 17.84 58.44 25.71
C PRO C 14 18.03 57.41 26.82
N SER C 15 18.39 56.20 26.41
CA SER C 15 18.81 55.06 27.25
C SER C 15 17.67 54.28 27.89
N GLU C 16 16.41 54.55 27.56
CA GLU C 16 15.31 53.72 28.04
C GLU C 16 14.92 52.70 26.97
N THR C 17 13.80 52.01 27.20
CA THR C 17 13.32 50.94 26.33
C THR C 17 12.01 51.37 25.68
N LEU C 18 11.91 51.16 24.37
CA LEU C 18 10.70 51.50 23.63
C LEU C 18 10.26 50.32 22.78
N SER C 19 8.95 50.19 22.60
CA SER C 19 8.36 49.10 21.85
C SER C 19 7.44 49.64 20.76
N LEU C 20 7.40 48.95 19.64
CA LEU C 20 6.58 49.30 18.49
C LEU C 20 5.71 48.12 18.13
N THR C 21 4.39 48.32 18.07
CA THR C 21 3.46 47.28 17.69
C THR C 21 3.02 47.53 16.25
N CYS C 22 2.78 46.45 15.51
CA CYS C 22 2.43 46.58 14.10
C CYS C 22 1.46 45.46 13.74
N ALA C 23 0.29 45.83 13.24
CA ALA C 23 -0.77 44.89 12.93
C ALA C 23 -1.05 44.88 11.44
N VAL C 24 -1.64 43.78 10.98
CA VAL C 24 -1.94 43.56 9.56
C VAL C 24 -3.44 43.37 9.41
N TYR C 25 -4.00 43.94 8.34
CA TYR C 25 -5.41 43.80 8.04
C TYR C 25 -5.55 43.33 6.61
N GLY C 26 -6.36 42.28 6.40
CA GLY C 26 -6.69 41.83 5.07
C GLY C 26 -6.26 40.42 4.73
N VAL C 27 -5.04 40.04 5.11
CA VAL C 27 -4.52 38.72 4.77
C VAL C 27 -3.87 38.12 6.01
N SER C 28 -4.07 36.82 6.19
CA SER C 28 -3.44 36.13 7.31
C SER C 28 -1.92 36.15 7.15
N LEU C 29 -1.23 35.85 8.25
CA LEU C 29 0.22 35.92 8.32
C LEU C 29 0.89 34.56 8.26
N ARG C 30 0.19 33.54 7.76
CA ARG C 30 0.73 32.18 7.81
C ARG C 30 1.85 31.98 6.79
N GLY C 31 1.72 32.58 5.60
CA GLY C 31 2.60 32.23 4.49
C GLY C 31 3.48 33.33 3.97
N TYR C 32 4.09 34.12 4.85
CA TYR C 32 5.00 35.16 4.44
C TYR C 32 6.12 35.28 5.48
N TYR C 33 7.01 36.22 5.26
CA TYR C 33 7.92 36.69 6.30
C TYR C 33 7.57 38.13 6.62
N TRP C 34 7.65 38.49 7.90
CA TRP C 34 7.40 39.85 8.32
C TRP C 34 8.71 40.45 8.82
N THR C 35 9.04 41.64 8.30
CA THR C 35 10.31 42.26 8.62
C THR C 35 10.11 43.72 8.99
N TRP C 36 11.05 44.23 9.78
CA TRP C 36 11.11 45.63 10.13
C TRP C 36 12.45 46.20 9.68
N ILE C 37 12.38 47.37 9.04
CA ILE C 37 13.54 48.10 8.54
C ILE C 37 13.45 49.52 9.06
N ARG C 38 14.56 50.25 8.98
CA ARG C 38 14.61 51.62 9.45
C ARG C 38 15.39 52.51 8.49
N GLN C 39 15.00 53.78 8.47
CA GLN C 39 15.56 54.78 7.58
C GLN C 39 15.93 56.02 8.38
N SER C 40 16.98 56.69 7.96
CA SER C 40 17.52 57.84 8.68
C SER C 40 18.30 58.70 7.69
N PRO C 41 18.47 59.99 8.01
CA PRO C 41 19.21 60.87 7.08
C PRO C 41 20.64 60.46 6.82
N LYS C 42 21.32 59.86 7.79
CA LYS C 42 22.75 59.62 7.68
C LYS C 42 23.10 58.17 7.38
N LYS C 43 22.11 57.32 7.13
CA LYS C 43 22.37 55.88 7.02
C LYS C 43 21.71 55.20 5.83
N GLY C 44 20.71 55.81 5.20
CA GLY C 44 20.02 55.17 4.10
C GLY C 44 19.01 54.14 4.59
N LEU C 45 19.23 52.88 4.24
CA LEU C 45 18.33 51.80 4.67
C LEU C 45 19.17 50.65 5.20
N GLU C 46 18.83 50.17 6.39
CA GLU C 46 19.54 49.06 7.01
C GLU C 46 18.54 48.09 7.62
N TRP C 47 18.72 46.81 7.33
CA TRP C 47 17.79 45.79 7.79
C TRP C 47 17.90 45.59 9.29
N ILE C 48 16.78 45.29 9.93
CA ILE C 48 16.73 45.08 11.38
C ILE C 48 16.23 43.69 11.72
N GLY C 49 14.97 43.41 11.44
CA GLY C 49 14.36 42.22 12.01
C GLY C 49 13.53 41.45 11.02
N GLU C 50 13.50 40.13 11.20
CA GLU C 50 12.72 39.21 10.36
C GLU C 50 12.13 38.11 11.21
N ILE C 51 10.90 37.71 10.90
CA ILE C 51 10.23 36.64 11.62
C ILE C 51 9.28 35.90 10.70
N ASP C 52 9.11 34.60 10.96
CA ASP C 52 8.09 33.78 10.35
C ASP C 52 6.83 33.83 11.22
N GLU C 53 5.89 32.92 10.99
CA GLU C 53 4.65 32.93 11.76
C GLU C 53 4.66 31.96 12.94
N ILE C 54 5.44 30.88 12.89
CA ILE C 54 5.53 30.00 14.05
C ILE C 54 6.34 30.67 15.15
N GLY C 55 7.37 31.44 14.78
CA GLY C 55 8.20 32.09 15.76
C GLY C 55 9.68 32.10 15.46
N ARG C 56 10.08 31.58 14.31
CA ARG C 56 11.48 31.67 13.90
C ARG C 56 11.88 33.13 13.71
N THR C 57 12.99 33.51 14.31
CA THR C 57 13.43 34.90 14.30
C THR C 57 14.80 35.01 13.64
N LYS C 58 15.10 36.21 13.15
CA LYS C 58 16.40 36.48 12.56
C LYS C 58 16.70 37.97 12.69
N TYR C 59 17.94 38.28 13.06
CA TYR C 59 18.35 39.64 13.37
C TYR C 59 19.65 39.96 12.65
N SER C 60 19.91 41.26 12.50
CA SER C 60 21.16 41.69 11.90
C SER C 60 22.32 41.50 12.87
N GLN C 61 23.53 41.51 12.33
CA GLN C 61 24.72 41.33 13.15
C GLN C 61 25.05 42.57 13.97
N SER C 62 24.57 43.75 13.58
CA SER C 62 24.85 44.95 14.36
C SER C 62 24.05 44.96 15.66
N LEU C 63 22.73 44.99 15.56
CA LEU C 63 21.87 44.91 16.73
C LEU C 63 21.43 43.47 16.98
N ARG C 64 22.43 42.61 17.20
CA ARG C 64 22.16 41.18 17.35
C ARG C 64 21.29 40.89 18.57
N SER C 65 21.57 41.56 19.69
CA SER C 65 20.86 41.28 20.93
C SER C 65 20.23 42.50 21.57
N ARG C 66 20.54 43.71 21.12
CA ARG C 66 19.97 44.91 21.73
C ARG C 66 18.48 45.06 21.43
N ALA C 67 17.94 44.30 20.48
CA ALA C 67 16.53 44.38 20.13
C ALA C 67 15.94 42.99 20.05
N THR C 68 14.64 42.90 20.34
CA THR C 68 13.91 41.64 20.28
C THR C 68 12.60 41.85 19.53
N LEU C 69 12.08 40.76 18.96
CA LEU C 69 10.88 40.81 18.17
C LEU C 69 9.95 39.67 18.58
N SER C 70 8.65 39.93 18.60
CA SER C 70 7.67 38.93 18.98
C SER C 70 6.47 39.01 18.06
N ILE C 71 5.69 37.92 18.02
CA ILE C 71 4.50 37.81 17.19
C ILE C 71 3.37 37.19 18.00
N ASP C 72 2.14 37.44 17.55
CA ASP C 72 0.99 36.73 18.09
C ASP C 72 -0.11 36.66 17.03
N THR C 73 -0.67 35.46 16.87
CA THR C 73 -1.66 35.18 15.84
C THR C 73 -3.09 35.31 16.35
N SER C 74 -3.29 35.53 17.65
CA SER C 74 -4.64 35.65 18.18
C SER C 74 -5.37 36.84 17.56
N LYS C 75 -4.68 37.98 17.45
CA LYS C 75 -5.20 39.13 16.73
C LYS C 75 -4.27 39.56 15.60
N LYS C 76 -3.31 38.71 15.23
CA LYS C 76 -2.48 38.87 14.03
C LYS C 76 -1.69 40.18 14.04
N GLN C 77 -0.75 40.27 14.98
CA GLN C 77 0.20 41.38 14.94
C GLN C 77 1.57 40.91 15.40
N PHE C 78 2.54 41.82 15.33
CA PHE C 78 3.89 41.59 15.82
C PHE C 78 4.41 42.87 16.45
N SER C 79 5.61 42.80 17.01
CA SER C 79 6.14 43.93 17.76
C SER C 79 7.64 43.82 17.91
N LEU C 80 8.29 44.98 18.01
CA LEU C 80 9.69 45.10 18.38
C LEU C 80 9.82 45.76 19.74
N ARG C 81 10.92 45.43 20.42
CA ARG C 81 11.32 46.06 21.66
C ARG C 81 12.81 46.34 21.60
N LEU C 82 13.18 47.61 21.80
CA LEU C 82 14.56 48.05 21.74
C LEU C 82 14.92 48.75 23.05
N THR C 83 15.98 48.27 23.69
CA THR C 83 16.41 48.79 24.98
C THR C 83 17.60 49.73 24.80
N SER C 84 17.65 50.76 25.64
CA SER C 84 18.76 51.72 25.68
C SER C 84 18.96 52.39 24.32
N VAL C 85 17.93 53.14 23.91
CA VAL C 85 18.03 53.91 22.67
C VAL C 85 18.93 55.12 22.90
N THR C 86 19.77 55.42 21.92
CA THR C 86 20.77 56.48 22.02
C THR C 86 20.54 57.50 20.90
N ALA C 87 21.38 58.53 20.90
CA ALA C 87 21.27 59.57 19.89
C ALA C 87 21.64 59.07 18.50
N ALA C 88 22.60 58.16 18.41
CA ALA C 88 23.01 57.63 17.12
C ALA C 88 21.97 56.70 16.50
N ASP C 89 20.93 56.33 17.25
CA ASP C 89 19.90 55.42 16.75
C ASP C 89 18.66 56.16 16.24
N MET C 90 18.84 57.37 15.71
CA MET C 90 17.76 58.04 15.00
C MET C 90 17.25 57.11 13.91
N ALA C 91 16.01 56.65 14.04
CA ALA C 91 15.52 55.61 13.15
C ALA C 91 14.02 55.74 12.97
N THR C 92 13.59 55.92 11.72
CA THR C 92 12.17 55.85 11.38
C THR C 92 11.89 54.43 10.90
N TYR C 93 10.87 53.80 11.48
CA TYR C 93 10.66 52.36 11.34
C TYR C 93 9.56 52.06 10.33
N TYR C 94 9.73 50.95 9.61
CA TYR C 94 8.79 50.48 8.61
C TYR C 94 8.56 48.99 8.77
N CYS C 95 7.29 48.59 8.71
CA CYS C 95 6.90 47.19 8.61
C CYS C 95 6.73 46.81 7.15
N ALA C 96 7.09 45.58 6.81
CA ALA C 96 6.84 45.09 5.47
C ALA C 96 6.82 43.57 5.49
N ARG C 97 6.33 43.00 4.39
CA ARG C 97 6.23 41.54 4.28
C ARG C 97 6.97 41.05 3.04
N TRP C 98 7.90 40.13 3.26
CA TRP C 98 8.54 39.40 2.18
C TRP C 98 7.67 38.23 1.75
N ARG C 99 7.56 38.05 0.44
CA ARG C 99 6.91 36.90 -0.16
C ARG C 99 7.93 35.80 -0.37
N LEU C 100 7.47 34.56 -0.41
CA LEU C 100 8.36 33.41 -0.46
C LEU C 100 7.94 32.44 -1.55
N MET C 101 8.92 31.71 -2.07
CA MET C 101 8.69 30.58 -2.94
C MET C 101 9.54 29.41 -2.46
N MET C 102 8.99 28.20 -2.52
CA MET C 102 9.70 27.00 -2.08
C MET C 102 9.98 26.15 -3.32
N VAL C 103 11.25 26.12 -3.75
CA VAL C 103 11.66 25.27 -4.87
C VAL C 103 12.82 24.39 -4.44
N ASP C 104 13.86 24.98 -3.89
CA ASP C 104 14.92 24.25 -3.22
C ASP C 104 15.21 24.80 -1.84
N GLU C 105 15.14 26.13 -1.70
CA GLU C 105 15.20 26.79 -0.40
C GLU C 105 14.05 27.80 -0.35
N VAL C 106 14.05 28.66 0.66
CA VAL C 106 12.99 29.69 0.78
C VAL C 106 13.47 30.89 -0.04
N THR C 107 13.24 30.82 -1.34
CA THR C 107 13.73 31.86 -2.21
C THR C 107 12.83 33.09 -2.13
N ARG C 108 13.45 34.26 -2.16
CA ARG C 108 12.79 35.51 -1.83
C ARG C 108 12.35 36.26 -3.07
N HIS C 109 11.17 36.87 -2.98
CA HIS C 109 10.69 37.83 -3.96
C HIS C 109 10.70 39.20 -3.30
N GLY C 110 10.17 40.19 -3.99
CA GLY C 110 10.19 41.54 -3.48
C GLY C 110 9.23 41.74 -2.33
N MET C 111 9.37 42.89 -1.67
CA MET C 111 8.53 43.27 -0.53
C MET C 111 7.45 44.21 -1.06
N ASP C 112 6.26 43.66 -1.30
CA ASP C 112 5.26 44.37 -2.08
C ASP C 112 4.61 45.51 -1.28
N VAL C 113 4.01 45.20 -0.15
CA VAL C 113 3.21 46.17 0.59
C VAL C 113 4.02 46.72 1.75
N TRP C 114 3.97 48.04 1.93
CA TRP C 114 4.76 48.72 2.95
C TRP C 114 3.85 49.53 3.86
N SER C 115 4.12 49.48 5.16
CA SER C 115 3.32 50.22 6.12
C SER C 115 3.64 51.70 6.04
N GLN C 116 2.76 52.52 6.64
CA GLN C 116 2.89 53.96 6.54
C GLN C 116 4.17 54.45 7.21
N GLY C 117 4.49 53.93 8.38
CA GLY C 117 5.68 54.34 9.06
C GLY C 117 5.41 55.33 10.17
N THR C 118 6.20 55.24 11.24
CA THR C 118 6.08 56.12 12.39
C THR C 118 7.35 56.93 12.55
N MET C 119 7.20 58.24 12.75
CA MET C 119 8.34 59.14 12.92
C MET C 119 8.85 59.11 14.37
N VAL C 120 9.28 57.92 14.78
CA VAL C 120 9.83 57.74 16.11
C VAL C 120 11.04 58.66 16.28
N THR C 121 10.93 59.60 17.20
CA THR C 121 11.98 60.60 17.43
C THR C 121 12.46 60.50 18.87
N VAL C 122 13.79 60.55 19.05
CA VAL C 122 14.42 60.43 20.35
C VAL C 122 15.14 61.74 20.64
N SER C 123 14.83 62.33 21.80
CA SER C 123 15.40 63.61 22.19
C SER C 123 15.43 63.70 23.70
N SER C 124 16.22 64.65 24.20
CA SER C 124 16.35 64.87 25.64
C SER C 124 15.54 66.08 26.08
N ASP D 1 30.98 42.90 6.08
CA ASP D 1 30.31 41.78 5.44
C ASP D 1 29.99 42.06 3.98
N ILE D 2 28.82 42.65 3.73
CA ILE D 2 28.34 42.95 2.39
C ILE D 2 28.11 44.45 2.31
N VAL D 3 28.68 45.07 1.28
CA VAL D 3 28.56 46.52 1.08
C VAL D 3 28.23 46.77 -0.38
N MET D 4 27.16 47.52 -0.62
CA MET D 4 26.81 47.96 -1.96
C MET D 4 27.54 49.25 -2.29
N THR D 5 27.62 49.56 -3.59
CA THR D 5 28.16 50.84 -4.02
C THR D 5 27.59 51.13 -5.41
N GLN D 6 26.83 52.21 -5.54
CA GLN D 6 26.13 52.48 -6.78
C GLN D 6 26.46 53.87 -7.29
N SER D 7 26.32 54.03 -8.60
CA SER D 7 26.58 55.26 -9.30
C SER D 7 25.51 55.46 -10.37
N PRO D 8 25.18 56.72 -10.69
CA PRO D 8 25.63 57.89 -9.93
C PRO D 8 24.73 58.18 -8.73
N LEU D 9 25.21 58.94 -7.76
CA LEU D 9 24.36 59.35 -6.65
C LEU D 9 23.22 60.23 -7.14
N SER D 10 23.53 61.18 -8.02
CA SER D 10 22.51 62.05 -8.59
C SER D 10 22.90 62.38 -10.02
N LEU D 11 21.91 62.44 -10.90
CA LEU D 11 22.13 62.76 -12.30
C LEU D 11 21.05 63.72 -12.77
N SER D 12 21.39 64.50 -13.79
CA SER D 12 20.47 65.47 -14.39
C SER D 12 20.04 64.93 -15.75
N VAL D 13 18.76 64.58 -15.89
CA VAL D 13 18.25 63.93 -17.09
C VAL D 13 17.08 64.73 -17.62
N ALA D 14 17.04 64.91 -18.93
CA ALA D 14 15.91 65.56 -19.57
C ALA D 14 14.67 64.67 -19.46
N PRO D 15 13.48 65.26 -19.43
CA PRO D 15 12.26 64.46 -19.28
C PRO D 15 12.09 63.46 -20.41
N GLY D 16 11.54 62.31 -20.07
CA GLY D 16 11.21 61.30 -21.06
C GLY D 16 12.37 60.52 -21.61
N GLU D 17 13.57 60.68 -21.06
CA GLU D 17 14.74 60.00 -21.55
C GLU D 17 15.00 58.72 -20.75
N ALA D 18 16.15 58.10 -20.97
CA ALA D 18 16.52 56.86 -20.33
C ALA D 18 17.73 57.09 -19.44
N ALA D 19 17.74 56.45 -18.26
CA ALA D 19 18.84 56.55 -17.32
C ALA D 19 19.22 55.17 -16.82
N SER D 20 20.52 54.95 -16.64
CA SER D 20 21.05 53.67 -16.19
C SER D 20 21.78 53.87 -14.86
N ILE D 21 21.46 53.02 -13.89
CA ILE D 21 22.05 53.07 -12.55
C ILE D 21 22.77 51.75 -12.30
N SER D 22 24.01 51.83 -11.83
CA SER D 22 24.84 50.64 -11.67
C SER D 22 25.28 50.51 -10.22
N CYS D 23 24.94 49.38 -9.60
CA CYS D 23 25.39 49.08 -8.25
C CYS D 23 26.23 47.80 -8.25
N ARG D 24 27.30 47.84 -7.48
CA ARG D 24 28.28 46.77 -7.37
C ARG D 24 28.34 46.27 -5.93
N SER D 25 28.86 45.06 -5.78
CA SER D 25 28.91 44.38 -4.49
C SER D 25 30.33 43.97 -4.14
N THR D 26 30.47 43.17 -3.09
CA THR D 26 31.77 42.63 -2.70
C THR D 26 31.84 41.10 -2.80
N GLN D 27 30.71 40.42 -2.84
CA GLN D 27 30.68 38.97 -2.97
C GLN D 27 30.19 38.58 -4.37
N SER D 28 30.22 37.28 -4.63
CA SER D 28 29.84 36.77 -5.95
C SER D 28 28.40 37.12 -6.28
N LEU D 29 27.49 36.93 -5.33
CA LEU D 29 26.09 37.31 -5.48
C LEU D 29 25.47 36.70 -6.75
N LEU D 30 25.55 35.37 -6.83
CA LEU D 30 25.00 34.64 -7.96
C LEU D 30 24.43 33.33 -7.49
N ASN D 31 23.20 33.03 -7.89
CA ASN D 31 22.55 31.79 -7.50
C ASN D 31 23.13 30.62 -8.26
N ARG D 32 23.02 29.42 -7.66
CA ARG D 32 23.50 28.21 -8.31
C ARG D 32 22.75 27.94 -9.61
N ASN D 33 21.44 28.09 -9.61
CA ASN D 33 20.63 27.83 -10.79
C ASN D 33 19.81 29.04 -11.17
N GLY D 34 19.42 29.84 -10.17
CA GLY D 34 18.59 31.01 -10.40
C GLY D 34 19.38 32.15 -11.03
N ASP D 35 18.69 33.27 -11.19
CA ASP D 35 19.32 34.41 -11.86
C ASP D 35 20.20 35.20 -10.91
N ASN D 36 19.60 35.82 -9.89
CA ASN D 36 20.34 36.70 -9.00
C ASN D 36 19.62 36.76 -7.65
N TYR D 37 20.27 37.42 -6.69
CA TYR D 37 19.71 37.64 -5.37
C TYR D 37 19.58 39.13 -5.05
N LEU D 38 19.53 39.99 -6.06
CA LEU D 38 19.46 41.42 -5.86
C LEU D 38 18.07 41.93 -6.22
N GLU D 39 17.67 43.01 -5.57
CA GLU D 39 16.39 43.66 -5.81
C GLU D 39 16.59 45.16 -5.98
N TRP D 40 15.68 45.78 -6.73
CA TRP D 40 15.70 47.21 -6.99
C TRP D 40 14.44 47.82 -6.40
N TYR D 41 14.62 48.80 -5.51
CA TYR D 41 13.51 49.44 -4.81
C TYR D 41 13.45 50.92 -5.17
N LEU D 42 12.25 51.47 -5.16
CA LEU D 42 12.01 52.87 -5.44
C LEU D 42 11.22 53.51 -4.31
N ARG D 43 11.59 54.75 -3.97
CA ARG D 43 10.91 55.51 -2.95
C ARG D 43 10.61 56.90 -3.48
N ARG D 44 9.35 57.30 -3.41
CA ARG D 44 8.97 58.68 -3.62
C ARG D 44 9.30 59.49 -2.38
N PRO D 45 9.51 60.80 -2.51
CA PRO D 45 9.88 61.62 -1.35
C PRO D 45 8.76 61.65 -0.32
N GLY D 46 9.08 61.22 0.90
CA GLY D 46 8.15 61.27 1.99
C GLY D 46 7.08 60.20 2.02
N ARG D 47 7.28 59.11 1.28
CA ARG D 47 6.31 58.02 1.23
C ARG D 47 7.03 56.69 1.35
N SER D 48 6.26 55.65 1.67
CA SER D 48 6.84 54.33 1.81
C SER D 48 7.33 53.83 0.45
N PRO D 49 8.55 53.30 0.36
CA PRO D 49 9.05 52.81 -0.93
C PRO D 49 8.26 51.61 -1.43
N GLN D 50 8.19 51.50 -2.76
CA GLN D 50 7.50 50.42 -3.44
C GLN D 50 8.52 49.37 -3.89
N LEU D 51 8.05 48.42 -4.69
CA LEU D 51 8.88 47.42 -5.32
C LEU D 51 9.03 47.73 -6.80
N LEU D 52 10.25 47.59 -7.32
CA LEU D 52 10.46 47.67 -8.76
C LEU D 52 10.91 46.34 -9.36
N ILE D 53 12.04 45.81 -8.92
CA ILE D 53 12.63 44.62 -9.53
C ILE D 53 12.92 43.60 -8.43
N TYR D 54 12.49 42.36 -8.63
CA TYR D 54 12.84 41.27 -7.75
C TYR D 54 13.51 40.19 -8.58
N LEU D 55 14.57 39.59 -8.01
CA LEU D 55 15.45 38.61 -8.65
C LEU D 55 16.30 39.21 -9.76
N GLY D 56 16.18 40.51 -10.03
CA GLY D 56 17.06 41.18 -10.95
C GLY D 56 16.54 41.32 -12.36
N SER D 57 15.57 40.51 -12.77
CA SER D 57 15.10 40.52 -14.14
C SER D 57 13.64 40.92 -14.30
N GLU D 58 12.73 40.26 -13.59
CA GLU D 58 11.31 40.53 -13.80
C GLU D 58 10.86 41.77 -13.03
N ARG D 59 9.68 42.25 -13.38
CA ARG D 59 9.06 43.41 -12.75
C ARG D 59 7.94 42.96 -11.83
N ALA D 60 7.47 43.88 -11.00
CA ALA D 60 6.44 43.58 -10.02
C ALA D 60 5.06 43.89 -10.59
N LEU D 61 4.05 43.85 -9.73
CA LEU D 61 2.69 44.16 -10.14
C LEU D 61 2.44 45.66 -10.07
N GLY D 62 1.76 46.18 -11.09
CA GLY D 62 1.41 47.58 -11.12
C GLY D 62 2.52 48.53 -11.49
N VAL D 63 3.68 48.02 -11.87
CA VAL D 63 4.82 48.83 -12.28
C VAL D 63 4.80 48.96 -13.80
N PRO D 64 5.00 50.15 -14.36
CA PRO D 64 5.03 50.29 -15.81
C PRO D 64 6.22 49.57 -16.42
N ASP D 65 6.07 49.20 -17.69
CA ASP D 65 7.13 48.53 -18.44
C ASP D 65 8.20 49.55 -18.86
N ARG D 66 8.80 50.16 -17.85
CA ARG D 66 9.82 51.18 -18.05
C ARG D 66 11.06 50.93 -17.21
N PHE D 67 11.14 49.80 -16.52
CA PHE D 67 12.28 49.45 -15.68
C PHE D 67 12.76 48.05 -16.08
N SER D 68 14.05 47.90 -16.30
CA SER D 68 14.59 46.59 -16.66
C SER D 68 15.98 46.42 -16.05
N GLY D 69 16.15 45.34 -15.29
CA GLY D 69 17.42 45.09 -14.64
C GLY D 69 18.24 44.00 -15.29
N SER D 70 19.56 44.05 -15.10
CA SER D 70 20.46 43.04 -15.67
C SER D 70 21.77 43.09 -14.91
N GLY D 71 22.70 42.22 -15.30
CA GLY D 71 24.03 42.15 -14.75
C GLY D 71 24.33 40.76 -14.24
N SER D 72 25.49 40.62 -13.59
CA SER D 72 25.91 39.35 -13.02
C SER D 72 27.06 39.61 -12.06
N GLY D 73 27.39 38.57 -11.28
CA GLY D 73 28.59 38.61 -10.46
C GLY D 73 28.58 39.78 -9.51
N ARG D 74 29.61 40.63 -9.62
CA ARG D 74 29.78 41.76 -8.75
C ARG D 74 29.33 43.08 -9.38
N ASP D 75 28.55 43.04 -10.45
CA ASP D 75 27.99 44.26 -11.01
C ASP D 75 26.59 44.06 -11.55
N PHE D 76 25.70 44.97 -11.20
CA PHE D 76 24.31 44.93 -11.62
C PHE D 76 23.87 46.33 -12.02
N THR D 77 22.87 46.42 -12.89
CA THR D 77 22.41 47.72 -13.32
C THR D 77 20.93 47.66 -13.67
N LEU D 78 20.31 48.83 -13.66
CA LEU D 78 18.91 49.03 -14.01
C LEU D 78 18.82 50.11 -15.08
N LYS D 79 18.10 49.83 -16.15
CA LYS D 79 17.80 50.80 -17.18
C LYS D 79 16.35 51.26 -17.01
N ILE D 80 16.13 52.55 -17.21
CA ILE D 80 14.82 53.17 -17.03
C ILE D 80 14.54 54.02 -18.26
N SER D 81 13.43 53.73 -18.93
CA SER D 81 13.06 54.43 -20.15
C SER D 81 11.77 55.22 -19.94
N ARG D 82 11.67 56.34 -20.66
CA ARG D 82 10.49 57.21 -20.62
C ARG D 82 10.20 57.66 -19.18
N VAL D 83 11.17 58.38 -18.62
CA VAL D 83 11.01 58.91 -17.27
C VAL D 83 9.99 60.03 -17.28
N GLU D 84 9.24 60.15 -16.19
CA GLU D 84 8.22 61.18 -16.03
C GLU D 84 8.48 61.97 -14.76
N ALA D 85 7.74 63.08 -14.62
CA ALA D 85 7.85 63.88 -13.41
C ALA D 85 7.31 63.17 -12.18
N GLN D 86 6.49 62.14 -12.37
CA GLN D 86 5.98 61.38 -11.24
C GLN D 86 7.08 60.56 -10.57
N ASP D 87 8.00 60.01 -11.37
CA ASP D 87 8.96 59.04 -10.89
C ASP D 87 10.21 59.66 -10.27
N VAL D 88 10.30 60.99 -10.24
CA VAL D 88 11.45 61.64 -9.60
C VAL D 88 11.51 61.21 -8.14
N GLY D 89 12.66 60.70 -7.72
CA GLY D 89 12.72 60.13 -6.39
C GLY D 89 14.04 59.46 -6.04
N THR D 90 13.99 58.32 -5.33
CA THR D 90 15.20 57.65 -4.90
C THR D 90 15.16 56.17 -5.28
N TYR D 91 16.24 55.69 -5.88
CA TYR D 91 16.41 54.28 -6.19
C TYR D 91 17.45 53.65 -5.26
N TYR D 92 17.13 52.45 -4.78
CA TYR D 92 17.95 51.71 -3.84
C TYR D 92 18.22 50.31 -4.37
N CYS D 93 19.42 49.79 -4.10
CA CYS D 93 19.77 48.41 -4.39
C CYS D 93 19.72 47.60 -3.09
N LEU D 94 19.18 46.38 -3.17
CA LEU D 94 19.08 45.51 -2.02
C LEU D 94 19.72 44.17 -2.34
N GLN D 95 20.40 43.58 -1.36
CA GLN D 95 21.18 42.36 -1.54
C GLN D 95 20.64 41.28 -0.60
N THR D 96 20.68 40.03 -1.05
CA THR D 96 20.14 38.92 -0.26
C THR D 96 20.99 37.65 -0.29
N ARG D 97 22.21 37.69 -0.83
CA ARG D 97 22.96 36.46 -1.01
C ARG D 97 23.32 35.81 0.33
N GLN D 98 23.67 36.63 1.32
CA GLN D 98 24.09 36.14 2.62
C GLN D 98 23.26 36.80 3.70
N GLY D 99 23.58 36.48 4.95
CA GLY D 99 22.94 37.12 6.09
C GLY D 99 23.34 38.57 6.22
N ALA D 100 22.79 39.26 7.21
CA ALA D 100 23.02 40.69 7.41
C ALA D 100 22.65 41.47 6.15
N PHE D 101 21.37 41.43 5.83
CA PHE D 101 20.85 42.07 4.62
C PHE D 101 21.21 43.55 4.65
N THR D 102 21.69 44.08 3.54
CA THR D 102 22.20 45.44 3.58
C THR D 102 21.97 46.14 2.26
N PHE D 103 21.46 47.37 2.34
CA PHE D 103 21.24 48.22 1.18
C PHE D 103 22.55 48.91 0.80
N GLY D 104 22.44 49.93 -0.05
CA GLY D 104 23.57 50.78 -0.36
C GLY D 104 23.16 52.24 -0.33
N GLN D 105 24.14 53.10 -0.55
CA GLN D 105 23.87 54.54 -0.59
C GLN D 105 22.93 54.86 -1.74
N GLY D 106 21.75 55.37 -1.39
CA GLY D 106 20.71 55.55 -2.38
C GLY D 106 21.06 56.59 -3.43
N THR D 107 20.40 56.47 -4.58
CA THR D 107 20.62 57.40 -5.69
C THR D 107 19.37 58.23 -5.94
N LYS D 108 19.60 59.46 -6.37
CA LYS D 108 18.53 60.46 -6.52
C LYS D 108 18.29 60.69 -8.00
N LEU D 109 17.09 60.38 -8.47
CA LEU D 109 16.69 60.65 -9.84
C LEU D 109 15.91 61.95 -9.89
N GLU D 110 16.46 62.94 -10.61
CA GLU D 110 15.92 64.27 -10.72
C GLU D 110 15.88 64.67 -12.19
N ILE D 111 14.85 65.41 -12.57
CA ILE D 111 14.63 65.80 -13.95
C ILE D 111 15.33 67.13 -14.22
N LYS D 112 16.12 67.17 -15.29
CA LYS D 112 16.82 68.39 -15.69
C LYS D 112 15.85 69.53 -15.97
N GLN E 1 25.46 -14.22 32.88
CA GLN E 1 25.66 -15.47 33.58
C GLN E 1 25.46 -16.66 32.64
N VAL E 2 26.47 -16.92 31.81
CA VAL E 2 26.48 -18.06 30.93
C VAL E 2 27.78 -18.83 31.15
N GLN E 3 27.75 -20.11 30.80
CA GLN E 3 28.90 -20.96 31.01
C GLN E 3 29.13 -21.84 29.78
N LEU E 4 30.37 -22.22 29.58
CA LEU E 4 30.74 -23.14 28.52
C LEU E 4 31.39 -24.37 29.13
N GLN E 5 31.07 -25.54 28.57
CA GLN E 5 31.60 -26.79 29.06
C GLN E 5 32.13 -27.59 27.87
N GLN E 6 33.04 -28.50 28.16
CA GLN E 6 33.77 -29.25 27.15
C GLN E 6 33.95 -30.68 27.63
N TRP E 7 34.09 -31.61 26.68
CA TRP E 7 34.21 -33.02 27.02
C TRP E 7 35.59 -33.53 26.62
N GLY E 8 36.31 -34.08 27.59
CA GLY E 8 37.68 -34.49 27.37
C GLY E 8 37.78 -35.72 26.47
N THR E 9 38.98 -35.88 25.90
CA THR E 9 39.25 -36.97 24.97
C THR E 9 40.54 -37.70 25.29
N GLY E 10 41.24 -37.34 26.36
CA GLY E 10 42.44 -38.07 26.74
C GLY E 10 43.56 -37.92 25.71
N LEU E 11 44.41 -38.93 25.66
CA LEU E 11 45.60 -38.94 24.81
C LEU E 11 45.37 -39.78 23.57
N LEU E 12 46.00 -39.37 22.47
CA LEU E 12 45.92 -40.08 21.21
C LEU E 12 47.30 -40.19 20.57
N LYS E 13 47.54 -41.30 19.89
CA LYS E 13 48.79 -41.51 19.18
C LYS E 13 48.80 -40.69 17.88
N PRO E 14 49.98 -40.46 17.30
CA PRO E 14 50.04 -39.64 16.09
C PRO E 14 49.28 -40.26 14.92
N SER E 15 48.99 -39.42 13.93
CA SER E 15 48.28 -39.81 12.72
C SER E 15 46.88 -40.34 13.01
N GLU E 16 46.23 -39.83 14.05
CA GLU E 16 44.91 -40.28 14.45
C GLU E 16 43.85 -39.22 14.17
N THR E 17 42.59 -39.62 14.33
CA THR E 17 41.44 -38.74 14.20
C THR E 17 40.90 -38.45 15.59
N LEU E 18 40.82 -37.17 15.95
CA LEU E 18 40.44 -36.76 17.29
C LEU E 18 39.30 -35.76 17.21
N SER E 19 38.21 -36.04 17.91
CA SER E 19 37.04 -35.18 17.90
C SER E 19 36.85 -34.56 19.28
N LEU E 20 36.69 -33.24 19.32
CA LEU E 20 36.43 -32.52 20.56
C LEU E 20 35.05 -31.88 20.51
N THR E 21 34.35 -31.96 21.64
CA THR E 21 32.96 -31.48 21.74
C THR E 21 32.85 -30.48 22.88
N CYS E 22 32.10 -29.41 22.61
CA CYS E 22 31.92 -28.30 23.55
C CYS E 22 30.45 -27.92 23.54
N ALA E 23 29.83 -27.96 24.72
CA ALA E 23 28.44 -27.57 24.90
C ALA E 23 28.37 -26.25 25.65
N VAL E 24 27.18 -25.65 25.62
CA VAL E 24 26.95 -24.34 26.22
C VAL E 24 25.80 -24.45 27.21
N TYR E 25 25.78 -23.54 28.19
CA TYR E 25 24.67 -23.41 29.12
C TYR E 25 24.43 -21.93 29.33
N GLY E 26 23.37 -21.42 28.71
CA GLY E 26 23.08 -20.00 28.76
C GLY E 26 22.25 -19.56 27.57
N VAL E 27 22.57 -18.40 27.00
CA VAL E 27 21.84 -17.92 25.84
C VAL E 27 22.04 -18.90 24.68
N SER E 28 21.01 -19.04 23.86
CA SER E 28 21.06 -19.99 22.76
C SER E 28 22.11 -19.58 21.72
N LEU E 29 22.33 -20.49 20.78
CA LEU E 29 23.32 -20.26 19.73
C LEU E 29 22.69 -19.41 18.62
N ARG E 30 22.10 -18.28 18.98
CA ARG E 30 21.26 -17.57 18.03
C ARG E 30 22.08 -16.71 17.07
N GLY E 31 22.79 -15.72 17.60
CA GLY E 31 23.46 -14.76 16.74
C GLY E 31 24.88 -14.43 17.16
N TYR E 32 25.58 -15.39 17.75
CA TYR E 32 26.96 -15.22 18.17
C TYR E 32 27.83 -16.09 17.28
N TYR E 33 29.14 -15.84 17.31
CA TYR E 33 30.09 -16.74 16.67
C TYR E 33 30.70 -17.66 17.70
N TRP E 34 30.73 -18.95 17.39
CA TRP E 34 31.37 -19.92 18.27
C TRP E 34 32.67 -20.35 17.62
N THR E 35 33.79 -20.03 18.26
CA THR E 35 35.09 -20.32 17.70
C THR E 35 35.93 -21.08 18.71
N TRP E 36 37.02 -21.68 18.23
CA TRP E 36 37.99 -22.25 19.13
C TRP E 36 39.38 -21.64 18.93
N ILE E 37 40.17 -21.72 19.98
CA ILE E 37 41.52 -21.17 19.99
C ILE E 37 42.45 -22.17 20.67
N ARG E 38 43.65 -22.32 20.13
CA ARG E 38 44.62 -23.25 20.66
C ARG E 38 45.73 -22.51 21.39
N GLN E 39 46.26 -23.15 22.44
CA GLN E 39 47.38 -22.63 23.20
C GLN E 39 48.46 -23.70 23.29
N SER E 40 49.71 -23.28 23.15
CA SER E 40 50.85 -24.16 23.20
C SER E 40 51.93 -23.54 24.07
N PRO E 41 52.75 -24.36 24.73
CA PRO E 41 53.85 -23.80 25.52
C PRO E 41 54.83 -22.97 24.72
N LYS E 42 55.05 -23.30 23.44
CA LYS E 42 56.07 -22.63 22.65
C LYS E 42 55.56 -22.09 21.32
N LYS E 43 54.25 -21.98 21.13
CA LYS E 43 53.69 -21.48 19.87
C LYS E 43 52.83 -20.23 20.03
N GLY E 44 52.52 -19.82 21.26
CA GLY E 44 51.66 -18.66 21.46
C GLY E 44 50.19 -19.01 21.36
N LEU E 45 49.41 -18.14 20.72
CA LEU E 45 48.00 -18.37 20.50
C LEU E 45 47.69 -18.27 19.02
N GLU E 46 46.98 -19.26 18.49
CA GLU E 46 46.64 -19.31 17.08
C GLU E 46 45.18 -19.66 16.92
N TRP E 47 44.62 -19.29 15.77
CA TRP E 47 43.20 -19.39 15.50
C TRP E 47 42.89 -20.67 14.74
N ILE E 48 41.73 -21.25 15.01
CA ILE E 48 41.41 -22.59 14.52
C ILE E 48 40.16 -22.61 13.65
N GLY E 49 39.01 -22.24 14.22
CA GLY E 49 37.75 -22.40 13.52
C GLY E 49 36.66 -21.53 14.09
N GLU E 50 35.70 -21.18 13.23
CA GLU E 50 34.57 -20.31 13.54
C GLU E 50 33.31 -20.89 12.95
N ILE E 51 32.20 -20.83 13.70
CA ILE E 51 30.91 -21.33 13.22
C ILE E 51 29.83 -20.35 13.61
N ASP E 52 28.80 -20.24 12.77
CA ASP E 52 27.56 -19.53 13.06
C ASP E 52 26.49 -20.55 13.42
N GLU E 53 25.24 -20.10 13.54
CA GLU E 53 24.14 -21.03 13.79
C GLU E 53 23.66 -21.72 12.53
N ILE E 54 23.76 -21.04 11.38
CA ILE E 54 23.21 -21.58 10.14
C ILE E 54 24.06 -22.74 9.60
N GLY E 55 25.24 -22.97 10.15
CA GLY E 55 26.12 -24.01 9.70
C GLY E 55 27.30 -23.53 8.89
N ARG E 56 27.31 -22.28 8.45
CA ARG E 56 28.46 -21.76 7.72
C ARG E 56 29.69 -21.71 8.62
N THR E 57 30.83 -22.09 8.06
CA THR E 57 32.04 -22.30 8.83
C THR E 57 33.22 -21.57 8.19
N LYS E 58 34.17 -21.18 9.03
CA LYS E 58 35.41 -20.56 8.58
C LYS E 58 36.59 -21.22 9.29
N TYR E 59 37.68 -21.37 8.55
CA TYR E 59 38.86 -22.06 9.04
C TYR E 59 40.10 -21.23 8.72
N SER E 60 41.21 -21.58 9.35
CA SER E 60 42.47 -20.90 9.11
C SER E 60 43.22 -21.58 7.97
N GLN E 61 44.21 -20.85 7.43
CA GLN E 61 45.01 -21.40 6.33
C GLN E 61 45.96 -22.48 6.82
N SER E 62 46.37 -22.41 8.09
CA SER E 62 47.31 -23.40 8.60
C SER E 62 46.68 -24.78 8.70
N LEU E 63 45.35 -24.85 8.82
CA LEU E 63 44.64 -26.12 8.96
C LEU E 63 43.55 -26.27 7.92
N ARG E 64 43.91 -26.02 6.65
CA ARG E 64 42.94 -26.12 5.55
C ARG E 64 42.26 -27.48 5.52
N SER E 65 43.04 -28.56 5.53
CA SER E 65 42.53 -29.90 5.34
C SER E 65 42.92 -30.83 6.49
N ARG E 66 42.75 -30.36 7.71
CA ARG E 66 43.07 -31.19 8.87
C ARG E 66 41.88 -31.30 9.82
N ALA E 67 41.07 -30.25 9.92
CA ALA E 67 39.97 -30.22 10.86
C ALA E 67 38.70 -29.72 10.19
N THR E 68 37.56 -30.24 10.65
CA THR E 68 36.26 -29.78 10.24
C THR E 68 35.40 -29.54 11.48
N LEU E 69 34.55 -28.52 11.42
CA LEU E 69 33.78 -28.08 12.58
C LEU E 69 32.29 -28.11 12.26
N SER E 70 31.49 -28.52 13.25
CA SER E 70 30.06 -28.64 13.06
C SER E 70 29.35 -28.33 14.37
N ILE E 71 28.02 -28.23 14.30
CA ILE E 71 27.19 -27.84 15.43
C ILE E 71 25.97 -28.76 15.51
N ASP E 72 25.33 -28.74 16.69
CA ASP E 72 24.10 -29.47 16.94
C ASP E 72 23.19 -28.56 17.76
N THR E 73 22.12 -28.07 17.12
CA THR E 73 21.26 -27.09 17.76
C THR E 73 20.36 -27.72 18.82
N SER E 74 19.97 -28.98 18.63
CA SER E 74 19.06 -29.62 19.58
C SER E 74 19.67 -29.72 20.96
N LYS E 75 20.94 -30.10 21.04
CA LYS E 75 21.66 -30.15 22.30
C LYS E 75 22.39 -28.86 22.61
N LYS E 76 22.34 -27.88 21.71
CA LYS E 76 23.00 -26.58 21.89
C LYS E 76 24.50 -26.76 22.13
N GLN E 77 25.16 -27.39 21.17
CA GLN E 77 26.58 -27.71 21.32
C GLN E 77 27.24 -27.69 19.95
N PHE E 78 28.55 -27.94 19.94
CA PHE E 78 29.32 -27.94 18.71
C PHE E 78 30.58 -28.76 18.93
N SER E 79 31.31 -29.01 17.86
CA SER E 79 32.43 -29.94 17.91
C SER E 79 33.30 -29.79 16.68
N LEU E 80 34.50 -30.35 16.74
CA LEU E 80 35.31 -30.54 15.55
C LEU E 80 35.92 -31.93 15.52
N ARG E 81 36.33 -32.32 14.32
CA ARG E 81 37.02 -33.57 14.04
C ARG E 81 38.33 -33.22 13.34
N LEU E 82 39.44 -33.71 13.88
CA LEU E 82 40.79 -33.41 13.40
C LEU E 82 41.43 -34.70 12.93
N THR E 83 41.61 -34.85 11.62
CA THR E 83 42.20 -36.05 11.07
C THR E 83 43.73 -35.93 11.05
N SER E 84 44.39 -37.06 11.31
CA SER E 84 45.85 -37.15 11.26
C SER E 84 46.51 -36.16 12.22
N VAL E 85 46.24 -36.37 13.51
CA VAL E 85 46.89 -35.55 14.54
C VAL E 85 48.38 -35.88 14.58
N THR E 86 49.20 -34.83 14.60
CA THR E 86 50.64 -34.98 14.52
C THR E 86 51.27 -34.73 15.88
N ALA E 87 52.52 -35.17 16.02
CA ALA E 87 53.26 -34.99 17.27
C ALA E 87 53.72 -33.56 17.48
N ALA E 88 53.61 -32.70 16.48
CA ALA E 88 54.00 -31.30 16.60
C ALA E 88 52.85 -30.40 16.98
N ASP E 89 51.70 -30.96 17.35
CA ASP E 89 50.51 -30.19 17.69
C ASP E 89 50.11 -30.42 19.14
N MET E 90 51.08 -30.48 20.04
CA MET E 90 50.79 -30.43 21.47
C MET E 90 49.92 -29.22 21.75
N ALA E 91 48.75 -29.43 22.34
CA ALA E 91 47.80 -28.34 22.32
C ALA E 91 46.93 -28.31 23.57
N THR E 92 46.34 -27.14 23.79
CA THR E 92 45.25 -26.96 24.75
C THR E 92 44.17 -26.16 24.05
N TYR E 93 42.96 -26.71 24.01
CA TYR E 93 41.87 -26.12 23.26
C TYR E 93 40.94 -25.32 24.15
N TYR E 94 40.45 -24.20 23.63
CA TYR E 94 39.52 -23.33 24.33
C TYR E 94 38.35 -23.01 23.43
N CYS E 95 37.14 -23.05 24.00
CA CYS E 95 35.93 -22.60 23.33
C CYS E 95 35.72 -21.12 23.60
N ALA E 96 35.08 -20.45 22.65
CA ALA E 96 34.97 -19.01 22.71
C ALA E 96 33.70 -18.53 22.03
N ARG E 97 33.13 -17.47 22.57
CA ARG E 97 31.85 -16.92 22.14
C ARG E 97 32.07 -15.47 21.72
N TRP E 98 32.39 -15.27 20.45
CA TRP E 98 32.54 -13.92 19.92
C TRP E 98 31.19 -13.24 19.80
N ARG E 99 31.10 -12.03 20.30
CA ARG E 99 29.96 -11.15 20.11
C ARG E 99 30.01 -10.55 18.72
N LEU E 100 28.88 -9.99 18.29
CA LEU E 100 28.78 -9.37 16.98
C LEU E 100 27.95 -8.10 17.07
N MET E 101 28.23 -7.16 16.16
CA MET E 101 27.43 -5.96 16.00
C MET E 101 27.08 -5.78 14.54
N MET E 102 25.79 -5.67 14.24
CA MET E 102 25.33 -5.56 12.85
C MET E 102 25.18 -4.09 12.50
N VAL E 103 26.25 -3.50 11.97
CA VAL E 103 26.19 -2.16 11.37
C VAL E 103 26.97 -2.16 10.07
N ASP E 104 26.25 -2.20 8.94
CA ASP E 104 26.85 -2.43 7.64
C ASP E 104 27.63 -3.73 7.67
N GLU E 105 28.96 -3.66 7.64
CA GLU E 105 29.76 -4.85 7.85
C GLU E 105 29.60 -5.34 9.29
N VAL E 106 29.63 -6.65 9.47
CA VAL E 106 29.43 -7.22 10.80
C VAL E 106 30.65 -6.94 11.66
N THR E 107 30.58 -5.89 12.47
CA THR E 107 31.72 -5.50 13.27
C THR E 107 31.92 -6.48 14.42
N ARG E 108 33.18 -6.69 14.76
CA ARG E 108 33.62 -7.84 15.53
C ARG E 108 34.05 -7.36 16.91
N HIS E 109 33.17 -7.53 17.90
CA HIS E 109 33.53 -7.16 19.26
C HIS E 109 34.43 -8.21 19.88
N GLY E 110 34.64 -8.14 21.18
CA GLY E 110 35.57 -9.02 21.85
C GLY E 110 34.96 -10.37 22.19
N MET E 111 35.66 -11.09 23.06
CA MET E 111 35.38 -12.49 23.38
C MET E 111 35.13 -12.60 24.88
N ASP E 112 33.88 -12.35 25.30
CA ASP E 112 33.60 -12.10 26.70
C ASP E 112 33.82 -13.33 27.57
N VAL E 113 33.24 -14.46 27.19
CA VAL E 113 33.24 -15.66 28.03
C VAL E 113 34.21 -16.67 27.45
N TRP E 114 34.82 -17.46 28.33
CA TRP E 114 35.85 -18.42 27.94
C TRP E 114 35.58 -19.75 28.63
N SER E 115 35.71 -20.84 27.89
CA SER E 115 35.61 -22.16 28.50
C SER E 115 36.84 -22.47 29.32
N GLN E 116 36.73 -23.49 30.18
CA GLN E 116 37.82 -23.80 31.08
C GLN E 116 39.06 -24.31 30.35
N GLY E 117 38.91 -24.80 29.12
CA GLY E 117 40.03 -25.23 28.32
C GLY E 117 40.52 -26.61 28.70
N THR E 118 40.84 -27.40 27.67
CA THR E 118 41.16 -28.80 27.87
C THR E 118 42.51 -29.13 27.25
N MET E 119 43.22 -30.02 27.93
CA MET E 119 44.55 -30.47 27.53
C MET E 119 44.45 -31.57 26.49
N VAL E 120 45.32 -31.52 25.48
CA VAL E 120 45.40 -32.56 24.44
C VAL E 120 46.87 -32.74 24.09
N THR E 121 47.45 -33.87 24.50
CA THR E 121 48.78 -34.28 24.07
C THR E 121 48.69 -35.42 23.05
N VAL E 122 49.85 -35.79 22.53
CA VAL E 122 49.96 -36.90 21.57
C VAL E 122 50.77 -37.99 22.24
N SER E 123 50.19 -39.20 22.30
CA SER E 123 50.83 -40.31 22.97
C SER E 123 51.81 -41.01 22.05
N SER E 124 52.92 -41.47 22.63
CA SER E 124 53.94 -42.19 21.89
C SER E 124 54.76 -43.09 22.81
N ASP F 1 51.10 -14.27 5.95
CA ASP F 1 50.00 -13.31 5.90
C ASP F 1 50.27 -12.11 6.79
N ILE F 2 49.75 -12.16 8.02
CA ILE F 2 49.87 -11.07 8.98
C ILE F 2 50.61 -11.58 10.20
N VAL F 3 51.64 -10.85 10.61
CA VAL F 3 52.44 -11.20 11.77
C VAL F 3 52.30 -10.08 12.79
N MET F 4 51.84 -10.43 13.99
CA MET F 4 51.77 -9.50 15.10
C MET F 4 53.07 -9.55 15.89
N THR F 5 53.70 -8.40 16.03
CA THR F 5 54.91 -8.27 16.83
C THR F 5 54.65 -7.22 17.89
N GLN F 6 55.27 -7.38 19.05
CA GLN F 6 55.01 -6.42 20.12
C GLN F 6 56.21 -6.30 21.05
N SER F 7 56.26 -5.17 21.72
CA SER F 7 57.34 -4.82 22.63
C SER F 7 56.77 -4.17 23.88
N PRO F 8 57.40 -4.41 25.04
CA PRO F 8 58.45 -5.41 25.21
C PRO F 8 57.89 -6.76 25.63
N LEU F 9 58.70 -7.82 25.54
CA LEU F 9 58.25 -9.13 25.97
C LEU F 9 58.01 -9.17 27.47
N SER F 10 58.92 -8.58 28.25
CA SER F 10 58.83 -8.60 29.70
C SER F 10 59.06 -7.21 30.26
N LEU F 11 58.44 -6.94 31.41
CA LEU F 11 58.53 -5.66 32.09
C LEU F 11 58.97 -5.87 33.53
N SER F 12 59.81 -4.96 34.02
CA SER F 12 60.24 -4.93 35.41
C SER F 12 59.68 -3.65 36.03
N VAL F 13 58.44 -3.73 36.52
CA VAL F 13 57.69 -2.56 36.94
C VAL F 13 57.55 -2.57 38.46
N ALA F 14 57.53 -1.38 39.05
CA ALA F 14 57.23 -1.22 40.47
C ALA F 14 55.73 -1.35 40.71
N PRO F 15 55.33 -1.65 41.94
CA PRO F 15 53.89 -1.80 42.22
C PRO F 15 53.10 -0.55 41.89
N GLY F 16 51.91 -0.75 41.34
CA GLY F 16 50.97 0.33 41.10
C GLY F 16 51.41 1.38 40.11
N GLU F 17 52.43 1.11 39.31
CA GLU F 17 52.90 2.09 38.36
C GLU F 17 52.24 1.89 37.00
N ALA F 18 52.57 2.78 36.07
CA ALA F 18 52.01 2.73 34.72
C ALA F 18 52.95 2.00 33.78
N ALA F 19 52.38 1.18 32.91
CA ALA F 19 53.17 0.43 31.93
C ALA F 19 52.49 0.53 30.57
N SER F 20 53.32 0.58 29.52
CA SER F 20 52.84 0.75 28.16
C SER F 20 53.39 -0.35 27.27
N ILE F 21 52.52 -0.87 26.39
CA ILE F 21 52.88 -1.91 25.43
C ILE F 21 52.62 -1.37 24.03
N SER F 22 53.47 -1.74 23.09
CA SER F 22 53.32 -1.28 21.70
C SER F 22 53.43 -2.47 20.77
N CYS F 23 52.37 -2.75 20.02
CA CYS F 23 52.37 -3.84 19.06
C CYS F 23 52.18 -3.31 17.65
N ARG F 24 53.08 -3.76 16.77
CA ARG F 24 53.12 -3.45 15.35
C ARG F 24 52.63 -4.64 14.54
N SER F 25 51.99 -4.36 13.42
CA SER F 25 51.52 -5.38 12.50
C SER F 25 52.22 -5.23 11.16
N THR F 26 51.78 -6.00 10.17
CA THR F 26 52.36 -5.95 8.84
C THR F 26 51.70 -4.91 7.95
N GLN F 27 50.44 -4.59 8.17
CA GLN F 27 49.76 -3.57 7.39
C GLN F 27 48.78 -2.83 8.31
N SER F 28 47.97 -1.97 7.71
CA SER F 28 47.05 -1.14 8.47
C SER F 28 45.91 -1.97 9.04
N LEU F 29 45.28 -1.44 10.10
CA LEU F 29 44.16 -2.09 10.77
C LEU F 29 42.93 -1.18 10.80
N LEU F 30 42.85 -0.19 9.92
CA LEU F 30 41.86 0.87 10.03
C LEU F 30 40.63 0.57 9.19
N ASN F 31 39.47 0.59 9.84
CA ASN F 31 38.20 0.55 9.13
C ASN F 31 37.96 1.89 8.45
N ARG F 32 36.98 1.91 7.54
CA ARG F 32 36.63 3.17 6.89
C ARG F 32 36.20 4.23 7.89
N ASN F 33 35.55 3.83 8.98
CA ASN F 33 35.18 4.74 10.05
C ASN F 33 35.50 4.23 11.43
N GLY F 34 35.64 2.92 11.62
CA GLY F 34 35.91 2.39 12.94
C GLY F 34 37.29 2.75 13.44
N ASP F 35 37.43 2.70 14.77
CA ASP F 35 38.70 3.06 15.38
C ASP F 35 39.81 2.11 14.96
N ASN F 36 39.52 0.82 14.93
CA ASN F 36 40.53 -0.19 14.58
C ASN F 36 39.83 -1.54 14.43
N TYR F 37 40.63 -2.57 14.21
CA TYR F 37 40.17 -3.95 14.17
C TYR F 37 40.98 -4.81 15.14
N LEU F 38 41.39 -4.22 16.26
CA LEU F 38 42.34 -4.84 17.16
C LEU F 38 41.67 -5.23 18.47
N GLU F 39 42.15 -6.32 19.06
CA GLU F 39 41.68 -6.83 20.34
C GLU F 39 42.87 -6.83 21.30
N TRP F 40 42.60 -6.67 22.59
CA TRP F 40 43.69 -6.65 23.55
C TRP F 40 43.26 -7.47 24.77
N TYR F 41 43.91 -8.63 24.96
CA TYR F 41 43.51 -9.62 25.95
C TYR F 41 44.56 -9.76 27.05
N LEU F 42 44.14 -10.36 28.15
CA LEU F 42 45.03 -10.75 29.24
C LEU F 42 44.69 -12.14 29.73
N ARG F 43 45.72 -12.85 30.17
CA ARG F 43 45.58 -14.18 30.73
C ARG F 43 46.36 -14.23 32.04
N ARG F 44 45.82 -14.95 33.00
CA ARG F 44 46.48 -15.22 34.26
C ARG F 44 47.13 -16.60 34.23
N PRO F 45 48.19 -16.81 35.02
CA PRO F 45 48.91 -18.09 34.94
C PRO F 45 48.04 -19.27 35.33
N GLY F 46 47.87 -20.20 34.40
CA GLY F 46 47.10 -21.40 34.66
C GLY F 46 45.61 -21.26 34.56
N ARG F 47 45.10 -20.08 34.19
CA ARG F 47 43.67 -19.83 34.09
C ARG F 47 43.33 -19.37 32.69
N SER F 48 42.04 -19.41 32.38
CA SER F 48 41.59 -19.02 31.05
C SER F 48 41.61 -17.50 30.90
N PRO F 49 42.00 -16.99 29.74
CA PRO F 49 42.07 -15.53 29.56
C PRO F 49 40.69 -14.90 29.40
N GLN F 50 40.66 -13.58 29.50
CA GLN F 50 39.44 -12.79 29.44
C GLN F 50 39.65 -11.58 28.54
N LEU F 51 38.58 -10.81 28.34
CA LEU F 51 38.61 -9.61 27.51
C LEU F 51 39.09 -8.42 28.31
N LEU F 52 39.91 -7.57 27.67
CA LEU F 52 40.27 -6.27 28.24
C LEU F 52 39.84 -5.11 27.35
N ILE F 53 40.28 -5.06 26.10
CA ILE F 53 39.96 -3.94 25.23
C ILE F 53 39.45 -4.47 23.90
N TYR F 54 38.27 -4.02 23.49
CA TYR F 54 37.68 -4.38 22.21
C TYR F 54 37.44 -3.12 21.40
N LEU F 55 37.78 -3.19 20.12
CA LEU F 55 37.81 -2.05 19.19
C LEU F 55 38.84 -1.01 19.57
N GLY F 56 39.76 -1.33 20.48
CA GLY F 56 40.90 -0.48 20.76
C GLY F 56 40.66 0.69 21.69
N SER F 57 39.42 0.96 22.04
CA SER F 57 39.17 2.14 22.87
C SER F 57 38.35 1.84 24.12
N GLU F 58 37.38 0.94 24.04
CA GLU F 58 36.48 0.67 25.16
C GLU F 58 36.89 -0.60 25.90
N ARG F 59 36.31 -0.76 27.08
CA ARG F 59 36.53 -1.93 27.92
C ARG F 59 35.19 -2.55 28.27
N ALA F 60 35.15 -3.88 28.39
CA ALA F 60 33.92 -4.54 28.72
C ALA F 60 33.62 -4.41 30.22
N LEU F 61 32.44 -4.85 30.61
CA LEU F 61 32.05 -4.80 32.01
C LEU F 61 32.92 -5.71 32.84
N GLY F 62 33.16 -5.32 34.09
CA GLY F 62 34.06 -6.03 34.96
C GLY F 62 35.52 -5.68 34.80
N VAL F 63 35.84 -4.74 33.91
CA VAL F 63 37.21 -4.30 33.67
C VAL F 63 37.44 -3.00 34.44
N PRO F 64 38.38 -2.95 35.37
CA PRO F 64 38.66 -1.69 36.08
C PRO F 64 39.11 -0.61 35.11
N ASP F 65 38.79 0.64 35.45
CA ASP F 65 39.09 1.78 34.58
C ASP F 65 40.57 2.17 34.69
N ARG F 66 41.43 1.19 34.44
CA ARG F 66 42.87 1.40 34.42
C ARG F 66 43.50 0.99 33.10
N PHE F 67 42.76 0.30 32.23
CA PHE F 67 43.26 -0.15 30.95
C PHE F 67 42.77 0.81 29.86
N SER F 68 43.68 1.26 29.01
CA SER F 68 43.35 2.18 27.94
C SER F 68 44.12 1.80 26.69
N GLY F 69 43.67 2.31 25.54
CA GLY F 69 44.31 1.99 24.28
C GLY F 69 44.32 3.18 23.34
N SER F 70 45.21 3.11 22.36
CA SER F 70 45.32 4.13 21.32
C SER F 70 46.16 3.56 20.19
N GLY F 71 46.34 4.36 19.15
CA GLY F 71 47.16 3.99 18.02
C GLY F 71 46.37 3.96 16.73
N SER F 72 47.09 3.69 15.65
CA SER F 72 46.50 3.64 14.32
C SER F 72 47.53 3.03 13.37
N GLY F 73 47.22 3.06 12.07
CA GLY F 73 48.12 2.57 11.05
C GLY F 73 48.67 1.18 11.31
N ARG F 74 49.99 1.11 11.54
CA ARG F 74 50.65 -0.15 11.83
C ARG F 74 51.21 -0.19 13.25
N ASP F 75 50.85 0.75 14.11
CA ASP F 75 51.29 0.74 15.49
C ASP F 75 50.10 1.00 16.41
N PHE F 76 49.84 0.08 17.32
CA PHE F 76 48.80 0.27 18.32
C PHE F 76 49.40 0.06 19.70
N THR F 77 49.13 1.00 20.60
CA THR F 77 49.71 0.95 21.93
C THR F 77 48.60 0.87 22.99
N LEU F 78 48.96 0.30 24.12
CA LEU F 78 48.04 0.04 25.21
C LEU F 78 48.70 0.47 26.51
N LYS F 79 47.88 0.92 27.46
CA LYS F 79 48.38 1.55 28.67
C LYS F 79 47.66 0.99 29.89
N ILE F 80 48.42 0.79 30.97
CA ILE F 80 47.91 0.51 32.30
C ILE F 80 48.43 1.57 33.26
N SER F 81 47.56 2.05 34.14
CA SER F 81 47.91 3.09 35.09
C SER F 81 48.30 2.53 36.45
N ARG F 82 47.48 1.67 37.03
CA ARG F 82 47.75 1.07 38.34
C ARG F 82 47.70 -0.44 38.22
N VAL F 83 48.64 -1.12 38.85
CA VAL F 83 48.74 -2.57 38.81
C VAL F 83 48.80 -3.10 40.24
N GLU F 84 48.48 -4.38 40.38
CA GLU F 84 48.48 -5.05 41.68
C GLU F 84 48.92 -6.50 41.47
N ALA F 85 48.74 -7.31 42.51
CA ALA F 85 49.05 -8.73 42.39
C ALA F 85 48.09 -9.46 41.46
N GLN F 86 46.95 -8.85 41.14
CA GLN F 86 45.99 -9.49 40.25
C GLN F 86 46.45 -9.43 38.80
N ASP F 87 47.10 -8.34 38.40
CA ASP F 87 47.35 -8.06 37.00
C ASP F 87 48.58 -8.76 36.44
N VAL F 88 49.37 -9.43 37.27
CA VAL F 88 50.54 -10.15 36.75
C VAL F 88 50.07 -11.26 35.83
N GLY F 89 50.71 -11.38 34.68
CA GLY F 89 50.29 -12.39 33.73
C GLY F 89 50.79 -12.17 32.33
N THR F 90 49.94 -12.41 31.33
CA THR F 90 50.34 -12.33 29.93
C THR F 90 49.35 -11.47 29.17
N TYR F 91 49.81 -10.33 28.66
CA TYR F 91 49.01 -9.44 27.82
C TYR F 91 49.28 -9.75 26.36
N TYR F 92 48.22 -9.82 25.56
CA TYR F 92 48.29 -10.22 24.15
C TYR F 92 47.56 -9.21 23.28
N CYS F 93 48.14 -8.91 22.11
CA CYS F 93 47.42 -8.23 21.04
C CYS F 93 46.77 -9.26 20.13
N LEU F 94 45.70 -8.85 19.46
CA LEU F 94 44.98 -9.71 18.52
C LEU F 94 44.53 -8.89 17.33
N GLN F 95 44.58 -9.49 16.15
CA GLN F 95 44.39 -8.81 14.88
C GLN F 95 43.22 -9.44 14.13
N THR F 96 42.34 -8.60 13.57
CA THR F 96 41.16 -9.08 12.86
C THR F 96 40.87 -8.32 11.57
N ARG F 97 41.82 -7.51 11.07
CA ARG F 97 41.55 -6.72 9.88
C ARG F 97 41.27 -7.61 8.67
N GLN F 98 42.04 -8.67 8.50
CA GLN F 98 41.91 -9.55 7.35
C GLN F 98 41.26 -10.87 7.76
N GLY F 99 41.18 -11.79 6.80
CA GLY F 99 40.59 -13.08 7.04
C GLY F 99 41.45 -14.04 7.84
N ALA F 100 42.71 -13.69 8.06
CA ALA F 100 43.61 -14.49 8.88
C ALA F 100 43.80 -13.80 10.22
N PHE F 101 43.56 -14.52 11.29
CA PHE F 101 43.67 -14.00 12.66
C PHE F 101 44.96 -14.50 13.28
N THR F 102 45.66 -13.64 14.01
CA THR F 102 46.90 -14.06 14.63
C THR F 102 47.20 -13.18 15.83
N PHE F 103 47.53 -13.82 16.96
CA PHE F 103 47.87 -13.12 18.19
C PHE F 103 49.28 -12.56 18.19
N GLY F 104 50.23 -13.27 17.59
CA GLY F 104 51.61 -12.84 17.71
C GLY F 104 52.18 -13.19 19.07
N GLN F 105 53.39 -12.70 19.32
CA GLN F 105 54.11 -13.03 20.54
C GLN F 105 53.43 -12.41 21.75
N GLY F 106 53.65 -13.03 22.91
CA GLY F 106 53.02 -12.59 24.12
C GLY F 106 53.80 -11.50 24.84
N THR F 107 53.19 -10.97 25.90
CA THR F 107 53.81 -9.94 26.73
C THR F 107 53.70 -10.33 28.19
N LYS F 108 54.79 -10.86 28.75
CA LYS F 108 54.79 -11.32 30.14
C LYS F 108 55.01 -10.11 31.04
N LEU F 109 53.96 -9.72 31.76
CA LEU F 109 54.01 -8.57 32.65
C LEU F 109 54.08 -9.07 34.09
N GLU F 110 55.13 -8.66 34.80
CA GLU F 110 55.42 -9.13 36.15
C GLU F 110 55.88 -7.95 36.98
N ILE F 111 56.11 -8.22 38.26
CA ILE F 111 56.42 -7.19 39.26
C ILE F 111 57.70 -7.59 39.99
N LYS F 112 58.59 -6.63 40.16
CA LYS F 112 59.87 -6.89 40.82
C LYS F 112 59.66 -7.17 42.31
N ASN G 1 31.79 10.68 16.43
CA ASN G 1 31.73 10.01 17.72
C ASN G 1 30.67 8.91 17.69
N LEU G 2 29.44 9.28 18.04
CA LEU G 2 28.31 8.37 18.01
C LEU G 2 27.22 8.95 17.12
N TRP G 3 26.59 8.09 16.33
CA TRP G 3 25.60 8.51 15.35
C TRP G 3 24.41 7.57 15.38
N VAL G 4 23.24 8.12 15.12
CA VAL G 4 21.98 7.39 15.21
C VAL G 4 21.84 6.45 14.03
N THR G 5 21.19 5.31 14.25
CA THR G 5 20.97 4.31 13.21
C THR G 5 19.63 3.66 13.42
N VAL G 6 18.88 3.48 12.33
CA VAL G 6 17.53 2.94 12.37
C VAL G 6 17.56 1.48 11.97
N TYR G 7 16.94 0.64 12.80
CA TYR G 7 16.75 -0.77 12.54
C TYR G 7 15.27 -1.03 12.31
N TYR G 8 14.96 -1.78 11.26
CA TYR G 8 13.59 -2.18 10.97
C TYR G 8 13.47 -3.69 11.17
N GLY G 9 12.46 -4.09 11.93
CA GLY G 9 12.29 -5.48 12.30
C GLY G 9 12.73 -5.84 13.70
N VAL G 10 12.97 -4.84 14.55
CA VAL G 10 13.38 -5.13 15.93
C VAL G 10 12.24 -5.84 16.66
N PRO G 11 12.52 -6.87 17.45
CA PRO G 11 11.46 -7.50 18.29
C PRO G 11 11.23 -6.75 19.61
N VAL G 12 10.49 -5.65 19.52
CA VAL G 12 10.06 -4.90 20.70
C VAL G 12 8.54 -4.74 20.62
N TRP G 13 7.89 -4.89 21.76
CA TRP G 13 6.43 -4.91 21.82
C TRP G 13 5.95 -3.97 22.92
N ARG G 14 4.64 -3.73 22.92
CA ARG G 14 4.01 -2.93 23.95
C ARG G 14 2.57 -3.38 24.14
N ASP G 15 2.02 -3.06 25.31
CA ASP G 15 0.65 -3.43 25.62
C ASP G 15 -0.32 -2.67 24.71
N ALA G 16 -1.32 -3.37 24.21
CA ALA G 16 -2.32 -2.77 23.35
C ALA G 16 -3.57 -3.63 23.37
N ASP G 17 -4.67 -3.06 22.91
CA ASP G 17 -5.95 -3.76 22.87
C ASP G 17 -6.50 -3.69 21.46
N THR G 18 -6.97 -4.83 20.95
CA THR G 18 -7.50 -4.88 19.60
C THR G 18 -8.53 -6.00 19.53
N THR G 19 -9.35 -5.97 18.49
CA THR G 19 -10.39 -6.97 18.29
C THR G 19 -9.75 -8.30 17.92
N LEU G 20 -9.68 -9.21 18.88
CA LEU G 20 -9.24 -10.57 18.59
C LEU G 20 -10.33 -11.30 17.82
N PHE G 21 -9.94 -11.96 16.74
CA PHE G 21 -10.91 -12.60 15.86
C PHE G 21 -11.28 -13.99 16.36
N CYS G 22 -12.57 -14.31 16.26
CA CYS G 22 -13.06 -15.63 16.59
C CYS G 22 -12.62 -16.65 15.55
N ALA G 23 -12.39 -17.88 16.01
CA ALA G 23 -11.98 -18.96 15.12
C ALA G 23 -12.30 -20.30 15.78
N SER G 24 -12.73 -21.25 14.98
CA SER G 24 -13.09 -22.57 15.48
C SER G 24 -12.82 -23.60 14.38
N ASP G 25 -13.31 -24.82 14.59
CA ASP G 25 -13.14 -25.88 13.61
C ASP G 25 -14.36 -25.97 12.69
N ALA G 41 -20.46 -19.71 13.51
CA ALA G 41 -20.28 -18.46 12.78
C ALA G 41 -18.80 -18.15 12.62
N CYS G 42 -17.95 -19.14 12.87
CA CYS G 42 -16.50 -19.00 12.77
C CYS G 42 -15.95 -20.27 12.15
N VAL G 43 -15.68 -20.24 10.85
CA VAL G 43 -15.07 -21.40 10.18
C VAL G 43 -13.84 -20.95 9.41
N PRO G 44 -12.76 -20.53 10.08
CA PRO G 44 -11.51 -20.31 9.35
C PRO G 44 -10.57 -21.50 9.43
N THR G 45 -10.95 -22.49 10.25
CA THR G 45 -10.14 -23.68 10.50
C THR G 45 -8.79 -23.34 11.10
N ASP G 46 -8.03 -24.36 11.53
CA ASP G 46 -6.72 -24.11 12.09
C ASP G 46 -5.84 -25.37 11.99
N PRO G 47 -4.68 -25.26 11.35
CA PRO G 47 -3.76 -26.40 11.31
C PRO G 47 -3.06 -26.61 12.65
N ASN G 48 -2.09 -27.51 12.70
CA ASN G 48 -1.37 -27.75 13.94
C ASN G 48 -0.63 -26.49 14.37
N PRO G 49 -0.89 -25.99 15.58
CA PRO G 49 -0.22 -24.76 16.03
C PRO G 49 1.16 -25.07 16.60
N GLN G 50 1.93 -24.00 16.80
CA GLN G 50 3.26 -24.10 17.39
C GLN G 50 3.45 -22.99 18.40
N GLU G 51 4.29 -23.25 19.39
CA GLU G 51 4.61 -22.30 20.44
C GLU G 51 6.10 -21.97 20.38
N ILE G 52 6.42 -20.68 20.37
CA ILE G 52 7.82 -20.27 20.34
C ILE G 52 8.23 -19.85 21.74
N PRO G 53 9.15 -20.55 22.38
CA PRO G 53 9.63 -20.10 23.68
C PRO G 53 10.49 -18.85 23.55
N LEU G 54 10.48 -18.05 24.60
CA LEU G 54 11.34 -16.88 24.70
C LEU G 54 12.36 -17.11 25.80
N GLU G 55 13.62 -16.76 25.52
CA GLU G 55 14.70 -17.16 26.39
C GLU G 55 14.60 -16.57 27.80
N ASN G 56 14.72 -15.25 27.94
CA ASN G 56 14.78 -14.69 29.28
C ASN G 56 14.01 -13.38 29.37
N VAL G 57 12.83 -13.33 28.81
CA VAL G 57 11.97 -12.16 28.97
C VAL G 57 11.15 -12.33 30.24
N THR G 58 11.03 -11.26 31.00
CA THR G 58 10.20 -11.23 32.21
C THR G 58 9.03 -10.30 31.94
N GLU G 59 7.82 -10.85 31.92
CA GLU G 59 6.65 -10.08 31.53
C GLU G 59 5.63 -10.06 32.65
N ASN G 60 5.07 -8.88 32.92
CA ASN G 60 4.05 -8.75 33.94
C ASN G 60 2.68 -9.02 33.33
N PHE G 61 1.91 -9.90 33.96
CA PHE G 61 0.57 -10.23 33.52
C PHE G 61 -0.46 -9.72 34.52
N ASN G 62 -1.59 -9.26 34.01
CA ASN G 62 -2.69 -8.78 34.84
C ASN G 62 -3.98 -9.24 34.16
N MET G 63 -4.49 -10.40 34.56
CA MET G 63 -5.70 -10.92 33.94
C MET G 63 -6.94 -10.13 34.33
N TRP G 64 -6.92 -9.45 35.49
CA TRP G 64 -8.10 -8.73 35.93
C TRP G 64 -8.42 -7.55 35.00
N LYS G 65 -7.40 -6.85 34.52
CA LYS G 65 -7.61 -5.71 33.64
C LYS G 65 -7.52 -6.09 32.17
N ASN G 66 -7.45 -7.39 31.87
CA ASN G 66 -7.38 -7.83 30.48
C ASN G 66 -8.60 -7.38 29.70
N ASN G 67 -8.38 -6.95 28.47
CA ASN G 67 -9.46 -6.51 27.60
C ASN G 67 -9.91 -7.59 26.64
N MET G 68 -9.10 -8.63 26.45
CA MET G 68 -9.46 -9.69 25.53
C MET G 68 -10.71 -10.44 26.01
N VAL G 69 -10.82 -10.66 27.33
CA VAL G 69 -12.00 -11.32 27.86
C VAL G 69 -13.25 -10.47 27.61
N GLU G 70 -13.10 -9.14 27.62
CA GLU G 70 -14.22 -8.27 27.33
C GLU G 70 -14.72 -8.49 25.90
N GLN G 71 -13.81 -8.63 24.94
CA GLN G 71 -14.22 -8.89 23.56
C GLN G 71 -14.84 -10.27 23.43
N MET G 72 -14.28 -11.26 24.11
CA MET G 72 -14.84 -12.62 24.07
C MET G 72 -16.25 -12.67 24.62
N GLN G 73 -16.50 -11.97 25.72
CA GLN G 73 -17.86 -11.82 26.20
C GLN G 73 -18.60 -10.83 25.30
N GLU G 74 -19.91 -10.99 25.25
CA GLU G 74 -20.83 -10.28 24.36
C GLU G 74 -20.66 -10.78 22.93
N ASP G 75 -19.54 -11.41 22.63
CA ASP G 75 -19.41 -12.14 21.37
C ASP G 75 -19.95 -13.54 21.51
N VAL G 76 -19.64 -14.20 22.63
CA VAL G 76 -20.34 -15.42 22.97
C VAL G 76 -21.84 -15.14 23.10
N ILE G 77 -22.20 -13.95 23.58
CA ILE G 77 -23.61 -13.59 23.70
C ILE G 77 -24.25 -13.44 22.33
N SER G 78 -23.56 -12.79 21.39
CA SER G 78 -24.08 -12.67 20.04
C SER G 78 -24.25 -14.03 19.38
N LEU G 79 -23.28 -14.92 19.57
CA LEU G 79 -23.40 -16.28 19.02
C LEU G 79 -24.58 -17.01 19.65
N TRP G 80 -24.77 -16.86 20.96
CA TRP G 80 -25.90 -17.49 21.63
C TRP G 80 -27.22 -16.95 21.12
N ASP G 81 -27.30 -15.64 20.88
CA ASP G 81 -28.54 -15.03 20.44
C ASP G 81 -28.82 -15.37 18.98
N GLN G 82 -27.78 -15.64 18.19
CA GLN G 82 -27.98 -15.92 16.77
C GLN G 82 -28.82 -17.16 16.55
N SER G 83 -28.62 -18.19 17.37
CA SER G 83 -29.40 -19.42 17.23
C SER G 83 -30.88 -19.20 17.48
N LEU G 84 -31.25 -18.15 18.23
CA LEU G 84 -32.64 -17.85 18.49
C LEU G 84 -33.31 -17.21 17.27
N SER G 186 -28.29 -29.29 23.62
CA SER G 186 -28.44 -28.77 22.26
C SER G 186 -27.09 -28.34 21.72
N PHE G 187 -26.55 -27.25 22.26
CA PHE G 187 -25.27 -26.70 21.80
C PHE G 187 -24.15 -27.61 22.29
N ASP G 188 -23.37 -28.13 21.35
CA ASP G 188 -22.12 -28.78 21.67
C ASP G 188 -21.02 -27.73 21.54
N PRO G 189 -20.60 -27.13 22.64
CA PRO G 189 -19.71 -25.96 22.54
C PRO G 189 -18.37 -26.30 21.91
N ILE G 190 -18.16 -25.82 20.70
CA ILE G 190 -16.89 -26.05 20.01
C ILE G 190 -15.79 -25.28 20.73
N PRO G 191 -14.61 -25.87 20.93
CA PRO G 191 -13.51 -25.08 21.48
C PRO G 191 -13.13 -23.95 20.53
N ILE G 192 -13.41 -22.72 20.92
CA ILE G 192 -13.23 -21.57 20.05
C ILE G 192 -11.81 -21.07 20.21
N HIS G 193 -10.95 -21.41 19.26
CA HIS G 193 -9.54 -21.03 19.31
C HIS G 193 -9.40 -19.59 18.83
N TYR G 194 -9.45 -18.65 19.77
CA TYR G 194 -9.08 -17.28 19.44
C TYR G 194 -7.62 -17.18 19.05
N CYS G 195 -7.33 -16.27 18.13
CA CYS G 195 -6.00 -16.22 17.57
C CYS G 195 -5.71 -14.77 17.21
N ALA G 196 -4.44 -14.46 17.08
CA ALA G 196 -4.21 -13.05 16.87
C ALA G 196 -4.18 -12.70 15.40
N PRO G 197 -4.60 -11.48 15.03
CA PRO G 197 -4.50 -11.07 13.63
C PRO G 197 -3.06 -10.75 13.24
N ALA G 198 -2.86 -10.30 12.00
CA ALA G 198 -1.51 -9.98 11.56
C ALA G 198 -0.96 -8.78 12.32
N GLY G 199 0.34 -8.80 12.61
CA GLY G 199 0.98 -7.72 13.32
C GLY G 199 0.72 -7.69 14.81
N TYR G 200 0.34 -8.81 15.41
CA TYR G 200 0.02 -8.86 16.83
C TYR G 200 0.58 -10.16 17.39
N ALA G 201 0.62 -10.26 18.72
CA ALA G 201 1.12 -11.49 19.32
C ALA G 201 0.33 -11.79 20.59
N ILE G 202 0.28 -13.08 20.93
CA ILE G 202 -0.36 -13.56 22.13
C ILE G 202 0.72 -14.16 23.03
N LEU G 203 0.92 -13.54 24.20
CA LEU G 203 1.89 -14.01 25.16
C LEU G 203 1.21 -14.90 26.18
N LYS G 204 1.77 -16.08 26.41
CA LYS G 204 1.22 -17.06 27.34
C LYS G 204 2.24 -17.29 28.46
N CYS G 205 1.87 -16.91 29.67
CA CYS G 205 2.67 -17.25 30.83
C CYS G 205 2.58 -18.74 31.09
N ASN G 206 3.62 -19.28 31.75
CA ASN G 206 3.75 -20.73 31.84
C ASN G 206 4.16 -21.20 33.24
N ASP G 207 4.12 -20.33 34.24
CA ASP G 207 4.51 -20.74 35.57
C ASP G 207 3.40 -21.57 36.23
N LYS G 208 3.74 -22.21 37.34
CA LYS G 208 2.80 -23.04 38.08
C LYS G 208 2.17 -22.31 39.25
N LYS G 209 2.79 -21.25 39.75
CA LYS G 209 2.25 -20.45 40.85
C LYS G 209 1.98 -19.03 40.37
N PHE G 210 1.42 -18.91 39.16
CA PHE G 210 1.26 -17.62 38.50
C PHE G 210 0.19 -16.77 39.17
N ASN G 211 -0.83 -17.40 39.73
CA ASN G 211 -1.98 -16.87 40.47
C ASN G 211 -2.65 -15.71 39.74
N GLY G 212 -2.42 -15.56 38.44
CA GLY G 212 -3.15 -14.58 37.68
C GLY G 212 -2.49 -13.23 37.51
N THR G 213 -1.85 -12.70 38.56
CA THR G 213 -1.29 -11.36 38.52
C THR G 213 0.16 -11.38 38.97
N GLY G 214 0.99 -10.62 38.26
CA GLY G 214 2.37 -10.45 38.65
C GLY G 214 3.36 -10.75 37.55
N PRO G 215 4.65 -10.70 37.86
CA PRO G 215 5.66 -11.07 36.87
C PRO G 215 5.64 -12.55 36.58
N CYS G 216 6.04 -12.89 35.36
CA CYS G 216 6.12 -14.28 34.92
C CYS G 216 7.32 -14.43 34.00
N LYS G 217 8.03 -15.54 34.17
CA LYS G 217 9.10 -15.98 33.30
C LYS G 217 8.62 -17.19 32.52
N ASN G 218 9.53 -17.78 31.73
CA ASN G 218 9.18 -18.88 30.83
C ASN G 218 8.07 -18.49 29.87
N VAL G 219 7.91 -17.19 29.61
CA VAL G 219 6.80 -16.69 28.84
C VAL G 219 6.96 -17.10 27.39
N SER G 220 6.01 -17.88 26.88
CA SER G 220 6.05 -18.31 25.50
C SER G 220 5.13 -17.42 24.66
N THR G 221 5.31 -17.50 23.34
CA THR G 221 4.42 -16.80 22.42
C THR G 221 3.69 -17.82 21.56
N VAL G 222 2.41 -17.57 21.32
CA VAL G 222 1.58 -18.51 20.58
C VAL G 222 0.68 -17.70 19.65
N GLN G 223 0.42 -18.26 18.47
CA GLN G 223 -0.44 -17.58 17.51
C GLN G 223 -1.90 -17.65 17.91
N CYS G 224 -2.41 -18.86 18.12
CA CYS G 224 -3.83 -19.06 18.39
C CYS G 224 -4.00 -19.72 19.75
N THR G 225 -4.99 -19.25 20.51
CA THR G 225 -5.09 -19.61 21.93
C THR G 225 -5.58 -21.05 22.10
N HIS G 226 -5.58 -21.49 23.35
CA HIS G 226 -6.06 -22.82 23.70
C HIS G 226 -7.57 -22.92 23.50
N GLY G 227 -8.03 -24.16 23.31
CA GLY G 227 -9.45 -24.43 23.20
C GLY G 227 -10.23 -23.96 24.41
N ILE G 228 -11.34 -23.27 24.18
CA ILE G 228 -12.17 -22.70 25.24
C ILE G 228 -13.56 -23.31 25.13
N LYS G 229 -14.12 -23.72 26.26
CA LYS G 229 -15.48 -24.26 26.26
C LYS G 229 -16.41 -23.20 26.83
N PRO G 230 -17.17 -22.49 26.00
CA PRO G 230 -18.07 -21.43 26.51
C PRO G 230 -19.33 -22.02 27.14
N VAL G 231 -19.18 -22.54 28.36
CA VAL G 231 -20.29 -23.14 29.09
C VAL G 231 -20.65 -22.22 30.25
N VAL G 232 -21.92 -21.90 30.36
CA VAL G 232 -22.39 -21.01 31.42
C VAL G 232 -22.46 -21.77 32.73
N SER G 233 -22.02 -21.12 33.81
CA SER G 233 -22.13 -21.65 35.16
C SER G 233 -22.07 -20.47 36.11
N THR G 234 -22.63 -20.65 37.30
CA THR G 234 -22.72 -19.55 38.25
C THR G 234 -21.96 -19.80 39.53
N GLN G 235 -22.19 -20.91 40.21
CA GLN G 235 -21.50 -21.21 41.45
C GLN G 235 -20.43 -22.27 41.30
N LEU G 236 -20.57 -23.19 40.35
CA LEU G 236 -19.62 -24.27 40.16
C LEU G 236 -19.26 -24.33 38.68
N LEU G 237 -18.00 -24.04 38.36
CA LEU G 237 -17.55 -24.07 36.98
C LEU G 237 -17.52 -25.50 36.46
N LEU G 238 -18.14 -25.71 35.31
CA LEU G 238 -18.32 -27.04 34.72
C LEU G 238 -17.51 -27.16 33.45
N ASN G 239 -16.85 -28.30 33.28
CA ASN G 239 -15.98 -28.54 32.13
C ASN G 239 -14.97 -27.42 31.94
N GLY G 240 -14.37 -26.97 33.05
CA GLY G 240 -13.33 -25.98 32.97
C GLY G 240 -11.94 -26.59 32.86
N SER G 241 -11.03 -25.85 32.25
CA SER G 241 -9.67 -26.32 32.09
C SER G 241 -9.01 -26.47 33.47
N LEU G 242 -8.35 -27.59 33.67
CA LEU G 242 -7.84 -27.97 34.98
C LEU G 242 -6.61 -27.16 35.35
N ALA G 243 -6.21 -27.29 36.61
CA ALA G 243 -4.94 -26.73 37.07
C ALA G 243 -3.80 -27.67 36.71
N GLU G 244 -2.59 -27.27 37.09
CA GLU G 244 -1.41 -28.06 36.75
C GLU G 244 -0.74 -28.70 37.96
N GLU G 245 -0.55 -27.96 39.07
CA GLU G 245 0.16 -28.51 40.21
C GLU G 245 -0.73 -28.64 41.45
N GLU G 246 -1.36 -27.56 41.91
CA GLU G 246 -2.15 -27.61 43.12
C GLU G 246 -3.25 -26.56 43.06
N ILE G 247 -4.24 -26.70 43.95
CA ILE G 247 -5.34 -25.74 44.00
C ILE G 247 -4.81 -24.35 44.25
N ILE G 248 -5.43 -23.36 43.61
CA ILE G 248 -4.94 -21.98 43.68
C ILE G 248 -6.10 -21.03 43.92
N ILE G 249 -5.77 -19.82 44.37
CA ILE G 249 -6.76 -18.78 44.67
C ILE G 249 -6.39 -17.54 43.90
N ARG G 250 -7.38 -16.97 43.21
CA ARG G 250 -7.18 -15.77 42.40
C ARG G 250 -8.12 -14.67 42.86
N SER G 251 -7.58 -13.45 42.98
CA SER G 251 -8.37 -12.29 43.35
C SER G 251 -7.66 -11.05 42.87
N GLU G 252 -8.44 -9.98 42.66
CA GLU G 252 -7.85 -8.71 42.26
C GLU G 252 -7.16 -8.02 43.43
N ASN G 253 -7.70 -8.16 44.64
CA ASN G 253 -7.04 -7.68 45.85
C ASN G 253 -7.60 -8.49 47.01
N LEU G 254 -6.83 -9.48 47.45
CA LEU G 254 -7.35 -10.47 48.39
C LEU G 254 -7.73 -9.83 49.73
N THR G 255 -6.91 -8.91 50.22
CA THR G 255 -7.12 -8.33 51.54
C THR G 255 -7.68 -6.91 51.49
N ASN G 256 -7.11 -6.05 50.64
CA ASN G 256 -7.47 -4.64 50.62
C ASN G 256 -8.90 -4.40 50.16
N ASN G 257 -9.55 -5.39 49.55
CA ASN G 257 -10.91 -5.22 49.06
C ASN G 257 -11.70 -6.51 49.27
N ALA G 258 -12.96 -6.36 49.65
CA ALA G 258 -13.86 -7.51 49.83
C ALA G 258 -14.57 -7.79 48.49
N LYS G 259 -13.80 -8.38 47.58
CA LYS G 259 -14.26 -8.67 46.23
C LYS G 259 -14.23 -10.17 45.97
N ASN G 260 -14.92 -10.57 44.90
CA ASN G 260 -15.08 -11.98 44.58
C ASN G 260 -13.74 -12.63 44.24
N ILE G 261 -13.64 -13.93 44.52
CA ILE G 261 -12.43 -14.71 44.34
C ILE G 261 -12.75 -16.00 43.63
N ILE G 262 -11.72 -16.57 43.01
CA ILE G 262 -11.83 -17.80 42.25
C ILE G 262 -10.95 -18.86 42.89
N VAL G 263 -11.47 -20.08 43.01
CA VAL G 263 -10.73 -21.21 43.54
C VAL G 263 -10.60 -22.22 42.41
N HIS G 264 -9.36 -22.57 42.08
CA HIS G 264 -9.04 -23.49 40.99
C HIS G 264 -8.61 -24.83 41.57
N LEU G 265 -9.21 -25.91 41.09
CA LEU G 265 -9.02 -27.25 41.61
C LEU G 265 -8.11 -28.06 40.71
N ASN G 266 -7.75 -29.25 41.19
CA ASN G 266 -6.83 -30.15 40.51
C ASN G 266 -7.53 -31.35 39.88
N LYS G 267 -8.31 -32.08 40.67
CA LYS G 267 -9.03 -33.25 40.19
C LYS G 267 -10.49 -32.87 40.00
N SER G 268 -10.92 -32.76 38.74
CA SER G 268 -12.29 -32.41 38.46
C SER G 268 -13.23 -33.48 39.00
N VAL G 269 -14.30 -33.05 39.67
CA VAL G 269 -15.23 -33.97 40.31
C VAL G 269 -16.43 -34.15 39.40
N SER G 270 -16.73 -35.38 39.05
CA SER G 270 -17.84 -35.64 38.14
C SER G 270 -19.15 -35.63 38.90
N ILE G 271 -20.12 -34.84 38.43
CA ILE G 271 -21.47 -34.86 38.97
C ILE G 271 -22.43 -35.12 37.83
N SER G 272 -23.61 -35.65 38.17
CA SER G 272 -24.58 -36.07 37.17
C SER G 272 -25.90 -35.35 37.38
N CYS G 273 -26.79 -35.50 36.40
CA CYS G 273 -28.12 -34.91 36.43
C CYS G 273 -28.04 -33.39 36.53
N CYS G 307 -26.83 -32.05 41.19
CA CYS G 307 -27.97 -32.94 41.27
C CYS G 307 -27.61 -34.28 41.90
N GLU G 308 -26.37 -34.72 41.68
CA GLU G 308 -25.90 -35.99 42.21
C GLU G 308 -24.39 -35.90 42.36
N LEU G 309 -23.90 -35.94 43.59
CA LEU G 309 -22.49 -35.72 43.88
C LEU G 309 -21.99 -36.77 44.87
N ASN G 310 -20.68 -37.03 44.82
CA ASN G 310 -20.07 -38.06 45.64
C ASN G 310 -19.39 -37.44 46.85
N GLY G 311 -19.76 -37.92 48.04
CA GLY G 311 -19.40 -37.22 49.27
C GLY G 311 -17.92 -37.23 49.59
N THR G 312 -17.25 -38.36 49.36
CA THR G 312 -15.86 -38.50 49.76
C THR G 312 -14.97 -37.47 49.07
N GLU G 313 -15.14 -37.34 47.76
CA GLU G 313 -14.36 -36.36 47.00
C GLU G 313 -14.66 -34.95 47.48
N TRP G 314 -15.93 -34.66 47.79
CA TRP G 314 -16.27 -33.34 48.28
C TRP G 314 -15.58 -33.05 49.61
N ASN G 315 -15.57 -34.03 50.52
CA ASN G 315 -14.91 -33.82 51.81
C ASN G 315 -13.41 -33.60 51.63
N GLU G 316 -12.78 -34.39 50.75
CA GLU G 316 -11.36 -34.21 50.50
C GLU G 316 -11.07 -32.83 49.93
N THR G 317 -11.85 -32.41 48.93
CA THR G 317 -11.62 -31.12 48.31
C THR G 317 -11.85 -29.99 49.30
N LEU G 318 -12.88 -30.12 50.15
CA LEU G 318 -13.12 -29.10 51.16
C LEU G 318 -11.97 -29.01 52.14
N ASN G 319 -11.43 -30.16 52.57
CA ASN G 319 -10.31 -30.14 53.50
C ASN G 319 -9.10 -29.46 52.88
N LYS G 320 -8.77 -29.83 51.64
CA LYS G 320 -7.61 -29.23 50.99
C LYS G 320 -7.81 -27.74 50.75
N VAL G 321 -9.03 -27.34 50.37
CA VAL G 321 -9.31 -25.92 50.14
C VAL G 321 -9.17 -25.13 51.43
N THR G 322 -9.69 -25.66 52.53
CA THR G 322 -9.56 -24.98 53.82
C THR G 322 -8.10 -24.85 54.22
N GLU G 323 -7.34 -25.93 54.05
CA GLU G 323 -5.92 -25.87 54.39
C GLU G 323 -5.19 -24.83 53.55
N LYS G 324 -5.51 -24.77 52.25
CA LYS G 324 -4.86 -23.79 51.38
C LYS G 324 -5.24 -22.37 51.75
N LEU G 325 -6.52 -22.13 52.03
CA LEU G 325 -6.96 -20.78 52.40
C LEU G 325 -6.45 -20.36 53.77
N LYS G 326 -6.07 -21.32 54.62
CA LYS G 326 -5.41 -20.96 55.88
C LYS G 326 -4.12 -20.20 55.62
N GLU G 327 -3.46 -20.47 54.49
CA GLU G 327 -2.21 -19.81 54.17
C GLU G 327 -2.40 -18.32 53.88
N HIS G 328 -3.61 -17.90 53.54
CA HIS G 328 -3.88 -16.50 53.20
C HIS G 328 -4.71 -15.77 54.25
N PHE G 329 -5.70 -16.42 54.85
CA PHE G 329 -6.52 -15.82 55.88
C PHE G 329 -6.35 -16.58 57.18
N ASN G 330 -6.13 -15.85 58.27
CA ASN G 330 -5.76 -16.46 59.55
C ASN G 330 -6.91 -17.21 60.22
N LYS G 331 -8.12 -16.68 60.15
CA LYS G 331 -9.25 -17.25 60.88
C LYS G 331 -9.60 -18.63 60.32
N THR G 332 -10.45 -19.35 61.06
CA THR G 332 -10.93 -20.64 60.60
C THR G 332 -11.95 -20.45 59.48
N ILE G 333 -11.72 -21.12 58.36
CA ILE G 333 -12.52 -20.95 57.17
C ILE G 333 -13.42 -22.18 57.02
N VAL G 334 -14.73 -21.98 57.18
CA VAL G 334 -15.73 -22.99 56.90
C VAL G 334 -16.89 -22.32 56.20
N PHE G 335 -17.51 -23.04 55.28
CA PHE G 335 -18.39 -22.45 54.27
C PHE G 335 -19.85 -22.63 54.67
N GLN G 336 -20.54 -21.51 54.84
CA GLN G 336 -21.93 -21.42 55.24
C GLN G 336 -22.85 -21.20 54.04
N PRO G 337 -24.16 -21.36 54.20
CA PRO G 337 -25.07 -21.26 53.06
C PRO G 337 -25.15 -19.83 52.53
N PRO G 338 -25.74 -19.63 51.35
CA PRO G 338 -25.78 -18.28 50.77
C PRO G 338 -26.45 -17.23 51.63
N SER G 339 -27.71 -17.47 52.01
CA SER G 339 -28.52 -16.47 52.73
C SER G 339 -28.57 -15.16 51.96
N GLY G 340 -28.77 -15.26 50.65
CA GLY G 340 -28.79 -14.09 49.79
C GLY G 340 -30.17 -13.68 49.33
N GLY G 341 -30.23 -13.02 48.18
CA GLY G 341 -31.49 -12.50 47.67
C GLY G 341 -32.04 -13.22 46.46
N ASP G 342 -31.84 -12.64 45.28
CA ASP G 342 -32.42 -13.18 44.06
C ASP G 342 -31.83 -14.57 43.76
N LEU G 343 -32.67 -15.44 43.21
CA LEU G 343 -32.28 -16.83 42.98
C LEU G 343 -31.32 -16.99 41.81
N GLU G 344 -31.07 -15.94 41.03
CA GLU G 344 -30.15 -16.05 39.91
C GLU G 344 -28.72 -16.29 40.40
N THR G 345 -28.26 -15.47 41.35
CA THR G 345 -26.90 -15.55 41.86
C THR G 345 -26.80 -16.33 43.16
N THR G 346 -27.90 -16.88 43.66
CA THR G 346 -27.90 -17.61 44.92
C THR G 346 -27.83 -19.11 44.74
N MET G 347 -28.52 -19.65 43.75
CA MET G 347 -28.53 -21.09 43.49
C MET G 347 -27.50 -21.43 42.41
N HIS G 348 -27.48 -22.70 42.05
CA HIS G 348 -26.66 -23.21 40.96
C HIS G 348 -27.41 -23.05 39.65
N HIS G 349 -26.74 -22.53 38.63
CA HIS G 349 -27.32 -22.35 37.32
C HIS G 349 -26.43 -23.00 36.28
N PHE G 350 -27.04 -23.73 35.34
CA PHE G 350 -26.32 -24.13 34.13
C PHE G 350 -27.34 -24.60 33.10
N ASN G 351 -26.84 -25.07 31.95
CA ASN G 351 -27.69 -25.62 30.91
C ASN G 351 -27.09 -26.93 30.42
N CYS G 352 -27.95 -27.78 29.87
CA CYS G 352 -27.55 -29.14 29.54
C CYS G 352 -28.55 -29.74 28.57
N ARG G 353 -28.08 -30.17 27.40
CA ARG G 353 -28.91 -30.84 26.41
C ARG G 353 -30.15 -30.02 26.07
N GLY G 354 -29.98 -28.70 26.03
CA GLY G 354 -31.05 -27.79 25.67
C GLY G 354 -31.97 -27.37 26.79
N GLU G 355 -31.75 -27.85 28.01
CA GLU G 355 -32.61 -27.54 29.14
C GLU G 355 -31.83 -26.75 30.19
N PHE G 356 -32.44 -25.68 30.68
CA PHE G 356 -31.84 -24.90 31.76
C PHE G 356 -32.08 -25.58 33.10
N PHE G 357 -31.18 -25.37 34.05
CA PHE G 357 -31.28 -25.92 35.39
C PHE G 357 -30.93 -24.84 36.40
N TYR G 358 -31.85 -24.60 37.32
CA TYR G 358 -31.70 -23.70 38.46
C TYR G 358 -31.84 -24.56 39.71
N CYS G 359 -30.75 -25.17 40.13
CA CYS G 359 -30.79 -26.11 41.25
C CYS G 359 -30.42 -25.41 42.56
N ASN G 360 -31.33 -25.49 43.52
CA ASN G 360 -31.10 -24.95 44.86
C ASN G 360 -30.13 -25.88 45.58
N THR G 361 -28.88 -25.46 45.70
CA THR G 361 -27.85 -26.24 46.38
C THR G 361 -27.45 -25.53 47.67
N THR G 362 -27.61 -26.23 48.79
CA THR G 362 -27.23 -25.71 50.09
C THR G 362 -26.49 -26.73 50.96
N LYS G 363 -26.52 -28.01 50.62
CA LYS G 363 -25.82 -29.03 51.39
C LYS G 363 -24.33 -29.06 51.10
N LEU G 364 -23.89 -28.35 50.07
CA LEU G 364 -22.46 -28.27 49.77
C LEU G 364 -21.72 -27.33 50.69
N PHE G 365 -22.43 -26.65 51.60
CA PHE G 365 -21.81 -25.72 52.53
C PHE G 365 -22.49 -25.92 53.89
N ASN G 366 -22.21 -25.01 54.82
CA ASN G 366 -22.65 -25.14 56.22
C ASN G 366 -22.06 -26.42 56.76
N THR G 367 -22.87 -27.39 57.22
CA THR G 367 -22.39 -28.65 57.79
C THR G 367 -21.40 -28.39 58.93
N LYS G 368 -21.80 -27.49 59.83
CA LYS G 368 -20.97 -27.14 60.98
C LYS G 368 -20.80 -28.33 61.92
N GLU G 374 -20.70 -36.74 57.86
CA GLU G 374 -21.74 -35.86 57.30
C GLU G 374 -22.33 -36.46 56.03
N PHE G 375 -21.57 -36.39 54.94
CA PHE G 375 -22.04 -36.92 53.67
C PHE G 375 -22.27 -38.42 53.75
N ASN G 376 -21.21 -39.18 53.99
CA ASN G 376 -21.28 -40.61 54.24
C ASN G 376 -21.96 -41.37 53.11
N GLY G 377 -21.82 -40.89 51.89
CA GLY G 377 -22.46 -41.52 50.75
C GLY G 377 -22.74 -40.48 49.67
N THR G 378 -23.60 -40.86 48.74
CA THR G 378 -23.93 -40.01 47.61
C THR G 378 -24.99 -38.99 48.02
N ILE G 379 -24.73 -37.72 47.73
CA ILE G 379 -25.67 -36.65 48.02
C ILE G 379 -26.45 -36.33 46.75
N ILE G 380 -27.71 -35.96 46.92
CA ILE G 380 -28.63 -35.73 45.80
C ILE G 380 -29.26 -34.36 45.97
N LEU G 381 -29.36 -33.62 44.87
CA LEU G 381 -29.94 -32.27 44.87
C LEU G 381 -30.67 -32.03 43.56
N PRO G 382 -31.82 -32.68 43.35
CA PRO G 382 -32.58 -32.44 42.13
C PRO G 382 -33.27 -31.09 42.17
N CYS G 383 -33.73 -30.64 41.00
CA CYS G 383 -34.41 -29.37 40.89
C CYS G 383 -35.21 -29.35 39.59
N ARG G 384 -35.99 -28.29 39.42
CA ARG G 384 -36.90 -28.16 38.29
C ARG G 384 -36.54 -26.91 37.49
N ILE G 385 -37.23 -26.73 36.37
CA ILE G 385 -36.99 -25.59 35.49
C ILE G 385 -37.93 -24.45 35.84
N SER G 405 -41.70 -38.28 33.52
CA SER G 405 -40.43 -38.97 33.36
C SER G 405 -39.37 -38.38 34.29
N GLY G 406 -38.28 -39.11 34.48
CA GLY G 406 -37.21 -38.65 35.34
C GLY G 406 -36.40 -37.54 34.71
N ILE G 407 -35.54 -36.93 35.53
CA ILE G 407 -34.70 -35.85 35.05
C ILE G 407 -33.70 -36.41 34.03
N ILE G 408 -33.35 -35.58 33.05
CA ILE G 408 -32.37 -35.96 32.05
C ILE G 408 -31.05 -36.32 32.72
N ASN G 409 -30.41 -37.39 32.23
CA ASN G 409 -29.14 -37.82 32.77
C ASN G 409 -28.03 -36.86 32.33
N CYS G 410 -28.04 -35.65 32.88
CA CYS G 410 -26.98 -34.70 32.61
C CYS G 410 -25.71 -35.08 33.37
N THR G 411 -24.58 -34.55 32.91
CA THR G 411 -23.30 -34.77 33.55
C THR G 411 -22.43 -33.53 33.39
N SER G 412 -21.49 -33.35 34.31
CA SER G 412 -20.61 -32.19 34.27
C SER G 412 -19.41 -32.44 35.15
N ASN G 413 -18.40 -31.58 34.98
CA ASN G 413 -17.11 -31.65 35.63
C ASN G 413 -16.92 -30.42 36.50
N ILE G 414 -17.06 -30.57 37.82
CA ILE G 414 -16.65 -29.51 38.73
C ILE G 414 -15.16 -29.30 38.57
N THR G 415 -14.78 -28.08 38.20
CA THR G 415 -13.36 -27.77 38.05
C THR G 415 -12.95 -26.57 38.88
N GLY G 416 -13.81 -25.58 38.99
CA GLY G 416 -13.50 -24.38 39.76
C GLY G 416 -14.72 -23.86 40.47
N ILE G 417 -14.49 -23.21 41.60
CA ILE G 417 -15.57 -22.73 42.46
C ILE G 417 -15.39 -21.23 42.69
N ILE G 418 -16.46 -20.48 42.51
CA ILE G 418 -16.46 -19.04 42.76
C ILE G 418 -16.85 -18.81 44.21
N LEU G 419 -16.09 -17.98 44.92
CA LEU G 419 -16.35 -17.73 46.33
C LEU G 419 -16.27 -16.24 46.60
N THR G 420 -16.91 -15.82 47.69
CA THR G 420 -16.92 -14.42 48.09
C THR G 420 -17.07 -14.32 49.59
N ARG G 421 -16.27 -13.46 50.22
CA ARG G 421 -16.30 -13.31 51.66
C ARG G 421 -17.27 -12.19 52.06
N ASP G 422 -18.00 -12.41 53.15
CA ASP G 422 -18.89 -11.39 53.69
C ASP G 422 -18.21 -10.56 54.78
N GLY G 423 -17.04 -10.02 54.47
CA GLY G 423 -16.28 -9.24 55.42
C GLY G 423 -15.62 -10.09 56.50
N THR G 429 -10.99 -16.01 64.34
CA THR G 429 -12.41 -16.33 64.51
C THR G 429 -12.90 -17.26 63.41
N ASP G 430 -14.18 -17.15 63.08
CA ASP G 430 -14.80 -17.96 62.03
C ASP G 430 -15.18 -17.05 60.87
N GLU G 431 -14.70 -17.38 59.68
CA GLU G 431 -14.92 -16.54 58.51
C GLU G 431 -15.85 -17.25 57.54
N THR G 432 -16.52 -16.46 56.69
CA THR G 432 -17.55 -16.97 55.80
C THR G 432 -17.26 -16.57 54.36
N PHE G 433 -16.85 -17.53 53.54
CA PHE G 433 -16.98 -17.37 52.11
C PHE G 433 -18.39 -17.71 51.66
N ARG G 434 -18.71 -17.34 50.43
CA ARG G 434 -20.06 -17.46 49.92
C ARG G 434 -20.04 -17.98 48.50
N PRO G 435 -20.74 -19.06 48.21
CA PRO G 435 -20.88 -19.49 46.82
C PRO G 435 -21.62 -18.45 46.00
N GLY G 436 -21.38 -18.47 44.69
CA GLY G 436 -22.03 -17.50 43.84
C GLY G 436 -21.49 -16.10 44.04
N GLY G 437 -22.32 -15.12 43.71
CA GLY G 437 -21.89 -13.74 43.73
C GLY G 437 -21.17 -13.35 42.45
N GLY G 438 -20.76 -12.08 42.41
CA GLY G 438 -20.12 -11.57 41.21
C GLY G 438 -21.06 -11.58 40.03
N ASN G 439 -20.57 -12.05 38.89
CA ASN G 439 -21.34 -12.10 37.67
C ASN G 439 -20.71 -13.15 36.75
N ILE G 440 -21.06 -13.12 35.47
CA ILE G 440 -20.64 -14.17 34.55
C ILE G 440 -19.34 -13.82 33.82
N LYS G 441 -18.94 -12.54 33.81
CA LYS G 441 -17.61 -12.18 33.34
C LYS G 441 -16.54 -12.94 34.13
N ASP G 442 -16.75 -13.08 35.44
CA ASP G 442 -15.83 -13.86 36.25
C ASP G 442 -15.81 -15.32 35.81
N ASN G 443 -16.97 -15.82 35.35
CA ASN G 443 -17.00 -17.17 34.81
C ASN G 443 -16.10 -17.29 33.59
N TRP G 444 -16.20 -16.36 32.65
CA TRP G 444 -15.29 -16.50 31.52
C TRP G 444 -13.86 -16.04 31.80
N ARG G 445 -13.60 -15.42 32.95
CA ARG G 445 -12.22 -15.09 33.30
C ARG G 445 -11.49 -16.24 33.96
N SER G 446 -12.20 -17.31 34.34
CA SER G 446 -11.57 -18.42 35.03
C SER G 446 -10.68 -19.25 34.13
N GLU G 447 -10.71 -19.00 32.82
CA GLU G 447 -9.85 -19.71 31.89
C GLU G 447 -8.88 -18.80 31.15
N LEU G 448 -9.35 -17.67 30.64
CA LEU G 448 -8.51 -16.81 29.82
C LEU G 448 -7.69 -15.84 30.66
N TYR G 449 -6.97 -16.39 31.63
CA TYR G 449 -6.08 -15.62 32.48
C TYR G 449 -4.61 -15.88 32.18
N LYS G 450 -4.31 -16.77 31.24
CA LYS G 450 -2.94 -17.10 30.89
C LYS G 450 -2.45 -16.37 29.66
N TYR G 451 -3.25 -15.47 29.09
CA TYR G 451 -2.92 -14.88 27.80
C TYR G 451 -3.02 -13.37 27.87
N LYS G 452 -2.09 -12.71 27.19
CA LYS G 452 -2.11 -11.27 27.02
C LYS G 452 -1.88 -10.93 25.55
N VAL G 453 -2.54 -9.86 25.10
CA VAL G 453 -2.46 -9.42 23.71
C VAL G 453 -1.46 -8.27 23.64
N VAL G 454 -0.48 -8.39 22.74
CA VAL G 454 0.60 -7.42 22.69
C VAL G 454 0.85 -7.02 21.24
N GLN G 455 1.33 -5.79 21.06
CA GLN G 455 1.53 -5.22 19.73
C GLN G 455 3.02 -5.07 19.45
N ILE G 456 3.46 -5.58 18.31
CA ILE G 456 4.83 -5.44 17.87
C ILE G 456 5.04 -4.06 17.29
N GLU G 457 6.19 -3.45 17.58
CA GLU G 457 6.55 -2.13 17.06
C GLU G 457 7.91 -2.25 16.40
N PRO G 458 7.95 -2.77 15.19
CA PRO G 458 9.24 -3.08 14.53
C PRO G 458 9.95 -1.85 13.98
N LEU G 459 10.48 -1.03 14.89
CA LEU G 459 11.27 0.13 14.50
C LEU G 459 12.06 0.59 15.71
N GLY G 460 13.40 0.63 15.58
CA GLY G 460 14.24 1.03 16.68
C GLY G 460 15.36 1.94 16.21
N ILE G 461 15.94 2.66 17.16
CA ILE G 461 17.07 3.53 16.91
C ILE G 461 18.16 3.19 17.92
N ALA G 462 19.41 3.29 17.49
CA ALA G 462 20.52 2.88 18.33
C ALA G 462 21.77 3.65 17.91
N PRO G 463 22.72 3.84 18.83
CA PRO G 463 23.96 4.53 18.48
C PRO G 463 25.03 3.57 17.96
N THR G 464 25.74 4.02 16.93
CA THR G 464 26.87 3.27 16.39
C THR G 464 27.77 4.23 15.64
N ARG G 465 28.68 3.71 14.82
CA ARG G 465 29.64 4.52 14.10
C ARG G 465 29.32 4.49 12.60
N CYS G 466 28.74 5.58 12.11
CA CYS G 466 28.48 5.79 10.70
C CYS G 466 28.50 7.27 10.36
N LYS G 467 28.71 7.56 9.09
CA LYS G 467 28.57 8.90 8.55
C LYS G 467 27.81 8.98 7.24
N ARG G 468 27.66 7.88 6.51
CA ARG G 468 26.99 7.89 5.23
C ARG G 468 25.49 8.07 5.39
N GLY G 492 11.44 -17.42 14.10
CA GLY G 492 11.11 -16.22 13.37
C GLY G 492 11.16 -14.97 14.20
N PHE G 493 10.13 -14.13 14.10
CA PHE G 493 10.06 -12.92 14.89
C PHE G 493 9.92 -13.26 16.37
N LEU G 494 10.39 -12.35 17.22
CA LEU G 494 10.32 -12.43 18.67
C LEU G 494 11.17 -13.55 19.24
N GLY G 495 11.85 -14.33 18.39
CA GLY G 495 12.67 -15.42 18.92
C GLY G 495 13.85 -14.93 19.72
N ALA G 496 14.50 -13.87 19.27
CA ALA G 496 15.65 -13.31 19.97
C ALA G 496 15.27 -12.26 20.99
N ALA G 497 14.00 -11.88 21.09
CA ALA G 497 13.61 -10.85 22.02
C ALA G 497 13.96 -11.28 23.44
N GLY G 498 14.44 -10.33 24.24
CA GLY G 498 14.93 -10.63 25.55
C GLY G 498 16.38 -11.06 25.61
N SER G 499 17.01 -11.30 24.46
CA SER G 499 18.43 -11.60 24.41
C SER G 499 19.23 -10.31 24.21
N THR G 500 20.54 -10.43 24.13
CA THR G 500 21.40 -9.27 24.06
C THR G 500 21.17 -8.52 22.75
N MET G 501 21.62 -7.27 22.74
CA MET G 501 21.48 -6.40 21.57
C MET G 501 22.14 -7.02 20.35
N GLY G 502 23.34 -7.58 20.53
CA GLY G 502 24.09 -8.09 19.39
C GLY G 502 23.40 -9.25 18.69
N ALA G 503 22.90 -10.22 19.48
CA ALA G 503 22.27 -11.38 18.88
C ALA G 503 21.02 -10.99 18.09
N ALA G 504 20.18 -10.12 18.67
CA ALA G 504 18.98 -9.69 17.98
C ALA G 504 19.33 -8.89 16.73
N SER G 505 20.36 -8.06 16.79
CA SER G 505 20.79 -7.32 15.61
C SER G 505 21.25 -8.27 14.51
N ILE G 506 22.02 -9.30 14.88
CA ILE G 506 22.56 -10.23 13.87
C ILE G 506 21.42 -11.04 13.25
N THR G 507 20.56 -11.62 14.08
CA THR G 507 19.51 -12.50 13.58
C THR G 507 18.46 -11.77 12.77
N LEU G 508 18.46 -10.43 12.79
CA LEU G 508 17.49 -9.66 12.05
C LEU G 508 17.83 -9.72 10.57
N THR G 509 17.18 -10.63 9.85
CA THR G 509 17.33 -10.78 8.41
C THR G 509 16.00 -10.47 7.73
N VAL G 510 16.02 -10.47 6.39
CA VAL G 510 14.85 -10.09 5.62
C VAL G 510 13.78 -11.15 5.78
N GLN G 511 12.57 -10.72 6.17
CA GLN G 511 11.47 -11.66 6.34
C GLN G 511 10.91 -12.12 5.00
N ALA G 512 11.03 -11.29 3.96
CA ALA G 512 10.50 -11.56 2.63
C ALA G 512 8.98 -11.76 2.65
N ARG G 513 8.31 -11.30 3.70
CA ARG G 513 6.86 -11.34 3.79
C ARG G 513 6.36 -9.96 4.24
N GLN G 514 5.04 -9.81 4.26
CA GLN G 514 4.45 -8.50 4.56
C GLN G 514 4.77 -8.06 5.99
N LEU G 515 4.49 -8.91 6.96
CA LEU G 515 4.79 -8.60 8.37
C LEU G 515 5.53 -9.74 9.03
N TRP G 522 -2.51 -16.34 6.52
CA TRP G 522 -1.80 -17.26 7.40
C TRP G 522 -2.42 -18.66 7.35
N LEU G 523 -3.12 -19.04 8.43
CA LEU G 523 -3.78 -20.34 8.44
C LEU G 523 -4.85 -20.48 7.36
N PRO G 524 -5.82 -19.55 7.23
CA PRO G 524 -6.90 -19.78 6.27
C PRO G 524 -6.40 -19.75 4.83
N ASP G 525 -7.13 -20.45 3.97
CA ASP G 525 -6.80 -20.53 2.55
C ASP G 525 -8.10 -20.45 1.76
N MET G 526 -8.32 -19.31 1.09
CA MET G 526 -9.47 -19.09 0.20
C MET G 526 -10.78 -19.34 0.97
N THR G 527 -11.02 -18.45 1.93
CA THR G 527 -12.21 -18.52 2.77
C THR G 527 -12.78 -17.12 2.92
N VAL G 528 -14.11 -17.01 2.92
CA VAL G 528 -14.75 -15.73 3.18
C VAL G 528 -14.34 -15.24 4.57
N TRP G 529 -13.68 -14.10 4.62
CA TRP G 529 -13.05 -13.67 5.86
C TRP G 529 -14.06 -13.15 6.87
N GLY G 530 -15.05 -12.38 6.41
CA GLY G 530 -15.98 -11.74 7.30
C GLY G 530 -15.53 -10.35 7.72
N ILE G 531 -16.31 -9.73 8.59
CA ILE G 531 -16.09 -8.33 8.94
C ILE G 531 -14.82 -8.16 9.74
N LYS G 532 -14.62 -9.00 10.76
CA LYS G 532 -13.51 -8.78 11.68
C LYS G 532 -12.16 -9.10 11.03
N GLN G 533 -12.07 -10.21 10.30
CA GLN G 533 -10.86 -10.50 9.54
C GLN G 533 -10.49 -9.36 8.62
N LEU G 534 -11.45 -8.85 7.86
CA LEU G 534 -11.11 -7.87 6.84
C LEU G 534 -10.79 -6.52 7.47
N GLN G 535 -11.49 -6.16 8.55
CA GLN G 535 -11.08 -5.04 9.38
C GLN G 535 -9.63 -5.14 9.80
N ALA G 536 -9.26 -6.30 10.37
CA ALA G 536 -7.90 -6.47 10.86
C ALA G 536 -6.88 -6.38 9.73
N ARG G 537 -7.18 -7.00 8.59
CA ARG G 537 -6.25 -6.99 7.47
C ARG G 537 -6.05 -5.57 6.93
N VAL G 538 -7.15 -4.82 6.80
CA VAL G 538 -7.03 -3.44 6.32
C VAL G 538 -6.22 -2.60 7.30
N LEU G 539 -6.47 -2.77 8.60
CA LEU G 539 -5.70 -2.03 9.59
C LEU G 539 -4.22 -2.38 9.52
N ALA G 540 -3.92 -3.68 9.36
CA ALA G 540 -2.52 -4.11 9.29
C ALA G 540 -1.82 -3.52 8.08
N VAL G 541 -2.47 -3.57 6.92
CA VAL G 541 -1.83 -3.05 5.72
C VAL G 541 -1.67 -1.54 5.81
N GLU G 542 -2.63 -0.86 6.42
CA GLU G 542 -2.50 0.59 6.61
C GLU G 542 -1.34 0.90 7.54
N ARG G 543 -1.19 0.13 8.61
CA ARG G 543 -0.07 0.35 9.53
C ARG G 543 1.27 0.12 8.83
N TYR G 544 1.35 -0.94 8.02
CA TYR G 544 2.60 -1.17 7.29
C TYR G 544 2.89 -0.05 6.32
N LEU G 545 1.89 0.43 5.59
CA LEU G 545 2.12 1.52 4.66
C LEU G 545 2.56 2.78 5.39
N LYS G 546 1.94 3.09 6.53
CA LYS G 546 2.35 4.25 7.30
C LYS G 546 3.79 4.11 7.76
N ASP G 547 4.16 2.94 8.26
CA ASP G 547 5.53 2.74 8.75
C ASP G 547 6.53 2.84 7.60
N GLN G 548 6.20 2.27 6.45
CA GLN G 548 7.12 2.32 5.32
C GLN G 548 7.28 3.74 4.81
N LYS G 549 6.20 4.51 4.76
CA LYS G 549 6.33 5.91 4.38
C LYS G 549 7.18 6.68 5.38
N PHE G 550 6.97 6.40 6.68
CA PHE G 550 7.76 7.07 7.70
C PHE G 550 9.24 6.77 7.55
N LEU G 551 9.57 5.51 7.28
CA LEU G 551 10.97 5.15 7.07
C LEU G 551 11.51 5.74 5.77
N GLY G 552 10.65 5.88 4.77
CA GLY G 552 11.08 6.37 3.47
C GLY G 552 11.32 7.87 3.41
N LEU G 553 10.88 8.61 4.42
CA LEU G 553 11.18 10.04 4.44
C LEU G 553 12.67 10.30 4.48
N TRP G 554 13.43 9.38 5.08
CA TRP G 554 14.88 9.51 5.08
C TRP G 554 15.42 8.80 3.84
N GLY G 555 16.74 8.60 3.79
CA GLY G 555 17.29 7.75 2.75
C GLY G 555 17.11 6.27 3.00
N CYS G 556 16.62 5.91 4.18
CA CYS G 556 16.49 4.51 4.59
C CYS G 556 15.20 3.96 3.99
N SER G 557 15.27 3.57 2.71
CA SER G 557 14.10 3.15 1.96
C SER G 557 14.03 1.64 1.78
N GLY G 558 15.07 1.04 1.19
CA GLY G 558 15.05 -0.38 0.88
C GLY G 558 15.94 -1.27 1.72
N LYS G 559 16.52 -0.76 2.79
CA LYS G 559 17.46 -1.51 3.61
C LYS G 559 16.88 -1.75 4.99
N ILE G 560 17.10 -2.97 5.50
CA ILE G 560 16.65 -3.30 6.86
C ILE G 560 17.35 -2.42 7.88
N ILE G 561 18.67 -2.33 7.79
CA ILE G 561 19.47 -1.44 8.61
C ILE G 561 19.74 -0.17 7.82
N CYS G 562 19.86 0.97 8.51
CA CYS G 562 20.29 2.17 7.82
C CYS G 562 20.89 3.14 8.82
N CYS G 563 22.13 3.55 8.59
CA CYS G 563 22.81 4.47 9.48
C CYS G 563 23.04 5.80 8.76
N THR G 564 22.58 6.88 9.37
CA THR G 564 22.54 8.20 8.77
C THR G 564 23.46 9.15 9.52
N ASN G 565 23.42 10.43 9.12
CA ASN G 565 24.34 11.44 9.62
C ASN G 565 23.62 12.35 10.61
N VAL G 566 23.59 11.92 11.86
CA VAL G 566 23.07 12.73 12.96
C VAL G 566 23.94 12.53 14.19
N PRO G 567 24.52 13.58 14.77
CA PRO G 567 25.27 13.43 16.01
C PRO G 567 24.36 13.00 17.16
N TRP G 568 24.93 12.26 18.09
CA TRP G 568 24.20 11.64 19.18
C TRP G 568 24.34 12.51 20.43
N ASN G 569 23.25 13.20 20.79
CA ASN G 569 23.23 14.03 22.00
C ASN G 569 23.29 13.12 23.22
N SER G 570 24.35 13.25 24.01
CA SER G 570 24.61 12.31 25.10
C SER G 570 23.52 12.33 26.16
N THR G 571 22.71 13.38 26.23
CA THR G 571 21.69 13.46 27.27
C THR G 571 20.56 12.46 27.06
N TRP G 572 20.41 11.91 25.86
CA TRP G 572 19.32 10.98 25.60
C TRP G 572 19.50 9.69 26.38
N SER G 573 20.71 9.16 26.44
CA SER G 573 20.96 7.86 27.06
C SER G 573 21.81 7.96 28.30
N ASN G 574 22.95 8.63 28.23
CA ASN G 574 23.92 8.67 29.34
C ASN G 574 24.32 7.26 29.75
N LYS G 575 24.49 6.39 28.77
CA LYS G 575 24.90 5.01 29.00
C LYS G 575 26.10 4.69 28.12
N SER G 576 27.03 3.92 28.67
CA SER G 576 28.23 3.55 27.94
C SER G 576 27.87 2.68 26.75
N TYR G 577 28.65 2.82 25.68
CA TYR G 577 28.39 2.08 24.45
C TYR G 577 28.45 0.57 24.68
N GLU G 578 29.43 0.12 25.47
CA GLU G 578 29.49 -1.29 25.85
C GLU G 578 28.22 -1.71 26.58
N GLU G 579 27.78 -0.88 27.53
CA GLU G 579 26.54 -1.19 28.24
C GLU G 579 25.35 -1.24 27.31
N ILE G 580 25.35 -0.39 26.28
CA ILE G 580 24.21 -0.37 25.37
C ILE G 580 24.15 -1.63 24.53
N TRP G 581 25.29 -2.05 23.97
CA TRP G 581 25.29 -3.10 22.96
C TRP G 581 25.80 -4.45 23.47
N ASN G 582 26.00 -4.61 24.77
CA ASN G 582 26.44 -5.88 25.31
C ASN G 582 25.62 -6.38 26.50
N ASN G 583 24.77 -5.55 27.09
CA ASN G 583 24.13 -5.89 28.35
C ASN G 583 22.62 -5.64 28.39
N MET G 584 22.09 -4.71 27.62
CA MET G 584 20.69 -4.31 27.73
C MET G 584 19.89 -4.86 26.56
N THR G 585 18.81 -5.56 26.87
CA THR G 585 17.95 -6.11 25.82
C THR G 585 17.18 -4.99 25.12
N TRP G 586 16.61 -5.34 23.96
CA TRP G 586 15.90 -4.35 23.17
C TRP G 586 14.72 -3.75 23.91
N ILE G 587 13.98 -4.59 24.66
CA ILE G 587 12.74 -4.12 25.26
C ILE G 587 13.01 -3.06 26.32
N GLU G 588 14.12 -3.17 27.05
CA GLU G 588 14.47 -2.13 28.01
C GLU G 588 15.05 -0.91 27.33
N TRP G 589 15.77 -1.09 26.23
CA TRP G 589 16.31 0.04 25.48
C TRP G 589 15.21 0.92 24.93
N GLU G 590 14.14 0.31 24.41
CA GLU G 590 13.04 1.09 23.88
C GLU G 590 12.38 1.93 24.96
N LYS G 591 12.24 1.37 26.17
CA LYS G 591 11.74 2.15 27.29
C LYS G 591 12.70 3.29 27.62
N GLU G 592 14.00 3.02 27.58
CA GLU G 592 14.98 4.05 27.91
C GLU G 592 15.01 5.17 26.88
N ILE G 593 14.55 4.90 25.66
CA ILE G 593 14.51 5.93 24.62
C ILE G 593 13.11 6.48 24.38
N SER G 594 12.07 5.82 24.90
CA SER G 594 10.70 6.25 24.63
C SER G 594 10.44 7.67 25.11
N ASN G 595 11.24 8.17 26.05
CA ASN G 595 11.06 9.54 26.53
C ASN G 595 11.38 10.58 25.47
N TYR G 596 12.11 10.20 24.41
CA TYR G 596 12.51 11.20 23.41
C TYR G 596 12.36 10.70 21.98
N THR G 597 11.46 9.74 21.72
CA THR G 597 11.34 9.19 20.37
C THR G 597 10.87 10.25 19.37
N ASN G 598 9.90 11.07 19.76
CA ASN G 598 9.34 12.05 18.83
C ASN G 598 10.39 13.09 18.45
N ARG G 599 11.11 13.63 19.43
CA ARG G 599 12.10 14.66 19.14
C ARG G 599 13.29 14.08 18.37
N ILE G 600 13.69 12.84 18.66
CA ILE G 600 14.79 12.26 17.90
C ILE G 600 14.35 11.99 16.46
N TYR G 601 13.10 11.57 16.25
CA TYR G 601 12.61 11.39 14.89
C TYR G 601 12.61 12.73 14.14
N ASP G 602 12.15 13.78 14.81
CA ASP G 602 12.12 15.10 14.18
C ASP G 602 13.52 15.59 13.83
N LEU G 603 14.48 15.41 14.75
CA LEU G 603 15.85 15.82 14.48
C LEU G 603 16.44 15.01 13.33
N LEU G 604 16.14 13.71 13.28
CA LEU G 604 16.64 12.87 12.19
C LEU G 604 16.11 13.36 10.86
N THR G 605 14.81 13.68 10.79
CA THR G 605 14.23 14.19 9.55
C THR G 605 14.82 15.55 9.18
N GLU G 606 15.01 16.42 10.17
CA GLU G 606 15.55 17.74 9.92
C GLU G 606 16.97 17.66 9.37
N SER G 607 17.77 16.75 9.90
CA SER G 607 19.13 16.62 9.39
C SER G 607 19.18 15.91 8.05
N GLN G 608 18.24 15.00 7.78
CA GLN G 608 18.25 14.31 6.50
C GLN G 608 17.78 15.22 5.36
N ASN G 609 16.71 15.99 5.59
CA ASN G 609 16.13 16.74 4.49
C ASN G 609 16.94 17.98 4.11
N GLN G 610 17.95 18.34 4.92
CA GLN G 610 18.81 19.47 4.55
C GLN G 610 19.56 19.20 3.25
N GLN G 611 19.80 17.94 2.92
CA GLN G 611 20.54 17.59 1.72
C GLN G 611 19.73 16.70 0.80
N ASN H 1 15.22 28.49 -18.81
CA ASN H 1 14.20 29.53 -18.74
C ASN H 1 13.19 29.19 -17.65
N LEU H 2 12.12 28.49 -18.04
CA LEU H 2 11.10 28.03 -17.11
C LEU H 2 10.99 26.51 -17.19
N TRP H 3 10.91 25.87 -16.03
CA TRP H 3 10.95 24.42 -15.94
C TRP H 3 9.87 23.94 -14.99
N VAL H 4 9.35 22.74 -15.29
CA VAL H 4 8.20 22.19 -14.59
C VAL H 4 8.62 21.68 -13.22
N THR H 5 7.73 21.82 -12.24
CA THR H 5 7.98 21.38 -10.87
C THR H 5 6.70 20.79 -10.28
N VAL H 6 6.87 19.68 -9.57
CA VAL H 6 5.77 18.92 -8.99
C VAL H 6 5.66 19.27 -7.51
N TYR H 7 4.45 19.62 -7.09
CA TYR H 7 4.14 19.90 -5.69
C TYR H 7 3.14 18.85 -5.21
N TYR H 8 3.43 18.25 -4.07
CA TYR H 8 2.55 17.23 -3.51
C TYR H 8 1.95 17.73 -2.19
N GLY H 9 0.68 17.38 -1.97
CA GLY H 9 -0.02 17.83 -0.79
C GLY H 9 -0.59 19.22 -0.89
N VAL H 10 -0.59 19.82 -2.07
CA VAL H 10 -1.10 21.18 -2.22
C VAL H 10 -2.61 21.17 -2.09
N PRO H 11 -3.22 22.16 -1.42
CA PRO H 11 -4.70 22.18 -1.24
C PRO H 11 -5.51 22.73 -2.40
N VAL H 12 -5.81 21.85 -3.36
CA VAL H 12 -6.77 22.13 -4.41
C VAL H 12 -7.79 21.00 -4.45
N TRP H 13 -9.06 21.36 -4.57
CA TRP H 13 -10.14 20.39 -4.51
C TRP H 13 -10.94 20.41 -5.82
N ARG H 14 -11.98 19.58 -5.86
CA ARG H 14 -12.92 19.56 -6.96
C ARG H 14 -14.21 18.90 -6.49
N ASP H 15 -15.28 19.16 -7.25
CA ASP H 15 -16.57 18.55 -6.96
C ASP H 15 -16.52 17.07 -7.27
N ALA H 16 -17.13 16.27 -6.39
CA ALA H 16 -17.17 14.83 -6.56
C ALA H 16 -18.32 14.27 -5.75
N ASP H 17 -18.67 13.03 -6.04
CA ASP H 17 -19.74 12.32 -5.34
C ASP H 17 -19.16 11.05 -4.73
N THR H 18 -19.47 10.82 -3.47
CA THR H 18 -18.94 9.66 -2.77
C THR H 18 -19.86 9.31 -1.61
N THR H 19 -19.67 8.11 -1.08
CA THR H 19 -20.50 7.61 0.00
C THR H 19 -19.96 8.11 1.33
N LEU H 20 -20.77 8.88 2.05
CA LEU H 20 -20.41 9.38 3.37
C LEU H 20 -20.71 8.28 4.39
N PHE H 21 -20.56 8.58 5.69
CA PHE H 21 -20.89 7.59 6.69
C PHE H 21 -21.62 8.22 7.87
N CYS H 22 -22.57 7.45 8.40
CA CYS H 22 -23.39 7.86 9.52
C CYS H 22 -22.63 7.70 10.84
N ALA H 23 -23.07 8.46 11.84
CA ALA H 23 -22.54 8.35 13.18
C ALA H 23 -23.59 8.89 14.15
N SER H 24 -23.51 8.45 15.40
CA SER H 24 -24.48 8.88 16.39
C SER H 24 -23.84 8.82 17.78
N ASP H 25 -24.16 9.81 18.61
CA ASP H 25 -23.65 9.87 19.97
C ASP H 25 -24.31 8.81 20.85
N ALA H 41 -28.33 0.63 12.70
CA ALA H 41 -27.66 0.37 11.43
C ALA H 41 -26.31 1.10 11.37
N CYS H 42 -26.21 2.20 12.10
CA CYS H 42 -25.00 3.00 12.14
C CYS H 42 -24.84 3.57 13.54
N VAL H 43 -23.83 3.10 14.27
CA VAL H 43 -23.58 3.61 15.62
C VAL H 43 -22.11 3.92 15.89
N PRO H 44 -21.37 4.60 15.00
CA PRO H 44 -20.04 5.06 15.39
C PRO H 44 -20.12 6.24 16.35
N THR H 45 -19.11 6.36 17.20
CA THR H 45 -19.07 7.43 18.18
C THR H 45 -18.78 8.76 17.49
N ASP H 46 -19.21 9.85 18.14
CA ASP H 46 -19.02 11.19 17.59
C ASP H 46 -18.19 12.04 18.54
N PRO H 47 -16.95 12.39 18.18
CA PRO H 47 -16.13 13.21 19.08
C PRO H 47 -16.51 14.68 19.01
N ASN H 48 -15.75 15.53 19.69
CA ASN H 48 -15.99 16.97 19.60
C ASN H 48 -15.53 17.50 18.25
N PRO H 49 -16.38 18.16 17.49
CA PRO H 49 -16.00 18.61 16.14
C PRO H 49 -15.29 19.96 16.19
N GLN H 50 -14.78 20.35 15.03
CA GLN H 50 -14.12 21.64 14.86
C GLN H 50 -14.27 22.09 13.42
N GLU H 51 -14.34 23.40 13.23
CA GLU H 51 -14.51 24.01 11.91
C GLU H 51 -13.28 24.85 11.59
N ILE H 52 -12.72 24.65 10.41
CA ILE H 52 -11.56 25.42 9.96
C ILE H 52 -12.06 26.49 8.99
N PRO H 53 -11.87 27.76 9.29
CA PRO H 53 -12.27 28.81 8.34
C PRO H 53 -11.29 28.91 7.19
N LEU H 54 -11.79 29.45 6.08
CA LEU H 54 -10.99 29.70 4.90
C LEU H 54 -10.92 31.20 4.66
N GLU H 55 -9.84 31.65 4.03
CA GLU H 55 -9.52 33.07 4.02
C GLU H 55 -10.32 33.85 2.98
N ASN H 56 -10.14 33.53 1.70
CA ASN H 56 -10.73 34.35 0.65
C ASN H 56 -11.22 33.49 -0.50
N VAL H 57 -11.81 32.35 -0.21
CA VAL H 57 -12.29 31.46 -1.25
C VAL H 57 -13.75 31.77 -1.54
N THR H 58 -14.09 31.82 -2.82
CA THR H 58 -15.47 31.97 -3.27
C THR H 58 -15.92 30.64 -3.86
N GLU H 59 -16.98 30.06 -3.29
CA GLU H 59 -17.40 28.73 -3.71
C GLU H 59 -18.89 28.73 -4.04
N ASN H 60 -19.25 28.06 -5.12
CA ASN H 60 -20.65 27.97 -5.52
C ASN H 60 -21.31 26.78 -4.85
N PHE H 61 -22.55 26.98 -4.40
CA PHE H 61 -23.34 25.94 -3.75
C PHE H 61 -24.66 25.78 -4.48
N ASN H 62 -25.13 24.53 -4.52
CA ASN H 62 -26.38 24.20 -5.20
C ASN H 62 -27.02 23.04 -4.46
N MET H 63 -28.18 23.28 -3.86
CA MET H 63 -28.86 22.20 -3.16
C MET H 63 -29.48 21.20 -4.13
N TRP H 64 -29.95 21.67 -5.27
CA TRP H 64 -30.78 20.83 -6.13
C TRP H 64 -29.98 19.83 -6.95
N LYS H 65 -28.66 19.96 -7.00
CA LYS H 65 -27.80 18.99 -7.65
C LYS H 65 -26.82 18.49 -6.59
N ASN H 66 -27.26 17.49 -5.83
CA ASN H 66 -26.50 17.02 -4.68
C ASN H 66 -26.79 15.54 -4.45
N ASN H 67 -25.77 14.80 -4.03
CA ASN H 67 -25.97 13.41 -3.65
C ASN H 67 -26.18 13.23 -2.15
N MET H 68 -26.16 14.32 -1.38
CA MET H 68 -26.46 14.22 0.04
C MET H 68 -27.81 13.56 0.26
N VAL H 69 -28.83 14.06 -0.45
CA VAL H 69 -30.18 13.57 -0.24
C VAL H 69 -30.30 12.10 -0.62
N GLU H 70 -29.67 11.68 -1.72
CA GLU H 70 -29.86 10.31 -2.18
C GLU H 70 -29.32 9.31 -1.17
N GLN H 71 -28.06 9.47 -0.76
CA GLN H 71 -27.48 8.55 0.20
C GLN H 71 -28.21 8.63 1.53
N MET H 72 -28.49 9.85 1.98
CA MET H 72 -29.12 10.05 3.27
C MET H 72 -30.52 9.44 3.31
N GLN H 73 -31.28 9.61 2.25
CA GLN H 73 -32.63 9.07 2.21
C GLN H 73 -32.60 7.56 2.15
N GLU H 74 -31.64 7.00 1.39
CA GLU H 74 -31.47 5.55 1.41
C GLU H 74 -31.20 5.05 2.83
N ASP H 75 -30.32 5.73 3.56
CA ASP H 75 -30.00 5.30 4.92
C ASP H 75 -31.20 5.40 5.85
N VAL H 76 -31.98 6.49 5.74
CA VAL H 76 -33.10 6.64 6.66
C VAL H 76 -34.19 5.60 6.35
N ILE H 77 -34.42 5.30 5.07
CA ILE H 77 -35.39 4.26 4.73
C ILE H 77 -34.90 2.90 5.22
N SER H 78 -33.58 2.65 5.14
CA SER H 78 -33.05 1.42 5.70
C SER H 78 -33.28 1.35 7.21
N LEU H 79 -33.16 2.49 7.90
CA LEU H 79 -33.44 2.51 9.32
C LEU H 79 -34.91 2.19 9.60
N TRP H 80 -35.82 2.76 8.80
CA TRP H 80 -37.24 2.41 8.94
C TRP H 80 -37.44 0.90 8.79
N ASP H 81 -36.85 0.32 7.75
CA ASP H 81 -37.04 -1.11 7.51
C ASP H 81 -36.45 -1.95 8.64
N GLN H 82 -35.29 -1.55 9.16
CA GLN H 82 -34.64 -2.34 10.20
C GLN H 82 -35.35 -2.18 11.54
N SER H 83 -36.06 -1.08 11.76
CA SER H 83 -36.70 -0.85 13.04
C SER H 83 -37.74 -1.93 13.34
N LEU H 84 -38.56 -2.28 12.36
CA LEU H 84 -39.58 -3.31 12.55
C LEU H 84 -39.55 -4.33 11.42
N SER H 186 -42.77 2.79 18.02
CA SER H 186 -42.45 2.53 19.42
C SER H 186 -41.09 3.11 19.77
N PHE H 187 -40.74 4.25 19.17
CA PHE H 187 -39.45 4.86 19.41
C PHE H 187 -39.54 6.34 19.07
N ASP H 188 -38.52 7.08 19.49
CA ASP H 188 -38.37 8.49 19.19
C ASP H 188 -37.21 8.70 18.23
N PRO H 189 -37.31 9.65 17.30
CA PRO H 189 -36.18 9.92 16.40
C PRO H 189 -34.97 10.39 17.20
N ILE H 190 -33.79 9.94 16.77
CA ILE H 190 -32.54 10.24 17.44
C ILE H 190 -31.68 11.07 16.50
N PRO H 191 -31.16 12.21 16.93
CA PRO H 191 -30.29 13.01 16.05
C PRO H 191 -29.04 12.23 15.68
N ILE H 192 -28.61 12.40 14.44
CA ILE H 192 -27.44 11.71 13.91
C ILE H 192 -26.56 12.72 13.18
N HIS H 193 -25.38 12.26 12.79
CA HIS H 193 -24.41 13.08 12.08
C HIS H 193 -23.88 12.31 10.87
N TYR H 194 -23.50 13.03 9.83
CA TYR H 194 -22.83 12.46 8.68
C TYR H 194 -21.41 13.02 8.59
N CYS H 195 -20.46 12.16 8.27
CA CYS H 195 -19.08 12.58 8.14
C CYS H 195 -18.48 11.97 6.88
N ALA H 196 -17.45 12.63 6.37
CA ALA H 196 -16.75 12.15 5.20
C ALA H 196 -15.61 11.22 5.59
N PRO H 197 -15.22 10.31 4.71
CA PRO H 197 -14.07 9.45 4.97
C PRO H 197 -12.78 10.22 4.75
N ALA H 198 -11.66 9.51 4.90
CA ALA H 198 -10.36 10.11 4.65
C ALA H 198 -10.23 10.46 3.16
N GLY H 199 -9.78 11.67 2.88
CA GLY H 199 -9.63 12.14 1.52
C GLY H 199 -10.75 13.01 1.00
N TYR H 200 -11.67 13.44 1.85
CA TYR H 200 -12.76 14.31 1.44
C TYR H 200 -12.93 15.41 2.48
N ALA H 201 -13.83 16.34 2.20
CA ALA H 201 -14.14 17.41 3.15
C ALA H 201 -15.56 17.87 2.93
N ILE H 202 -16.13 18.53 3.95
CA ILE H 202 -17.48 19.06 3.88
C ILE H 202 -17.38 20.57 3.95
N LEU H 203 -17.80 21.24 2.88
CA LEU H 203 -17.79 22.69 2.83
C LEU H 203 -19.17 23.21 3.17
N LYS H 204 -19.24 24.20 4.06
CA LYS H 204 -20.51 24.80 4.44
C LYS H 204 -20.43 26.31 4.37
N CYS H 205 -21.46 26.92 3.79
CA CYS H 205 -21.55 28.37 3.71
C CYS H 205 -21.98 28.94 5.06
N ASN H 206 -21.80 30.25 5.20
CA ASN H 206 -22.16 30.95 6.42
C ASN H 206 -22.95 32.22 6.19
N ASP H 207 -23.10 32.68 4.95
CA ASP H 207 -23.79 33.93 4.70
C ASP H 207 -25.27 33.80 5.05
N LYS H 208 -25.78 34.77 5.80
CA LYS H 208 -27.16 34.68 6.29
C LYS H 208 -28.18 34.91 5.19
N LYS H 209 -27.77 35.44 4.04
CA LYS H 209 -28.66 35.68 2.92
C LYS H 209 -28.45 34.67 1.80
N PHE H 210 -28.22 33.42 2.18
CA PHE H 210 -27.96 32.36 1.20
C PHE H 210 -29.25 32.02 0.46
N ASN H 211 -29.31 32.36 -0.83
CA ASN H 211 -30.52 32.16 -1.61
C ASN H 211 -30.58 30.76 -2.18
N GLY H 212 -30.38 29.75 -1.33
CA GLY H 212 -30.41 28.38 -1.80
C GLY H 212 -29.22 27.99 -2.65
N THR H 213 -29.03 28.67 -3.77
CA THR H 213 -27.93 28.39 -4.68
C THR H 213 -27.21 29.68 -5.02
N GLY H 214 -25.90 29.57 -5.23
CA GLY H 214 -25.10 30.72 -5.60
C GLY H 214 -23.73 30.71 -4.96
N PRO H 215 -22.97 31.78 -5.15
CA PRO H 215 -21.64 31.86 -4.54
C PRO H 215 -21.70 32.27 -3.08
N CYS H 216 -20.71 31.80 -2.32
CA CYS H 216 -20.52 32.17 -0.94
C CYS H 216 -19.06 32.57 -0.73
N LYS H 217 -18.86 33.55 0.16
CA LYS H 217 -17.54 34.07 0.47
C LYS H 217 -17.09 33.73 1.89
N ASN H 218 -17.99 33.30 2.76
CA ASN H 218 -17.65 32.89 4.11
C ASN H 218 -17.86 31.38 4.18
N VAL H 219 -16.84 30.64 3.76
CA VAL H 219 -16.94 29.19 3.59
C VAL H 219 -16.06 28.52 4.63
N SER H 220 -16.63 27.59 5.38
CA SER H 220 -15.89 26.86 6.40
C SER H 220 -15.82 25.39 6.02
N THR H 221 -14.73 24.73 6.41
CA THR H 221 -14.55 23.32 6.14
C THR H 221 -14.65 22.52 7.43
N VAL H 222 -15.31 21.36 7.34
CA VAL H 222 -15.52 20.48 8.47
C VAL H 222 -15.37 19.03 8.03
N GLN H 223 -15.28 18.17 9.04
CA GLN H 223 -15.19 16.72 8.87
C GLN H 223 -16.49 16.01 9.21
N CYS H 224 -17.26 16.52 10.17
CA CYS H 224 -18.53 15.92 10.58
C CYS H 224 -19.62 16.97 10.56
N THR H 225 -20.75 16.62 9.93
CA THR H 225 -21.86 17.55 9.80
C THR H 225 -22.51 17.82 11.14
N HIS H 226 -23.26 18.93 11.20
CA HIS H 226 -23.96 19.29 12.42
C HIS H 226 -25.15 18.35 12.64
N GLY H 227 -25.70 18.41 13.85
CA GLY H 227 -26.79 17.55 14.23
C GLY H 227 -28.03 17.68 13.36
N ILE H 228 -28.50 16.55 12.84
CA ILE H 228 -29.72 16.49 12.05
C ILE H 228 -30.66 15.47 12.67
N LYS H 229 -31.92 15.83 12.80
CA LYS H 229 -32.92 14.95 13.40
C LYS H 229 -33.77 14.31 12.32
N PRO H 230 -33.74 13.00 12.16
CA PRO H 230 -34.49 12.33 11.08
C PRO H 230 -35.98 12.21 11.40
N VAL H 231 -36.66 13.35 11.36
CA VAL H 231 -38.10 13.41 11.55
C VAL H 231 -38.75 13.64 10.20
N VAL H 232 -39.93 13.06 10.01
CA VAL H 232 -40.64 13.12 8.74
C VAL H 232 -41.80 14.10 8.87
N SER H 233 -41.93 14.99 7.89
CA SER H 233 -43.05 15.91 7.82
C SER H 233 -43.45 16.07 6.36
N THR H 234 -44.71 16.44 6.15
CA THR H 234 -45.28 16.49 4.82
C THR H 234 -45.64 17.90 4.37
N GLN H 235 -46.45 18.61 5.14
CA GLN H 235 -46.84 19.97 4.79
C GLN H 235 -46.15 21.03 5.65
N LEU H 236 -45.87 20.74 6.91
CA LEU H 236 -45.24 21.68 7.81
C LEU H 236 -44.02 21.03 8.44
N LEU H 237 -42.84 21.57 8.17
CA LEU H 237 -41.61 21.00 8.70
C LEU H 237 -41.57 21.15 10.22
N LEU H 238 -41.27 20.05 10.91
CA LEU H 238 -41.27 20.02 12.37
C LEU H 238 -39.88 19.71 12.89
N ASN H 239 -39.59 20.22 14.09
CA ASN H 239 -38.35 19.87 14.79
C ASN H 239 -37.12 20.26 13.97
N GLY H 240 -37.26 21.32 13.16
CA GLY H 240 -36.24 21.71 12.22
C GLY H 240 -35.35 22.84 12.70
N SER H 241 -34.12 22.85 12.18
CA SER H 241 -33.19 23.91 12.54
C SER H 241 -33.61 25.22 11.90
N LEU H 242 -33.36 26.31 12.63
CA LEU H 242 -33.87 27.63 12.25
C LEU H 242 -32.90 28.30 11.28
N ALA H 243 -33.11 29.59 11.05
CA ALA H 243 -32.20 30.41 10.25
C ALA H 243 -32.14 31.81 10.83
N GLU H 244 -31.07 32.53 10.51
CA GLU H 244 -30.91 33.88 11.06
C GLU H 244 -31.89 34.86 10.42
N GLU H 245 -32.01 34.81 9.08
CA GLU H 245 -32.96 35.68 8.40
C GLU H 245 -34.38 35.35 8.81
N GLU H 246 -35.23 36.38 8.90
CA GLU H 246 -36.59 36.19 9.40
C GLU H 246 -37.33 35.12 8.60
N ILE H 247 -37.34 35.24 7.27
CA ILE H 247 -37.95 34.26 6.38
C ILE H 247 -37.11 34.19 5.11
N ILE H 248 -36.96 32.99 4.56
CA ILE H 248 -36.19 32.76 3.35
C ILE H 248 -37.02 31.92 2.39
N ILE H 249 -36.95 32.25 1.10
CA ILE H 249 -37.62 31.50 0.05
C ILE H 249 -36.57 30.74 -0.75
N ARG H 250 -36.74 29.43 -0.85
CA ARG H 250 -35.79 28.58 -1.55
C ARG H 250 -36.50 27.85 -2.69
N SER H 251 -35.87 27.82 -3.85
CA SER H 251 -36.40 27.09 -4.99
C SER H 251 -35.28 26.84 -5.98
N GLU H 252 -35.51 25.87 -6.87
CA GLU H 252 -34.58 25.68 -7.98
C GLU H 252 -34.72 26.82 -8.99
N ASN H 253 -35.95 27.16 -9.36
CA ASN H 253 -36.21 28.31 -10.22
C ASN H 253 -37.63 28.78 -9.91
N LEU H 254 -37.75 29.79 -9.05
CA LEU H 254 -39.06 30.25 -8.63
C LEU H 254 -39.87 30.85 -9.77
N THR H 255 -39.20 31.38 -10.80
CA THR H 255 -39.92 31.95 -11.93
C THR H 255 -40.47 30.88 -12.87
N ASN H 256 -39.77 29.75 -13.01
CA ASN H 256 -40.18 28.73 -13.97
C ASN H 256 -41.49 28.06 -13.61
N ASN H 257 -41.91 28.13 -12.35
CA ASN H 257 -43.19 27.60 -11.88
C ASN H 257 -43.32 26.10 -12.10
N ALA H 258 -42.21 25.41 -12.34
CA ALA H 258 -42.21 23.97 -12.52
C ALA H 258 -41.60 23.24 -11.33
N LYS H 259 -41.29 23.97 -10.26
CA LYS H 259 -40.67 23.38 -9.07
C LYS H 259 -41.41 23.84 -7.83
N ASN H 260 -41.14 23.16 -6.72
CA ASN H 260 -41.77 23.50 -5.45
C ASN H 260 -40.98 24.60 -4.74
N ILE H 261 -41.54 25.08 -3.63
CA ILE H 261 -41.03 26.23 -2.90
C ILE H 261 -40.89 25.85 -1.44
N ILE H 262 -39.77 26.22 -0.83
CA ILE H 262 -39.51 25.99 0.59
C ILE H 262 -39.49 27.34 1.30
N VAL H 263 -40.29 27.48 2.35
CA VAL H 263 -40.30 28.69 3.16
C VAL H 263 -39.67 28.35 4.50
N HIS H 264 -38.60 29.05 4.84
CA HIS H 264 -37.85 28.81 6.07
C HIS H 264 -38.07 29.98 7.02
N LEU H 265 -38.40 29.67 8.28
CA LEU H 265 -38.79 30.65 9.27
C LEU H 265 -37.65 30.93 10.24
N ASN H 266 -37.90 31.86 11.16
CA ASN H 266 -36.95 32.24 12.19
C ASN H 266 -37.43 31.97 13.60
N LYS H 267 -38.73 32.03 13.86
CA LYS H 267 -39.30 31.76 15.18
C LYS H 267 -40.21 30.55 15.08
N SER H 268 -39.75 29.42 15.61
CA SER H 268 -40.55 28.20 15.58
C SER H 268 -41.83 28.37 16.38
N VAL H 269 -42.90 27.74 15.92
CA VAL H 269 -44.21 27.85 16.57
C VAL H 269 -44.53 26.51 17.23
N SER H 270 -44.94 26.56 18.49
CA SER H 270 -45.25 25.34 19.22
C SER H 270 -46.61 24.81 18.79
N ILE H 271 -46.66 23.50 18.52
CA ILE H 271 -47.90 22.83 18.14
C ILE H 271 -48.03 21.60 19.01
N SER H 272 -48.96 21.63 19.96
CA SER H 272 -49.30 20.44 20.74
C SER H 272 -50.09 19.48 19.86
N CYS H 273 -50.37 18.30 20.40
CA CYS H 273 -51.08 17.28 19.63
C CYS H 273 -50.33 16.87 18.36
N CYS H 307 -55.52 19.02 15.81
CA CYS H 307 -54.64 19.49 16.88
C CYS H 307 -54.74 21.00 17.00
N GLU H 308 -53.90 21.60 17.84
CA GLU H 308 -54.05 22.99 18.25
C GLU H 308 -52.96 23.86 17.66
N LEU H 309 -53.32 25.11 17.37
CA LEU H 309 -52.39 26.14 16.95
C LEU H 309 -52.71 27.42 17.72
N ASN H 310 -51.67 28.18 18.07
CA ASN H 310 -51.79 29.26 19.04
C ASN H 310 -52.20 30.60 18.40
N GLY H 311 -53.27 30.57 17.62
CA GLY H 311 -53.97 31.78 17.26
C GLY H 311 -53.15 32.79 16.49
N THR H 312 -53.08 34.01 17.01
CA THR H 312 -52.58 35.15 16.27
C THR H 312 -51.15 34.98 15.80
N GLU H 313 -50.37 34.09 16.43
CA GLU H 313 -49.01 33.85 15.97
C GLU H 313 -48.99 33.44 14.50
N TRP H 314 -50.04 32.74 14.05
CA TRP H 314 -50.16 32.44 12.62
C TRP H 314 -50.33 33.72 11.81
N ASN H 315 -51.30 34.56 12.20
CA ASN H 315 -51.63 35.76 11.45
C ASN H 315 -50.40 36.62 11.19
N GLU H 316 -49.74 37.05 12.28
CA GLU H 316 -48.52 37.83 12.14
C GLU H 316 -47.53 37.14 11.22
N THR H 317 -47.35 35.83 11.39
CA THR H 317 -46.43 35.09 10.52
C THR H 317 -46.79 35.29 9.07
N LEU H 318 -48.08 35.10 8.73
CA LEU H 318 -48.51 35.34 7.36
C LEU H 318 -48.20 36.77 6.95
N ASN H 319 -48.44 37.72 7.86
CA ASN H 319 -48.21 39.12 7.55
C ASN H 319 -46.76 39.41 7.16
N LYS H 320 -45.83 38.53 7.54
CA LYS H 320 -44.47 38.69 7.04
C LYS H 320 -44.29 37.94 5.72
N VAL H 321 -44.77 36.70 5.65
CA VAL H 321 -44.41 35.81 4.54
C VAL H 321 -44.77 36.45 3.21
N THR H 322 -46.07 36.70 3.00
CA THR H 322 -46.52 37.28 1.75
C THR H 322 -45.78 38.57 1.44
N GLU H 323 -45.41 39.34 2.47
CA GLU H 323 -44.70 40.58 2.24
C GLU H 323 -43.45 40.34 1.40
N LYS H 324 -42.60 39.41 1.83
CA LYS H 324 -41.43 39.09 1.04
C LYS H 324 -41.81 38.56 -0.32
N LEU H 325 -42.84 37.70 -0.37
CA LEU H 325 -43.29 37.17 -1.64
C LEU H 325 -43.67 38.28 -2.60
N LYS H 326 -44.14 39.42 -2.06
CA LYS H 326 -44.46 40.55 -2.91
C LYS H 326 -43.25 40.95 -3.76
N GLU H 327 -42.10 41.16 -3.11
CA GLU H 327 -40.95 41.61 -3.88
C GLU H 327 -40.38 40.53 -4.77
N HIS H 328 -41.08 39.39 -4.88
CA HIS H 328 -40.74 38.38 -5.86
C HIS H 328 -41.77 38.23 -6.97
N PHE H 329 -43.03 38.58 -6.72
CA PHE H 329 -44.09 38.35 -7.71
C PHE H 329 -44.90 39.62 -7.99
N ASN H 330 -44.89 40.57 -7.05
CA ASN H 330 -45.54 41.87 -7.21
C ASN H 330 -47.05 41.72 -7.42
N LYS H 331 -47.71 41.14 -6.42
CA LYS H 331 -49.16 41.00 -6.39
C LYS H 331 -49.56 40.48 -5.02
N THR H 332 -50.81 40.77 -4.63
CA THR H 332 -51.33 40.20 -3.40
C THR H 332 -51.50 38.69 -3.56
N ILE H 333 -51.24 37.96 -2.48
CA ILE H 333 -51.14 36.51 -2.53
C ILE H 333 -52.14 35.89 -1.56
N VAL H 334 -52.93 34.95 -2.06
CA VAL H 334 -53.93 34.25 -1.26
C VAL H 334 -53.55 32.78 -1.23
N PHE H 335 -54.20 32.03 -0.34
CA PHE H 335 -53.89 30.63 -0.14
C PHE H 335 -55.16 29.81 -0.07
N GLN H 336 -55.05 28.52 -0.39
CA GLN H 336 -56.15 27.58 -0.35
C GLN H 336 -55.58 26.18 -0.42
N PRO H 337 -56.25 25.19 0.15
CA PRO H 337 -55.84 23.80 -0.06
C PRO H 337 -55.80 23.47 -1.54
N PRO H 338 -55.07 22.42 -1.93
CA PRO H 338 -54.86 22.15 -3.36
C PRO H 338 -56.13 21.84 -4.13
N SER H 339 -57.23 21.48 -3.45
CA SER H 339 -58.47 21.04 -4.09
C SER H 339 -58.22 19.79 -4.93
N GLY H 340 -57.28 18.95 -4.50
CA GLY H 340 -56.97 17.72 -5.18
C GLY H 340 -57.33 16.50 -4.35
N GLY H 341 -57.14 15.34 -4.99
CA GLY H 341 -57.45 14.06 -4.39
C GLY H 341 -56.29 13.34 -3.73
N ASP H 342 -55.14 14.00 -3.59
CA ASP H 342 -53.96 13.38 -2.99
C ASP H 342 -54.07 13.48 -1.47
N LEU H 343 -54.81 12.53 -0.89
CA LEU H 343 -55.04 12.52 0.55
C LEU H 343 -53.76 12.28 1.34
N GLU H 344 -52.73 11.72 0.72
CA GLU H 344 -51.47 11.49 1.41
C GLU H 344 -50.65 12.76 1.57
N THR H 345 -50.82 13.75 0.69
CA THR H 345 -50.07 15.00 0.76
C THR H 345 -50.92 16.19 1.15
N THR H 346 -52.16 16.27 0.69
CA THR H 346 -53.03 17.38 1.08
C THR H 346 -53.24 17.43 2.58
N MET H 347 -53.39 16.27 3.21
CA MET H 347 -53.55 16.20 4.65
C MET H 347 -52.19 16.28 5.34
N HIS H 348 -52.17 16.92 6.50
CA HIS H 348 -50.93 17.06 7.24
C HIS H 348 -50.58 15.74 7.91
N HIS H 349 -49.28 15.45 8.01
CA HIS H 349 -48.83 14.14 8.46
C HIS H 349 -47.61 14.27 9.35
N PHE H 350 -47.60 13.52 10.46
CA PHE H 350 -46.40 13.37 11.29
C PHE H 350 -46.59 12.14 12.18
N ASN H 351 -45.73 12.00 13.20
CA ASN H 351 -45.87 10.89 14.12
C ASN H 351 -45.34 11.28 15.50
N CYS H 352 -45.93 10.68 16.53
CA CYS H 352 -45.51 10.90 17.91
C CYS H 352 -45.66 9.60 18.69
N ARG H 353 -44.69 9.32 19.57
CA ARG H 353 -44.67 8.12 20.41
C ARG H 353 -44.72 6.84 19.60
N GLY H 354 -44.25 6.85 18.35
CA GLY H 354 -44.34 5.69 17.51
C GLY H 354 -45.69 5.48 16.85
N GLU H 355 -46.60 6.43 16.98
CA GLU H 355 -47.94 6.34 16.41
C GLU H 355 -48.10 7.42 15.36
N PHE H 356 -48.62 7.03 14.19
CA PHE H 356 -48.79 7.97 13.09
C PHE H 356 -49.94 8.93 13.37
N PHE H 357 -49.92 10.07 12.67
CA PHE H 357 -50.94 11.10 12.82
C PHE H 357 -51.20 11.72 11.46
N TYR H 358 -52.39 11.47 10.93
CA TYR H 358 -52.90 12.14 9.74
C TYR H 358 -53.97 13.12 10.18
N CYS H 359 -53.69 14.41 10.03
CA CYS H 359 -54.57 15.46 10.54
C CYS H 359 -55.04 16.34 9.39
N ASN H 360 -56.34 16.62 9.36
CA ASN H 360 -56.90 17.55 8.40
C ASN H 360 -56.48 18.97 8.74
N THR H 361 -56.25 19.79 7.71
CA THR H 361 -55.86 21.18 7.92
C THR H 361 -56.33 22.01 6.74
N THR H 362 -57.27 22.92 7.01
CA THR H 362 -57.80 23.81 5.98
C THR H 362 -57.78 25.27 6.39
N LYS H 363 -58.03 25.57 7.68
CA LYS H 363 -58.07 26.96 8.14
C LYS H 363 -56.69 27.59 8.23
N LEU H 364 -55.62 26.81 8.07
CA LEU H 364 -54.29 27.39 8.22
C LEU H 364 -53.90 28.25 7.03
N PHE H 365 -54.45 27.97 5.86
CA PHE H 365 -53.99 28.60 4.62
C PHE H 365 -55.17 29.06 3.78
N ASN H 366 -56.09 29.81 4.39
CA ASN H 366 -57.21 30.38 3.63
C ASN H 366 -57.77 31.56 4.40
N THR H 367 -57.64 32.76 3.84
CA THR H 367 -58.24 33.96 4.37
C THR H 367 -59.48 34.32 3.57
N LYS H 368 -60.06 35.49 3.84
CA LYS H 368 -61.23 35.94 3.10
C LYS H 368 -60.87 36.28 1.66
N GLU H 374 -60.14 36.45 12.58
CA GLU H 374 -61.15 35.55 13.15
C GLU H 374 -60.48 34.43 13.94
N PHE H 375 -59.17 34.28 13.77
CA PHE H 375 -58.44 33.25 14.48
C PHE H 375 -58.49 33.48 15.98
N ASN H 376 -58.19 34.71 16.41
CA ASN H 376 -58.32 35.12 17.80
C ASN H 376 -57.61 34.17 18.76
N GLY H 377 -58.38 33.37 19.49
CA GLY H 377 -57.83 32.43 20.44
C GLY H 377 -57.26 31.21 19.76
N THR H 378 -57.03 30.18 20.58
CA THR H 378 -56.47 28.92 20.06
C THR H 378 -57.38 28.31 19.02
N ILE H 379 -56.80 27.90 17.90
CA ILE H 379 -57.55 27.30 16.80
C ILE H 379 -57.28 25.80 16.81
N ILE H 380 -58.27 25.03 16.37
CA ILE H 380 -58.21 23.58 16.43
C ILE H 380 -58.54 23.00 15.07
N LEU H 381 -58.03 21.79 14.83
CA LEU H 381 -58.20 21.08 13.58
C LEU H 381 -58.57 19.62 13.86
N PRO H 382 -59.27 18.97 12.93
CA PRO H 382 -59.52 17.53 13.08
C PRO H 382 -58.29 16.72 12.73
N CYS H 383 -58.14 15.60 13.43
CA CYS H 383 -57.06 14.66 13.15
C CYS H 383 -57.54 13.25 13.48
N ARG H 384 -57.09 12.28 12.68
CA ARG H 384 -57.55 10.91 12.80
C ARG H 384 -56.38 9.95 12.67
N ILE H 385 -56.64 8.69 12.98
CA ILE H 385 -55.68 7.61 12.76
C ILE H 385 -56.40 6.27 12.81
N SER H 405 -55.82 14.75 19.18
CA SER H 405 -57.13 15.26 19.53
C SER H 405 -57.82 14.37 20.56
N GLY H 406 -57.49 14.57 21.83
CA GLY H 406 -58.11 13.83 22.92
C GLY H 406 -57.59 12.42 23.11
N ILE H 407 -56.49 12.05 22.45
CA ILE H 407 -55.97 10.69 22.55
C ILE H 407 -54.54 10.71 23.09
N ILE H 408 -53.67 11.53 22.51
CA ILE H 408 -52.27 11.62 22.92
C ILE H 408 -51.82 13.07 22.77
N ASN H 409 -51.05 13.53 23.75
CA ASN H 409 -50.52 14.89 23.78
C ASN H 409 -49.05 14.84 23.42
N CYS H 410 -48.72 15.29 22.21
CA CYS H 410 -47.35 15.41 21.74
C CYS H 410 -47.12 16.80 21.17
N THR H 411 -45.89 17.30 21.31
CA THR H 411 -45.54 18.64 20.89
C THR H 411 -44.71 18.61 19.62
N SER H 412 -44.56 19.78 19.00
CA SER H 412 -43.83 19.89 17.74
C SER H 412 -43.46 21.35 17.51
N ASN H 413 -42.47 21.53 16.64
CA ASN H 413 -41.92 22.84 16.27
C ASN H 413 -42.17 23.11 14.79
N ILE H 414 -43.16 23.96 14.50
CA ILE H 414 -43.26 24.51 13.16
C ILE H 414 -42.00 25.33 12.90
N THR H 415 -41.21 24.91 11.92
CA THR H 415 -39.98 25.63 11.59
C THR H 415 -39.98 26.06 10.14
N GLY H 416 -40.50 25.20 9.26
CA GLY H 416 -40.56 25.52 7.85
C GLY H 416 -41.82 24.96 7.24
N ILE H 417 -42.19 25.52 6.09
CA ILE H 417 -43.38 25.08 5.38
C ILE H 417 -43.06 24.91 3.90
N ILE H 418 -43.93 24.15 3.22
CA ILE H 418 -43.75 23.82 1.82
C ILE H 418 -44.89 24.44 1.04
N LEU H 419 -44.56 25.26 0.05
CA LEU H 419 -45.55 25.99 -0.73
C LEU H 419 -45.25 25.86 -2.21
N THR H 420 -46.30 25.67 -3.01
CA THR H 420 -46.19 25.67 -4.47
C THR H 420 -47.20 26.64 -5.04
N ARG H 421 -47.03 26.98 -6.32
CA ARG H 421 -47.89 27.96 -6.97
C ARG H 421 -49.00 27.28 -7.73
N ASP H 422 -50.22 27.80 -7.58
CA ASP H 422 -51.41 27.25 -8.22
C ASP H 422 -51.46 27.64 -9.69
N GLY H 423 -50.47 27.18 -10.43
CA GLY H 423 -50.37 27.48 -11.85
C GLY H 423 -49.97 28.92 -12.13
N THR H 429 -53.18 40.44 -11.19
CA THR H 429 -54.19 39.87 -10.31
C THR H 429 -53.54 39.07 -9.19
N ASP H 430 -54.35 38.56 -8.28
CA ASP H 430 -53.83 37.81 -7.14
C ASP H 430 -53.55 36.36 -7.52
N GLU H 431 -52.54 35.78 -6.87
CA GLU H 431 -52.13 34.41 -7.11
C GLU H 431 -52.31 33.60 -5.83
N THR H 432 -52.65 32.33 -6.01
CA THR H 432 -52.90 31.43 -4.89
C THR H 432 -51.73 30.46 -4.74
N PHE H 433 -51.37 30.18 -3.49
CA PHE H 433 -50.41 29.13 -3.19
C PHE H 433 -51.11 27.91 -2.61
N ARG H 434 -50.38 26.80 -2.62
CA ARG H 434 -50.90 25.48 -2.30
C ARG H 434 -49.90 24.77 -1.40
N PRO H 435 -50.31 24.29 -0.23
CA PRO H 435 -49.40 23.47 0.58
C PRO H 435 -49.30 22.06 0.03
N GLY H 436 -48.31 21.34 0.54
CA GLY H 436 -48.20 19.91 0.32
C GLY H 436 -47.54 19.47 -0.96
N GLY H 437 -47.19 20.38 -1.86
CA GLY H 437 -46.50 19.96 -3.06
C GLY H 437 -45.08 19.53 -2.78
N GLY H 438 -44.82 18.24 -2.83
CA GLY H 438 -43.51 17.71 -2.55
C GLY H 438 -43.60 16.33 -1.94
N ASN H 439 -42.45 15.83 -1.52
CA ASN H 439 -42.32 14.48 -1.00
C ASN H 439 -41.37 14.51 0.20
N ILE H 440 -40.91 13.34 0.63
CA ILE H 440 -40.02 13.28 1.78
C ILE H 440 -38.66 13.88 1.46
N LYS H 441 -38.18 13.69 0.22
CA LYS H 441 -36.85 14.18 -0.14
C LYS H 441 -36.77 15.69 -0.08
N ASP H 442 -37.84 16.39 -0.43
CA ASP H 442 -37.84 17.85 -0.35
C ASP H 442 -37.71 18.31 1.10
N ASN H 443 -38.43 17.66 2.02
CA ASN H 443 -38.27 17.94 3.43
C ASN H 443 -36.82 17.72 3.85
N TRP H 444 -36.26 16.59 3.44
CA TRP H 444 -34.91 16.26 3.90
C TRP H 444 -33.90 17.27 3.37
N ARG H 445 -34.05 17.68 2.12
CA ARG H 445 -33.18 18.70 1.55
C ARG H 445 -33.32 20.03 2.28
N SER H 446 -34.55 20.39 2.63
CA SER H 446 -34.78 21.64 3.35
C SER H 446 -34.09 21.62 4.70
N GLU H 447 -34.04 20.47 5.37
CA GLU H 447 -33.37 20.46 6.68
C GLU H 447 -31.86 20.30 6.58
N LEU H 448 -31.31 20.05 5.41
CA LEU H 448 -29.86 19.91 5.25
C LEU H 448 -29.50 20.35 3.84
N TYR H 449 -29.05 21.60 3.70
CA TYR H 449 -28.72 22.15 2.40
C TYR H 449 -27.45 22.96 2.38
N LYS H 450 -26.89 23.32 3.53
CA LYS H 450 -25.71 24.17 3.57
C LYS H 450 -24.43 23.40 3.32
N TYR H 451 -24.50 22.11 3.04
CA TYR H 451 -23.32 21.26 3.01
C TYR H 451 -23.02 20.81 1.59
N LYS H 452 -21.73 20.67 1.29
CA LYS H 452 -21.32 20.15 -0.01
C LYS H 452 -20.10 19.25 0.18
N VAL H 453 -20.11 18.12 -0.51
CA VAL H 453 -19.01 17.16 -0.43
C VAL H 453 -17.97 17.56 -1.47
N VAL H 454 -16.71 17.64 -1.05
CA VAL H 454 -15.64 18.03 -1.97
C VAL H 454 -14.47 17.07 -1.81
N GLN H 455 -13.78 16.81 -2.91
CA GLN H 455 -12.67 15.86 -2.94
C GLN H 455 -11.37 16.60 -3.22
N ILE H 456 -10.39 16.43 -2.34
CA ILE H 456 -9.10 17.09 -2.51
C ILE H 456 -8.24 16.29 -3.47
N GLU H 457 -7.44 17.01 -4.26
CA GLU H 457 -6.57 16.40 -5.28
C GLU H 457 -5.16 16.91 -5.06
N PRO H 458 -4.44 16.32 -4.12
CA PRO H 458 -3.12 16.85 -3.76
C PRO H 458 -2.04 16.55 -4.79
N LEU H 459 -2.03 17.33 -5.88
CA LEU H 459 -0.97 17.24 -6.88
C LEU H 459 -1.02 18.47 -7.76
N GLY H 460 0.10 19.17 -7.87
CA GLY H 460 0.13 20.41 -8.63
C GLY H 460 1.37 20.49 -9.49
N ILE H 461 1.22 21.18 -10.62
CA ILE H 461 2.29 21.38 -11.59
C ILE H 461 2.50 22.88 -11.74
N ALA H 462 3.74 23.34 -11.54
CA ALA H 462 3.97 24.77 -11.58
C ALA H 462 5.33 25.07 -12.19
N PRO H 463 5.48 26.24 -12.82
CA PRO H 463 6.78 26.59 -13.40
C PRO H 463 7.68 27.37 -12.45
N THR H 464 8.97 27.09 -12.52
CA THR H 464 9.95 27.85 -11.74
C THR H 464 11.32 27.68 -12.40
N ARG H 465 12.38 28.03 -11.68
CA ARG H 465 13.75 27.94 -12.18
C ARG H 465 14.53 26.95 -11.33
N CYS H 466 14.46 25.68 -11.69
CA CYS H 466 15.20 24.64 -10.98
C CYS H 466 15.28 23.40 -11.85
N LYS H 467 16.46 22.80 -11.93
CA LYS H 467 16.69 21.61 -12.75
C LYS H 467 17.66 20.68 -12.05
N ARG H 468 17.29 19.40 -11.96
CA ARG H 468 18.18 18.38 -11.43
C ARG H 468 17.78 17.01 -11.98
N GLY H 492 -5.21 21.89 9.47
CA GLY H 492 -3.95 22.00 8.76
C GLY H 492 -4.13 22.16 7.27
N PHE H 493 -4.58 21.11 6.60
CA PHE H 493 -4.81 21.17 5.17
C PHE H 493 -5.96 22.12 4.86
N LEU H 494 -5.94 22.65 3.63
CA LEU H 494 -7.00 23.52 3.10
C LEU H 494 -7.01 24.86 3.82
N GLY H 495 -6.16 25.03 4.83
CA GLY H 495 -6.14 26.29 5.55
C GLY H 495 -5.66 27.45 4.69
N ALA H 496 -4.63 27.22 3.90
CA ALA H 496 -4.08 28.26 3.04
C ALA H 496 -4.73 28.30 1.67
N ALA H 497 -5.61 27.35 1.36
CA ALA H 497 -6.25 27.34 0.05
C ALA H 497 -7.05 28.63 -0.15
N GLY H 498 -7.01 29.15 -1.37
CA GLY H 498 -7.60 30.44 -1.65
C GLY H 498 -6.68 31.61 -1.41
N SER H 499 -5.57 31.42 -0.69
CA SER H 499 -4.59 32.47 -0.52
C SER H 499 -3.61 32.47 -1.69
N THR H 500 -2.57 33.28 -1.58
CA THR H 500 -1.61 33.41 -2.68
C THR H 500 -0.89 32.07 -2.90
N MET H 501 -0.52 31.83 -4.15
CA MET H 501 0.11 30.56 -4.52
C MET H 501 1.42 30.35 -3.79
N GLY H 502 2.24 31.40 -3.70
CA GLY H 502 3.50 31.27 -2.99
C GLY H 502 3.31 31.00 -1.50
N ALA H 503 2.37 31.73 -0.88
CA ALA H 503 2.13 31.54 0.54
C ALA H 503 1.63 30.12 0.83
N ALA H 504 0.78 29.59 -0.05
CA ALA H 504 0.35 28.20 0.10
C ALA H 504 1.53 27.26 -0.08
N SER H 505 2.45 27.58 -1.00
CA SER H 505 3.61 26.74 -1.21
C SER H 505 4.49 26.68 0.03
N ILE H 506 4.74 27.84 0.65
CA ILE H 506 5.70 27.89 1.76
C ILE H 506 5.15 27.15 2.98
N THR H 507 3.85 27.28 3.24
CA THR H 507 3.26 26.63 4.41
C THR H 507 3.15 25.12 4.26
N LEU H 508 3.41 24.59 3.08
CA LEU H 508 3.31 23.16 2.84
C LEU H 508 4.50 22.46 3.49
N THR H 509 4.22 21.65 4.52
CA THR H 509 5.25 20.92 5.24
C THR H 509 4.88 19.44 5.31
N VAL H 510 5.89 18.61 5.56
CA VAL H 510 5.69 17.17 5.59
C VAL H 510 4.74 16.81 6.73
N GLN H 511 4.11 15.64 6.60
CA GLN H 511 3.14 15.16 7.57
C GLN H 511 3.48 13.73 7.97
N ALA H 512 3.32 13.43 9.27
CA ALA H 512 3.48 12.06 9.73
C ALA H 512 2.35 11.17 9.22
N ARG H 513 1.12 11.68 9.27
CA ARG H 513 -0.03 10.91 8.78
C ARG H 513 -0.21 11.11 7.28
N GLN H 514 -0.65 10.06 6.61
CA GLN H 514 -0.93 10.12 5.19
C GLN H 514 -2.37 10.58 4.96
N LEU H 515 -2.57 11.31 3.87
CA LEU H 515 -3.87 11.89 3.51
C LEU H 515 -4.39 12.80 4.62
N TRP H 522 -13.98 11.43 13.60
CA TRP H 522 -12.83 10.54 13.65
C TRP H 522 -12.79 9.86 15.02
N LEU H 523 -11.59 9.65 15.54
CA LEU H 523 -11.37 8.95 16.80
C LEU H 523 -12.11 7.60 16.87
N PRO H 524 -11.85 6.69 15.93
CA PRO H 524 -12.56 5.40 15.97
C PRO H 524 -12.19 4.53 17.15
N ASP H 525 -11.02 4.74 17.75
CA ASP H 525 -10.52 3.95 18.88
C ASP H 525 -10.40 2.50 18.42
N MET H 526 -11.17 1.56 18.95
CA MET H 526 -11.06 0.14 18.62
C MET H 526 -12.45 -0.45 18.38
N THR H 527 -13.31 0.31 17.72
CA THR H 527 -14.67 -0.12 17.44
C THR H 527 -14.70 -0.94 16.16
N VAL H 528 -15.90 -1.31 15.73
CA VAL H 528 -16.11 -2.02 14.47
C VAL H 528 -16.55 -1.01 13.42
N TRP H 529 -15.79 -0.91 12.33
CA TRP H 529 -16.04 0.14 11.36
C TRP H 529 -17.35 -0.06 10.61
N GLY H 530 -17.68 -1.30 10.29
CA GLY H 530 -18.83 -1.58 9.45
C GLY H 530 -18.45 -1.63 7.97
N ILE H 531 -19.46 -1.89 7.14
CA ILE H 531 -19.19 -2.12 5.72
C ILE H 531 -18.78 -0.83 5.02
N LYS H 532 -19.47 0.27 5.29
CA LYS H 532 -19.22 1.51 4.57
C LYS H 532 -17.86 2.10 4.93
N GLN H 533 -17.53 2.14 6.23
CA GLN H 533 -16.20 2.60 6.64
C GLN H 533 -15.10 1.74 6.06
N LEU H 534 -15.28 0.43 6.07
CA LEU H 534 -14.23 -0.44 5.55
C LEU H 534 -14.02 -0.23 4.05
N GLN H 535 -15.12 -0.10 3.30
CA GLN H 535 -14.98 0.21 1.88
C GLN H 535 -14.30 1.55 1.65
N ALA H 536 -14.69 2.57 2.42
CA ALA H 536 -14.11 3.89 2.25
C ALA H 536 -12.62 3.88 2.56
N ARG H 537 -12.22 3.19 3.63
CA ARG H 537 -10.81 3.10 3.97
C ARG H 537 -10.02 2.38 2.89
N VAL H 538 -10.58 1.29 2.35
CA VAL H 538 -9.89 0.58 1.27
C VAL H 538 -9.72 1.48 0.06
N LEU H 539 -10.78 2.20 -0.30
CA LEU H 539 -10.69 3.11 -1.45
C LEU H 539 -9.64 4.19 -1.22
N ALA H 540 -9.61 4.76 -0.01
CA ALA H 540 -8.63 5.80 0.27
C ALA H 540 -7.21 5.27 0.20
N VAL H 541 -6.97 4.08 0.77
CA VAL H 541 -5.60 3.56 0.79
C VAL H 541 -5.16 3.20 -0.63
N GLU H 542 -6.07 2.67 -1.46
CA GLU H 542 -5.65 2.35 -2.81
C GLU H 542 -5.44 3.61 -3.63
N ARG H 543 -6.21 4.68 -3.37
CA ARG H 543 -5.96 5.94 -4.04
C ARG H 543 -4.59 6.50 -3.67
N TYR H 544 -4.24 6.44 -2.39
CA TYR H 544 -2.92 6.90 -1.97
C TYR H 544 -1.81 6.08 -2.61
N LEU H 545 -1.99 4.75 -2.67
CA LEU H 545 -0.99 3.91 -3.31
C LEU H 545 -0.84 4.25 -4.78
N LYS H 546 -1.96 4.46 -5.48
CA LYS H 546 -1.91 4.83 -6.88
C LYS H 546 -1.17 6.15 -7.08
N ASP H 547 -1.47 7.14 -6.25
CA ASP H 547 -0.80 8.44 -6.39
C ASP H 547 0.69 8.34 -6.09
N GLN H 548 1.05 7.56 -5.07
CA GLN H 548 2.47 7.40 -4.74
C GLN H 548 3.20 6.68 -5.87
N LYS H 549 2.57 5.68 -6.48
CA LYS H 549 3.19 5.04 -7.64
C LYS H 549 3.35 6.04 -8.78
N PHE H 550 2.36 6.91 -8.97
CA PHE H 550 2.46 7.93 -10.01
C PHE H 550 3.65 8.84 -9.76
N LEU H 551 3.84 9.27 -8.52
CA LEU H 551 5.02 10.07 -8.20
C LEU H 551 6.30 9.28 -8.41
N GLY H 552 6.31 8.00 -8.03
CA GLY H 552 7.51 7.19 -8.15
C GLY H 552 7.88 6.85 -9.58
N LEU H 553 6.94 6.97 -10.52
CA LEU H 553 7.26 6.72 -11.91
C LEU H 553 8.35 7.65 -12.41
N TRP H 554 8.30 8.92 -12.01
CA TRP H 554 9.35 9.86 -12.33
C TRP H 554 10.52 9.63 -11.39
N GLY H 555 11.57 10.44 -11.53
CA GLY H 555 12.70 10.36 -10.62
C GLY H 555 12.44 10.97 -9.26
N CYS H 556 11.17 11.04 -8.86
CA CYS H 556 10.76 11.77 -7.67
C CYS H 556 10.47 10.76 -6.58
N SER H 557 11.41 10.63 -5.64
CA SER H 557 11.44 9.50 -4.71
C SER H 557 11.11 9.90 -3.27
N GLY H 558 10.15 10.78 -3.06
CA GLY H 558 9.71 11.02 -1.70
C GLY H 558 9.56 12.48 -1.30
N LYS H 559 10.39 13.35 -1.86
CA LYS H 559 10.31 14.76 -1.52
C LYS H 559 8.98 15.35 -1.98
N ILE H 560 8.38 16.19 -1.13
CA ILE H 560 7.15 16.86 -1.50
C ILE H 560 7.42 17.88 -2.61
N ILE H 561 8.57 18.54 -2.57
CA ILE H 561 8.96 19.53 -3.56
C ILE H 561 9.80 18.80 -4.59
N CYS H 562 9.45 18.92 -5.87
CA CYS H 562 10.04 18.02 -6.85
C CYS H 562 10.45 18.81 -8.09
N CYS H 563 11.75 18.97 -8.31
CA CYS H 563 12.25 19.67 -9.49
C CYS H 563 12.70 18.65 -10.53
N THR H 564 12.28 18.86 -11.78
CA THR H 564 12.56 17.91 -12.86
C THR H 564 13.03 18.67 -14.09
N ASN H 565 13.53 17.91 -15.07
CA ASN H 565 14.10 18.47 -16.29
C ASN H 565 13.11 18.31 -17.44
N VAL H 566 12.17 19.25 -17.52
CA VAL H 566 11.20 19.27 -18.62
C VAL H 566 10.99 20.72 -19.05
N PRO H 567 11.14 21.04 -20.33
CA PRO H 567 10.92 22.42 -20.77
C PRO H 567 9.46 22.83 -20.64
N TRP H 568 9.26 24.12 -20.37
CA TRP H 568 7.93 24.70 -20.19
C TRP H 568 7.69 25.66 -21.36
N ASN H 569 6.70 25.35 -22.18
CA ASN H 569 6.44 26.16 -23.36
C ASN H 569 5.49 27.30 -23.02
N SER H 570 5.25 28.16 -24.00
CA SER H 570 4.36 29.30 -23.79
C SER H 570 2.88 28.95 -23.99
N THR H 571 2.58 27.79 -24.56
CA THR H 571 1.18 27.46 -24.87
C THR H 571 0.39 27.10 -23.62
N TRP H 572 1.02 26.40 -22.67
CA TRP H 572 0.29 25.84 -21.55
C TRP H 572 -0.34 26.92 -20.69
N SER H 573 0.38 28.00 -20.43
CA SER H 573 -0.07 29.02 -19.50
C SER H 573 -0.40 30.34 -20.17
N ASN H 574 0.52 30.90 -20.95
CA ASN H 574 0.39 32.26 -21.47
C ASN H 574 0.19 33.27 -20.34
N LYS H 575 0.82 32.97 -19.20
CA LYS H 575 0.73 33.82 -18.02
C LYS H 575 2.13 34.22 -17.60
N SER H 576 2.31 35.50 -17.27
CA SER H 576 3.62 35.99 -16.86
C SER H 576 4.05 35.33 -15.55
N TYR H 577 5.36 35.12 -15.43
CA TYR H 577 5.89 34.47 -14.23
C TYR H 577 5.57 35.23 -12.97
N GLU H 578 5.43 36.55 -13.06
CA GLU H 578 5.07 37.32 -11.87
C GLU H 578 3.66 37.01 -11.41
N GLU H 579 2.72 36.85 -12.35
CA GLU H 579 1.32 36.70 -11.99
C GLU H 579 0.96 35.28 -11.54
N ILE H 580 1.89 34.34 -11.61
CA ILE H 580 1.59 32.97 -11.20
C ILE H 580 1.78 32.77 -9.71
N TRP H 581 2.79 33.41 -9.10
CA TRP H 581 3.13 33.14 -7.71
C TRP H 581 2.89 34.33 -6.81
N ASN H 582 2.23 35.39 -7.29
CA ASN H 582 1.93 36.54 -6.47
C ASN H 582 0.45 36.91 -6.46
N ASN H 583 -0.31 36.50 -7.45
CA ASN H 583 -1.69 36.96 -7.61
C ASN H 583 -2.67 35.82 -7.81
N MET H 584 -2.29 34.76 -8.51
CA MET H 584 -3.21 33.69 -8.88
C MET H 584 -3.28 32.66 -7.77
N THR H 585 -4.49 32.41 -7.26
CA THR H 585 -4.68 31.40 -6.24
C THR H 585 -4.52 30.00 -6.84
N TRP H 586 -4.25 29.04 -5.95
CA TRP H 586 -3.93 27.70 -6.41
C TRP H 586 -5.10 27.05 -7.12
N ILE H 587 -6.31 27.23 -6.59
CA ILE H 587 -7.46 26.48 -7.11
C ILE H 587 -7.75 26.87 -8.55
N GLU H 588 -7.78 28.17 -8.85
CA GLU H 588 -8.07 28.57 -10.22
C GLU H 588 -6.88 28.37 -11.14
N TRP H 589 -5.65 28.38 -10.62
CA TRP H 589 -4.51 28.02 -11.44
C TRP H 589 -4.61 26.58 -11.90
N GLU H 590 -4.96 25.67 -10.99
CA GLU H 590 -5.16 24.28 -11.38
C GLU H 590 -6.34 24.15 -12.34
N LYS H 591 -7.41 24.90 -12.10
CA LYS H 591 -8.55 24.89 -13.00
C LYS H 591 -8.15 25.32 -14.41
N GLU H 592 -7.26 26.29 -14.52
CA GLU H 592 -6.82 26.75 -15.84
C GLU H 592 -5.89 25.73 -16.50
N ILE H 593 -4.96 25.16 -15.74
CA ILE H 593 -3.98 24.25 -16.35
C ILE H 593 -4.55 22.86 -16.57
N SER H 594 -5.76 22.59 -16.06
CA SER H 594 -6.34 21.25 -16.19
C SER H 594 -6.52 20.80 -17.64
N ASN H 595 -6.56 21.75 -18.59
CA ASN H 595 -6.74 21.37 -19.98
C ASN H 595 -5.58 20.53 -20.51
N TYR H 596 -4.38 20.70 -19.95
CA TYR H 596 -3.18 20.08 -20.50
C TYR H 596 -2.50 19.16 -19.49
N THR H 597 -3.21 18.72 -18.45
CA THR H 597 -2.59 17.94 -17.39
C THR H 597 -2.05 16.61 -17.90
N ASN H 598 -2.83 15.91 -18.73
CA ASN H 598 -2.39 14.61 -19.23
C ASN H 598 -1.16 14.74 -20.10
N ARG H 599 -1.14 15.73 -21.00
CA ARG H 599 0.04 15.96 -21.83
C ARG H 599 1.24 16.30 -20.98
N ILE H 600 1.04 17.13 -19.94
CA ILE H 600 2.15 17.49 -19.06
C ILE H 600 2.70 16.26 -18.36
N TYR H 601 1.82 15.41 -17.85
CA TYR H 601 2.25 14.19 -17.17
C TYR H 601 3.03 13.30 -18.11
N ASP H 602 2.52 13.12 -19.33
CA ASP H 602 3.19 12.25 -20.30
C ASP H 602 4.56 12.79 -20.67
N LEU H 603 4.65 14.11 -20.91
CA LEU H 603 5.94 14.69 -21.25
C LEU H 603 6.92 14.58 -20.08
N LEU H 604 6.43 14.78 -18.86
CA LEU H 604 7.29 14.64 -17.69
C LEU H 604 7.86 13.23 -17.59
N THR H 605 6.99 12.22 -17.74
CA THR H 605 7.47 10.84 -17.68
C THR H 605 8.44 10.54 -18.80
N GLU H 606 8.13 10.99 -20.02
CA GLU H 606 8.97 10.71 -21.18
C GLU H 606 10.36 11.33 -21.02
N SER H 607 10.42 12.57 -20.54
CA SER H 607 11.72 13.19 -20.35
C SER H 607 12.41 12.69 -19.09
N GLN H 608 11.69 11.99 -18.21
CA GLN H 608 12.36 11.39 -17.07
C GLN H 608 13.04 10.07 -17.44
N ASN H 609 12.29 9.13 -18.03
CA ASN H 609 12.87 7.80 -18.23
C ASN H 609 13.94 7.82 -19.31
N GLN H 610 13.74 8.61 -20.37
CA GLN H 610 14.70 8.66 -21.47
C GLN H 610 16.02 9.30 -21.07
N GLN H 611 16.03 10.08 -19.97
CA GLN H 611 17.23 10.75 -19.49
C GLN H 611 17.82 11.68 -20.55
N ASN I 1 29.28 -14.11 -19.28
CA ASN I 1 28.70 -13.61 -20.53
C ASN I 1 27.37 -12.91 -20.28
N LEU I 2 26.34 -13.71 -20.02
CA LEU I 2 24.98 -13.20 -19.84
C LEU I 2 24.71 -12.89 -18.37
N TRP I 3 23.73 -12.01 -18.15
CA TRP I 3 23.39 -11.55 -16.81
C TRP I 3 21.88 -11.52 -16.66
N VAL I 4 21.42 -11.69 -15.42
CA VAL I 4 20.00 -11.77 -15.14
C VAL I 4 19.37 -10.40 -15.27
N THR I 5 18.19 -10.35 -15.90
CA THR I 5 17.40 -9.13 -16.05
C THR I 5 15.98 -9.40 -15.61
N VAL I 6 15.41 -8.43 -14.90
CA VAL I 6 14.09 -8.55 -14.29
C VAL I 6 13.11 -7.70 -15.09
N TYR I 7 12.06 -8.34 -15.59
CA TYR I 7 10.95 -7.66 -16.24
C TYR I 7 9.73 -7.74 -15.33
N TYR I 8 8.96 -6.66 -15.26
CA TYR I 8 7.79 -6.62 -14.40
C TYR I 8 6.49 -6.85 -15.15
N GLY I 9 6.21 -6.02 -16.15
CA GLY I 9 4.97 -6.14 -16.89
C GLY I 9 4.98 -7.28 -17.89
N VAL I 10 4.94 -8.51 -17.40
CA VAL I 10 5.07 -9.67 -18.28
C VAL I 10 3.75 -10.44 -18.31
N PRO I 11 3.28 -10.87 -19.49
CA PRO I 11 2.05 -11.66 -19.59
C PRO I 11 2.25 -13.18 -19.48
N VAL I 12 2.41 -13.65 -18.25
CA VAL I 12 2.48 -15.08 -17.96
C VAL I 12 1.46 -15.40 -16.88
N TRP I 13 0.78 -16.53 -17.05
CA TRP I 13 -0.28 -16.92 -16.14
C TRP I 13 -0.06 -18.33 -15.61
N ARG I 14 -0.69 -18.62 -14.48
CA ARG I 14 -0.74 -19.95 -13.88
C ARG I 14 -2.17 -20.26 -13.47
N ASP I 15 -2.38 -21.45 -12.92
CA ASP I 15 -3.72 -21.91 -12.56
C ASP I 15 -3.92 -21.66 -11.07
N ALA I 16 -5.09 -21.13 -10.72
CA ALA I 16 -5.43 -20.85 -9.34
C ALA I 16 -6.95 -20.73 -9.22
N ASP I 17 -7.42 -20.50 -7.99
CA ASP I 17 -8.84 -20.43 -7.69
C ASP I 17 -9.12 -19.22 -6.81
N THR I 18 -10.37 -18.75 -6.82
CA THR I 18 -10.74 -17.55 -6.08
C THR I 18 -12.25 -17.42 -6.06
N THR I 19 -12.73 -16.28 -5.55
CA THR I 19 -14.13 -15.88 -5.57
C THR I 19 -14.38 -14.90 -6.72
N LEU I 20 -15.65 -14.57 -6.94
CA LEU I 20 -16.02 -13.76 -8.09
C LEU I 20 -17.07 -12.73 -7.69
N PHE I 21 -17.52 -11.96 -8.68
CA PHE I 21 -18.56 -10.95 -8.49
C PHE I 21 -19.80 -11.34 -9.29
N CYS I 22 -20.96 -10.92 -8.76
CA CYS I 22 -22.27 -11.31 -9.29
C CYS I 22 -22.81 -10.20 -10.20
N ALA I 23 -22.25 -10.11 -11.40
CA ALA I 23 -22.79 -9.13 -12.35
C ALA I 23 -24.22 -9.52 -12.71
N SER I 24 -25.13 -8.55 -12.59
CA SER I 24 -26.54 -8.80 -12.87
C SER I 24 -27.25 -7.47 -13.06
N ASP I 25 -27.92 -7.31 -14.19
CA ASP I 25 -28.63 -6.08 -14.48
C ASP I 25 -29.97 -6.37 -15.17
N ALA I 41 -28.28 -9.15 -1.48
CA ALA I 41 -27.63 -10.12 -2.35
C ALA I 41 -26.55 -9.45 -3.18
N CYS I 42 -25.69 -10.28 -3.77
CA CYS I 42 -24.63 -9.80 -4.66
C CYS I 42 -25.25 -9.36 -5.98
N VAL I 43 -25.43 -8.05 -6.14
CA VAL I 43 -26.04 -7.48 -7.35
C VAL I 43 -25.36 -6.19 -7.79
N PRO I 44 -24.11 -6.21 -8.23
CA PRO I 44 -23.54 -5.02 -8.89
C PRO I 44 -24.07 -4.88 -10.31
N THR I 45 -23.58 -3.84 -10.99
CA THR I 45 -24.04 -3.52 -12.34
C THR I 45 -23.24 -4.32 -13.37
N ASP I 46 -23.48 -4.04 -14.66
CA ASP I 46 -22.81 -4.75 -15.73
C ASP I 46 -22.79 -3.93 -17.02
N PRO I 47 -21.71 -3.18 -17.28
CA PRO I 47 -21.62 -2.42 -18.54
C PRO I 47 -21.33 -3.32 -19.73
N ASN I 48 -21.10 -2.71 -20.89
CA ASN I 48 -20.78 -3.48 -22.10
C ASN I 48 -19.39 -4.09 -21.98
N PRO I 49 -19.25 -5.39 -22.13
CA PRO I 49 -17.94 -6.04 -21.99
C PRO I 49 -17.19 -6.04 -23.32
N GLN I 50 -16.00 -6.64 -23.28
CA GLN I 50 -15.19 -6.80 -24.48
C GLN I 50 -14.38 -8.09 -24.36
N GLU I 51 -14.06 -8.67 -25.51
CA GLU I 51 -13.34 -9.93 -25.57
C GLU I 51 -12.05 -9.73 -26.35
N ILE I 52 -10.93 -10.13 -25.76
CA ILE I 52 -9.61 -9.93 -26.36
C ILE I 52 -9.11 -11.28 -26.87
N PRO I 53 -8.87 -11.44 -28.16
CA PRO I 53 -8.32 -12.70 -28.66
C PRO I 53 -6.83 -12.81 -28.35
N LEU I 54 -6.36 -14.05 -28.35
CA LEU I 54 -4.94 -14.36 -28.21
C LEU I 54 -4.42 -14.89 -29.53
N GLU I 55 -3.26 -14.39 -29.94
CA GLU I 55 -2.75 -14.72 -31.28
C GLU I 55 -2.50 -16.21 -31.43
N ASN I 56 -1.73 -16.80 -30.52
CA ASN I 56 -1.46 -18.23 -30.59
C ASN I 56 -1.15 -18.72 -29.18
N VAL I 57 -2.14 -19.33 -28.53
CA VAL I 57 -1.95 -19.98 -27.25
C VAL I 57 -2.65 -21.33 -27.29
N THR I 58 -1.92 -22.39 -26.96
CA THR I 58 -2.50 -23.70 -26.75
C THR I 58 -2.75 -23.86 -25.26
N GLU I 59 -4.02 -23.92 -24.87
CA GLU I 59 -4.39 -23.89 -23.46
C GLU I 59 -5.07 -25.19 -23.07
N ASN I 60 -4.73 -25.69 -21.89
CA ASN I 60 -5.30 -26.93 -21.37
C ASN I 60 -6.54 -26.61 -20.56
N PHE I 61 -7.71 -26.97 -21.08
CA PHE I 61 -8.98 -26.78 -20.41
C PHE I 61 -9.42 -28.09 -19.76
N ASN I 62 -10.16 -27.96 -18.66
CA ASN I 62 -10.69 -29.11 -17.94
C ASN I 62 -11.94 -28.66 -17.20
N MET I 63 -13.11 -29.01 -17.73
CA MET I 63 -14.36 -28.61 -17.10
C MET I 63 -14.69 -29.48 -15.88
N TRP I 64 -14.29 -30.76 -15.89
CA TRP I 64 -14.66 -31.64 -14.80
C TRP I 64 -14.00 -31.22 -13.49
N LYS I 65 -12.73 -30.83 -13.55
CA LYS I 65 -12.00 -30.41 -12.36
C LYS I 65 -12.29 -28.96 -12.00
N ASN I 66 -12.98 -28.22 -12.86
CA ASN I 66 -13.20 -26.80 -12.68
C ASN I 66 -13.79 -26.49 -11.31
N ASN I 67 -13.40 -25.34 -10.77
CA ASN I 67 -13.84 -24.90 -9.45
C ASN I 67 -14.99 -23.92 -9.56
N MET I 68 -15.48 -23.65 -10.78
CA MET I 68 -16.58 -22.70 -10.94
C MET I 68 -17.89 -23.27 -10.42
N VAL I 69 -18.10 -24.58 -10.59
CA VAL I 69 -19.38 -25.18 -10.28
C VAL I 69 -19.68 -25.09 -8.79
N GLU I 70 -18.65 -25.20 -7.95
CA GLU I 70 -18.85 -25.10 -6.51
C GLU I 70 -19.38 -23.72 -6.14
N GLN I 71 -18.78 -22.68 -6.69
CA GLN I 71 -19.25 -21.33 -6.43
C GLN I 71 -20.65 -21.11 -6.98
N MET I 72 -20.94 -21.65 -8.16
CA MET I 72 -22.30 -21.60 -8.69
C MET I 72 -23.29 -22.17 -7.68
N GLN I 73 -23.03 -23.38 -7.21
CA GLN I 73 -23.98 -24.06 -6.34
C GLN I 73 -24.15 -23.31 -5.02
N GLU I 74 -23.04 -22.86 -4.42
CA GLU I 74 -23.13 -22.16 -3.15
C GLU I 74 -23.92 -20.87 -3.29
N ASP I 75 -23.64 -20.07 -4.33
CA ASP I 75 -24.31 -18.79 -4.46
C ASP I 75 -25.79 -18.98 -4.80
N VAL I 76 -26.11 -19.94 -5.66
CA VAL I 76 -27.52 -20.14 -5.98
C VAL I 76 -28.27 -20.68 -4.76
N ILE I 77 -27.64 -21.52 -3.95
CA ILE I 77 -28.30 -22.02 -2.75
C ILE I 77 -28.56 -20.86 -1.79
N SER I 78 -27.58 -19.97 -1.63
CA SER I 78 -27.79 -18.78 -0.82
C SER I 78 -28.93 -17.93 -1.37
N LEU I 79 -29.05 -17.84 -2.70
CA LEU I 79 -30.17 -17.10 -3.28
C LEU I 79 -31.50 -17.75 -2.95
N TRP I 80 -31.58 -19.09 -3.03
CA TRP I 80 -32.81 -19.77 -2.66
C TRP I 80 -33.17 -19.49 -1.21
N ASP I 81 -32.19 -19.56 -0.31
CA ASP I 81 -32.48 -19.27 1.09
C ASP I 81 -32.91 -17.83 1.30
N GLN I 82 -32.29 -16.88 0.58
CA GLN I 82 -32.68 -15.49 0.70
C GLN I 82 -34.11 -15.26 0.23
N SER I 83 -34.50 -15.91 -0.87
CA SER I 83 -35.87 -15.79 -1.36
C SER I 83 -36.87 -16.47 -0.43
N LEU I 84 -36.43 -17.45 0.36
CA LEU I 84 -37.32 -18.15 1.28
C LEU I 84 -37.31 -17.49 2.66
N SER I 186 -41.79 -17.71 -11.04
CA SER I 186 -41.82 -16.43 -10.37
C SER I 186 -40.41 -16.03 -9.94
N PHE I 187 -39.51 -17.01 -9.90
CA PHE I 187 -38.12 -16.73 -9.60
C PHE I 187 -37.51 -15.77 -10.62
N ASP I 188 -37.96 -15.84 -11.87
CA ASP I 188 -37.48 -14.99 -12.94
C ASP I 188 -35.95 -15.01 -13.00
N PRO I 189 -35.34 -16.16 -13.30
CA PRO I 189 -33.88 -16.27 -13.21
C PRO I 189 -33.17 -15.28 -14.12
N ILE I 190 -32.51 -14.31 -13.52
CA ILE I 190 -31.77 -13.32 -14.31
C ILE I 190 -30.50 -13.97 -14.85
N PRO I 191 -30.20 -13.82 -16.13
CA PRO I 191 -28.87 -14.25 -16.60
C PRO I 191 -27.79 -13.51 -15.83
N ILE I 192 -27.05 -14.23 -14.99
CA ILE I 192 -26.10 -13.62 -14.08
C ILE I 192 -24.69 -13.93 -14.58
N HIS I 193 -23.91 -12.89 -14.81
CA HIS I 193 -22.52 -13.02 -15.19
C HIS I 193 -21.65 -13.11 -13.94
N TYR I 194 -20.54 -13.82 -14.05
CA TYR I 194 -19.55 -13.87 -12.98
C TYR I 194 -18.29 -13.13 -13.43
N CYS I 195 -17.96 -12.07 -12.71
CA CYS I 195 -16.86 -11.19 -13.06
C CYS I 195 -15.65 -11.52 -12.20
N ALA I 196 -14.49 -11.64 -12.86
CA ALA I 196 -13.24 -11.92 -12.16
C ALA I 196 -12.75 -10.68 -11.41
N PRO I 197 -12.09 -10.88 -10.28
CA PRO I 197 -11.58 -9.72 -9.52
C PRO I 197 -10.40 -9.07 -10.21
N ALA I 198 -9.85 -8.03 -9.59
CA ALA I 198 -8.68 -7.37 -10.15
C ALA I 198 -7.47 -8.28 -10.11
N GLY I 199 -6.70 -8.28 -11.20
CA GLY I 199 -5.48 -9.05 -11.27
C GLY I 199 -5.63 -10.46 -11.77
N TYR I 200 -6.84 -10.92 -12.04
CA TYR I 200 -7.08 -12.28 -12.50
C TYR I 200 -7.62 -12.22 -13.92
N ALA I 201 -7.92 -13.38 -14.50
CA ALA I 201 -8.50 -13.38 -15.83
C ALA I 201 -9.38 -14.60 -16.04
N ILE I 202 -10.26 -14.50 -17.02
CA ILE I 202 -11.16 -15.59 -17.40
C ILE I 202 -10.87 -15.95 -18.85
N LEU I 203 -10.61 -17.23 -19.08
CA LEU I 203 -10.25 -17.76 -20.39
C LEU I 203 -11.42 -18.55 -20.95
N LYS I 204 -11.73 -18.33 -22.22
CA LYS I 204 -12.83 -18.99 -22.90
C LYS I 204 -12.32 -19.70 -24.15
N CYS I 205 -12.63 -20.98 -24.27
CA CYS I 205 -12.27 -21.78 -25.43
C CYS I 205 -13.37 -21.71 -26.48
N ASN I 206 -13.02 -21.24 -27.67
CA ASN I 206 -13.99 -21.01 -28.73
C ASN I 206 -14.06 -22.12 -29.74
N ASP I 207 -13.29 -23.20 -29.58
CA ASP I 207 -13.30 -24.26 -30.56
C ASP I 207 -14.63 -25.01 -30.50
N LYS I 208 -15.12 -25.42 -31.67
CA LYS I 208 -16.48 -25.90 -31.82
C LYS I 208 -16.60 -27.42 -31.78
N LYS I 209 -15.51 -28.13 -31.49
CA LYS I 209 -15.53 -29.58 -31.30
C LYS I 209 -14.81 -29.93 -30.01
N PHE I 210 -15.19 -29.25 -28.93
CA PHE I 210 -14.47 -29.28 -27.67
C PHE I 210 -15.19 -30.23 -26.71
N ASN I 211 -14.51 -31.31 -26.32
CA ASN I 211 -15.05 -32.30 -25.41
C ASN I 211 -15.03 -31.87 -23.96
N GLY I 212 -14.79 -30.60 -23.67
CA GLY I 212 -14.71 -30.14 -22.30
C GLY I 212 -13.37 -30.38 -21.63
N THR I 213 -12.44 -31.05 -22.28
CA THR I 213 -11.12 -31.28 -21.70
C THR I 213 -10.10 -31.42 -22.82
N GLY I 214 -8.89 -30.94 -22.54
CA GLY I 214 -7.81 -31.05 -23.49
C GLY I 214 -7.34 -29.71 -24.01
N PRO I 215 -6.61 -29.72 -25.13
CA PRO I 215 -6.10 -28.47 -25.67
C PRO I 215 -7.16 -27.69 -26.43
N CYS I 216 -7.04 -26.36 -26.36
CA CYS I 216 -7.82 -25.44 -27.17
C CYS I 216 -6.87 -24.41 -27.79
N LYS I 217 -7.18 -24.03 -29.02
CA LYS I 217 -6.37 -23.10 -29.79
C LYS I 217 -7.01 -21.72 -29.86
N ASN I 218 -8.26 -21.64 -30.30
CA ASN I 218 -8.93 -20.34 -30.41
C ASN I 218 -9.33 -19.84 -29.04
N VAL I 219 -8.35 -19.56 -28.19
CA VAL I 219 -8.59 -19.21 -26.79
C VAL I 219 -8.62 -17.70 -26.68
N SER I 220 -9.69 -17.16 -26.11
CA SER I 220 -9.82 -15.73 -25.90
C SER I 220 -9.94 -15.43 -24.42
N THR I 221 -9.74 -14.17 -24.06
CA THR I 221 -9.89 -13.74 -22.67
C THR I 221 -11.04 -12.76 -22.56
N VAL I 222 -11.79 -12.87 -21.47
CA VAL I 222 -12.96 -12.03 -21.25
C VAL I 222 -13.01 -11.67 -19.77
N GLN I 223 -13.42 -10.43 -19.49
CA GLN I 223 -13.46 -9.96 -18.11
C GLN I 223 -14.64 -10.55 -17.34
N CYS I 224 -15.81 -10.66 -17.98
CA CYS I 224 -17.01 -11.14 -17.31
C CYS I 224 -17.70 -12.19 -18.16
N THR I 225 -18.23 -13.20 -17.50
CA THR I 225 -18.82 -14.35 -18.18
C THR I 225 -20.09 -13.96 -18.92
N HIS I 226 -20.52 -14.85 -19.81
CA HIS I 226 -21.78 -14.66 -20.50
C HIS I 226 -22.94 -15.05 -19.59
N GLY I 227 -24.12 -14.54 -19.93
CA GLY I 227 -25.30 -14.74 -19.10
C GLY I 227 -25.67 -16.17 -18.84
N ILE I 228 -25.93 -16.50 -17.58
CA ILE I 228 -26.35 -17.84 -17.16
C ILE I 228 -27.68 -17.70 -16.41
N LYS I 229 -28.68 -18.45 -16.86
CA LYS I 229 -29.94 -18.50 -16.14
C LYS I 229 -29.94 -19.72 -15.25
N PRO I 230 -29.89 -19.56 -13.93
CA PRO I 230 -29.76 -20.73 -13.03
C PRO I 230 -31.09 -21.45 -12.82
N VAL I 231 -31.58 -22.08 -13.88
CA VAL I 231 -32.81 -22.86 -13.79
C VAL I 231 -32.47 -24.27 -13.33
N VAL I 232 -33.10 -24.69 -12.24
CA VAL I 232 -32.89 -26.03 -11.71
C VAL I 232 -33.73 -27.01 -12.50
N SER I 233 -33.09 -28.08 -13.00
CA SER I 233 -33.80 -29.12 -13.70
C SER I 233 -32.93 -30.38 -13.73
N THR I 234 -33.55 -31.50 -14.04
CA THR I 234 -32.83 -32.76 -14.12
C THR I 234 -33.50 -33.67 -15.15
N GLN I 235 -32.66 -34.48 -15.80
CA GLN I 235 -33.05 -35.41 -16.86
C GLN I 235 -33.50 -34.68 -18.11
N LEU I 236 -33.68 -33.37 -18.02
CA LEU I 236 -34.07 -32.55 -19.17
C LEU I 236 -33.62 -31.13 -18.88
N LEU I 237 -32.49 -30.72 -19.46
CA LEU I 237 -31.98 -29.38 -19.26
C LEU I 237 -32.84 -28.38 -20.01
N LEU I 238 -33.26 -27.31 -19.34
CA LEU I 238 -34.15 -26.33 -19.92
C LEU I 238 -33.54 -24.94 -19.82
N ASN I 239 -33.78 -24.13 -20.86
CA ASN I 239 -33.20 -22.79 -20.97
C ASN I 239 -31.69 -22.82 -20.74
N GLY I 240 -31.00 -23.47 -21.67
CA GLY I 240 -29.55 -23.45 -21.68
C GLY I 240 -29.04 -23.11 -23.07
N SER I 241 -27.83 -22.56 -23.10
CA SER I 241 -27.25 -22.15 -24.37
C SER I 241 -26.98 -23.37 -25.25
N LEU I 242 -27.35 -23.27 -26.52
CA LEU I 242 -27.30 -24.40 -27.42
C LEU I 242 -25.86 -24.66 -27.88
N ALA I 243 -25.70 -25.75 -28.63
CA ALA I 243 -24.41 -26.05 -29.24
C ALA I 243 -24.22 -25.25 -30.52
N GLU I 244 -22.96 -24.93 -30.82
CA GLU I 244 -22.69 -24.06 -31.96
C GLU I 244 -22.83 -24.80 -33.29
N GLU I 245 -22.36 -26.04 -33.38
CA GLU I 245 -22.38 -26.77 -34.64
C GLU I 245 -23.29 -27.99 -34.61
N GLU I 246 -23.09 -28.91 -33.67
CA GLU I 246 -23.85 -30.16 -33.67
C GLU I 246 -23.89 -30.72 -32.27
N ILE I 247 -24.83 -31.64 -32.04
CA ILE I 247 -24.95 -32.31 -30.75
C ILE I 247 -23.64 -33.03 -30.42
N ILE I 248 -23.26 -33.01 -29.14
CA ILE I 248 -22.02 -33.66 -28.71
C ILE I 248 -22.22 -34.33 -27.37
N ILE I 249 -21.20 -35.10 -26.95
CA ILE I 249 -21.22 -35.89 -25.74
C ILE I 249 -20.08 -35.42 -24.83
N ARG I 250 -20.41 -35.15 -23.57
CA ARG I 250 -19.43 -34.74 -22.58
C ARG I 250 -19.38 -35.80 -21.49
N SER I 251 -18.19 -36.26 -21.16
CA SER I 251 -18.01 -37.25 -20.11
C SER I 251 -16.57 -37.24 -19.64
N GLU I 252 -16.38 -37.52 -18.35
CA GLU I 252 -15.04 -37.60 -17.81
C GLU I 252 -14.30 -38.82 -18.33
N ASN I 253 -14.99 -39.96 -18.43
CA ASN I 253 -14.37 -41.18 -18.94
C ASN I 253 -15.48 -42.08 -19.43
N LEU I 254 -15.58 -42.26 -20.75
CA LEU I 254 -16.64 -43.06 -21.32
C LEU I 254 -16.57 -44.52 -20.89
N THR I 255 -15.40 -45.00 -20.48
CA THR I 255 -15.23 -46.38 -20.06
C THR I 255 -15.47 -46.59 -18.57
N ASN I 256 -15.80 -45.54 -17.82
CA ASN I 256 -16.04 -45.64 -16.40
C ASN I 256 -17.55 -45.55 -16.17
N ASN I 257 -18.15 -46.67 -15.79
CA ASN I 257 -19.60 -46.75 -15.65
C ASN I 257 -20.12 -45.97 -14.45
N ALA I 258 -19.26 -45.55 -13.53
CA ALA I 258 -19.67 -44.77 -12.39
C ALA I 258 -19.86 -43.29 -12.72
N LYS I 259 -19.45 -42.85 -13.90
CA LYS I 259 -19.56 -41.47 -14.32
C LYS I 259 -20.82 -41.24 -15.14
N ASN I 260 -21.26 -39.98 -15.16
CA ASN I 260 -22.45 -39.58 -15.90
C ASN I 260 -22.08 -38.97 -17.24
N ILE I 261 -23.10 -38.67 -18.04
CA ILE I 261 -22.94 -38.25 -19.42
C ILE I 261 -23.83 -37.04 -19.66
N ILE I 262 -23.31 -36.03 -20.33
CA ILE I 262 -24.09 -34.86 -20.73
C ILE I 262 -24.24 -34.87 -22.25
N VAL I 263 -25.46 -34.86 -22.73
CA VAL I 263 -25.72 -34.81 -24.16
C VAL I 263 -26.16 -33.39 -24.49
N HIS I 264 -25.34 -32.68 -25.26
CA HIS I 264 -25.61 -31.29 -25.61
C HIS I 264 -26.22 -31.23 -27.00
N LEU I 265 -27.32 -30.48 -27.10
CA LEU I 265 -28.15 -30.40 -28.30
C LEU I 265 -27.83 -29.16 -29.11
N ASN I 266 -28.14 -29.24 -30.41
CA ASN I 266 -27.90 -28.16 -31.35
C ASN I 266 -29.16 -27.48 -31.85
N LYS I 267 -30.26 -28.23 -32.01
CA LYS I 267 -31.54 -27.68 -32.45
C LYS I 267 -32.55 -27.95 -31.34
N SER I 268 -32.82 -26.92 -30.54
CA SER I 268 -33.68 -27.08 -29.38
C SER I 268 -35.09 -27.46 -29.81
N VAL I 269 -35.74 -28.29 -29.00
CA VAL I 269 -37.14 -28.64 -29.18
C VAL I 269 -37.92 -28.14 -27.96
N SER I 270 -39.02 -27.45 -28.22
CA SER I 270 -39.82 -26.87 -27.15
C SER I 270 -40.78 -27.91 -26.59
N ILE I 271 -40.95 -27.92 -25.27
CA ILE I 271 -41.89 -28.79 -24.59
C ILE I 271 -42.84 -27.92 -23.78
N SER I 272 -44.14 -28.19 -23.93
CA SER I 272 -45.19 -27.45 -23.23
C SER I 272 -45.74 -28.32 -22.11
N CYS I 273 -45.81 -27.77 -20.91
CA CYS I 273 -46.21 -28.57 -19.77
C CYS I 273 -47.08 -27.76 -18.82
N CYS I 307 -47.36 -32.68 -19.01
CA CYS I 307 -46.52 -32.13 -20.08
C CYS I 307 -47.08 -32.49 -21.44
N GLU I 308 -46.74 -31.70 -22.46
CA GLU I 308 -47.15 -31.99 -23.83
C GLU I 308 -45.94 -31.80 -24.72
N LEU I 309 -45.51 -32.88 -25.37
CA LEU I 309 -44.29 -32.88 -26.17
C LEU I 309 -44.59 -33.32 -27.58
N ASN I 310 -44.01 -32.64 -28.57
CA ASN I 310 -44.19 -32.98 -29.97
C ASN I 310 -43.20 -34.08 -30.36
N GLY I 311 -43.70 -35.12 -31.00
CA GLY I 311 -42.90 -36.30 -31.29
C GLY I 311 -42.18 -36.27 -32.62
N THR I 312 -42.57 -35.34 -33.50
CA THR I 312 -41.95 -35.27 -34.82
C THR I 312 -40.46 -35.00 -34.70
N GLU I 313 -40.09 -33.98 -33.93
CA GLU I 313 -38.69 -33.65 -33.72
C GLU I 313 -38.01 -34.59 -32.73
N TRP I 314 -38.78 -35.17 -31.81
CA TRP I 314 -38.19 -35.95 -30.73
C TRP I 314 -37.44 -37.17 -31.26
N ASN I 315 -38.09 -37.95 -32.13
CA ASN I 315 -37.44 -39.17 -32.60
C ASN I 315 -36.32 -38.86 -33.58
N GLU I 316 -36.38 -37.75 -34.32
CA GLU I 316 -35.25 -37.35 -35.13
C GLU I 316 -34.05 -37.00 -34.25
N THR I 317 -34.29 -36.26 -33.16
CA THR I 317 -33.20 -35.96 -32.24
C THR I 317 -32.62 -37.23 -31.65
N LEU I 318 -33.49 -38.17 -31.28
CA LEU I 318 -33.03 -39.45 -30.75
C LEU I 318 -32.21 -40.21 -31.80
N ASN I 319 -32.64 -40.17 -33.06
CA ASN I 319 -31.91 -40.84 -34.12
C ASN I 319 -30.51 -40.24 -34.31
N LYS I 320 -30.42 -38.91 -34.31
CA LYS I 320 -29.11 -38.28 -34.43
C LYS I 320 -28.23 -38.62 -33.23
N VAL I 321 -28.81 -38.63 -32.03
CA VAL I 321 -28.05 -38.98 -30.83
C VAL I 321 -27.51 -40.40 -30.94
N THR I 322 -28.36 -41.34 -31.37
CA THR I 322 -27.93 -42.72 -31.51
C THR I 322 -26.83 -42.85 -32.56
N GLU I 323 -26.98 -42.15 -33.69
CA GLU I 323 -25.96 -42.23 -34.73
C GLU I 323 -24.62 -41.71 -34.22
N LYS I 324 -24.64 -40.60 -33.47
CA LYS I 324 -23.38 -40.09 -32.94
C LYS I 324 -22.79 -41.03 -31.90
N LEU I 325 -23.61 -41.54 -30.99
CA LEU I 325 -23.12 -42.49 -29.99
C LEU I 325 -22.58 -43.76 -30.63
N LYS I 326 -23.00 -44.09 -31.85
CA LYS I 326 -22.41 -45.21 -32.57
C LYS I 326 -20.92 -44.98 -32.80
N GLU I 327 -20.50 -43.72 -32.97
CA GLU I 327 -19.07 -43.44 -33.13
C GLU I 327 -18.31 -43.73 -31.84
N HIS I 328 -18.88 -43.37 -30.69
CA HIS I 328 -18.19 -43.57 -29.43
C HIS I 328 -18.40 -44.97 -28.86
N PHE I 329 -19.59 -45.53 -29.03
CA PHE I 329 -19.90 -46.88 -28.58
C PHE I 329 -20.39 -47.70 -29.76
N ASN I 330 -19.85 -48.91 -29.91
CA ASN I 330 -19.98 -49.71 -31.12
C ASN I 330 -21.12 -50.72 -31.04
N LYS I 331 -22.21 -50.40 -30.36
CA LYS I 331 -23.34 -51.31 -30.24
C LYS I 331 -24.63 -50.53 -30.41
N THR I 332 -25.69 -51.24 -30.80
CA THR I 332 -27.01 -50.62 -30.87
C THR I 332 -27.46 -50.22 -29.48
N ILE I 333 -28.10 -49.05 -29.38
CA ILE I 333 -28.40 -48.43 -28.09
C ILE I 333 -29.91 -48.31 -27.92
N VAL I 334 -30.41 -48.77 -26.78
CA VAL I 334 -31.82 -48.72 -26.42
C VAL I 334 -31.94 -47.97 -25.09
N PHE I 335 -33.12 -47.42 -24.84
CA PHE I 335 -33.36 -46.60 -23.66
C PHE I 335 -34.53 -47.18 -22.87
N GLN I 336 -34.49 -46.98 -21.56
CA GLN I 336 -35.40 -47.63 -20.62
C GLN I 336 -35.53 -46.76 -19.38
N PRO I 337 -36.75 -46.57 -18.87
CA PRO I 337 -36.94 -45.61 -17.79
C PRO I 337 -36.28 -46.10 -16.52
N PRO I 338 -35.94 -45.18 -15.60
CA PRO I 338 -35.00 -45.54 -14.52
C PRO I 338 -35.52 -46.61 -13.56
N SER I 339 -36.78 -46.53 -13.13
CA SER I 339 -37.31 -47.34 -12.02
C SER I 339 -36.39 -47.27 -10.81
N GLY I 340 -35.96 -46.06 -10.47
CA GLY I 340 -35.00 -45.83 -9.41
C GLY I 340 -35.64 -45.95 -8.04
N GLY I 341 -34.90 -45.44 -7.05
CA GLY I 341 -35.30 -45.54 -5.65
C GLY I 341 -36.40 -44.58 -5.24
N ASP I 342 -36.16 -43.28 -5.36
CA ASP I 342 -37.09 -42.28 -4.87
C ASP I 342 -37.54 -41.35 -6.00
N LEU I 343 -38.26 -40.29 -5.61
CA LEU I 343 -38.95 -39.43 -6.56
C LEU I 343 -37.97 -38.67 -7.44
N GLU I 344 -36.91 -38.11 -6.86
CA GLU I 344 -36.07 -37.16 -7.59
C GLU I 344 -35.18 -37.83 -8.63
N THR I 345 -34.83 -39.10 -8.44
CA THR I 345 -33.96 -39.80 -9.37
C THR I 345 -34.73 -40.49 -10.49
N THR I 346 -36.03 -40.41 -10.52
CA THR I 346 -36.77 -41.11 -11.55
C THR I 346 -37.68 -40.22 -12.36
N MET I 347 -38.33 -39.24 -11.72
CA MET I 347 -39.25 -38.35 -12.40
C MET I 347 -38.51 -37.14 -12.97
N HIS I 348 -39.22 -36.37 -13.79
CA HIS I 348 -38.70 -35.11 -14.26
C HIS I 348 -39.02 -34.00 -13.27
N HIS I 349 -38.05 -33.15 -12.97
CA HIS I 349 -38.19 -32.10 -11.98
C HIS I 349 -37.91 -30.75 -12.61
N PHE I 350 -38.80 -29.79 -12.37
CA PHE I 350 -38.46 -28.38 -12.63
C PHE I 350 -39.44 -27.50 -11.86
N ASN I 351 -39.43 -26.20 -12.15
CA ASN I 351 -40.35 -25.27 -11.51
C ASN I 351 -40.73 -24.19 -12.50
N CYS I 352 -41.98 -23.75 -12.43
CA CYS I 352 -42.51 -22.74 -13.34
C CYS I 352 -43.44 -21.80 -12.58
N ARG I 353 -43.35 -20.51 -12.90
CA ARG I 353 -44.27 -19.49 -12.39
C ARG I 353 -44.38 -19.50 -10.87
N GLY I 354 -43.39 -20.06 -10.19
CA GLY I 354 -43.35 -20.04 -8.74
C GLY I 354 -43.73 -21.33 -8.05
N GLU I 355 -44.02 -22.41 -8.79
CA GLU I 355 -44.38 -23.67 -8.17
C GLU I 355 -43.66 -24.82 -8.85
N PHE I 356 -43.44 -25.88 -8.09
CA PHE I 356 -42.66 -27.03 -8.51
C PHE I 356 -43.50 -28.00 -9.33
N PHE I 357 -42.84 -28.70 -10.25
CA PHE I 357 -43.46 -29.73 -11.07
C PHE I 357 -42.59 -30.99 -11.04
N TYR I 358 -43.21 -32.09 -10.65
CA TYR I 358 -42.64 -33.43 -10.74
C TYR I 358 -43.49 -34.21 -11.74
N CYS I 359 -42.93 -34.53 -12.90
CA CYS I 359 -43.68 -35.08 -14.01
C CYS I 359 -43.24 -36.50 -14.29
N ASN I 360 -44.19 -37.31 -14.77
CA ASN I 360 -43.94 -38.71 -15.12
C ASN I 360 -43.41 -38.75 -16.55
N THR I 361 -42.08 -38.65 -16.68
CA THR I 361 -41.43 -38.62 -17.98
C THR I 361 -40.96 -40.00 -18.44
N THR I 362 -41.66 -41.06 -18.00
CA THR I 362 -41.21 -42.41 -18.31
C THR I 362 -41.45 -42.77 -19.77
N LYS I 363 -42.41 -42.11 -20.43
CA LYS I 363 -42.81 -42.53 -21.77
C LYS I 363 -41.87 -42.03 -22.85
N LEU I 364 -40.95 -41.13 -22.53
CA LEU I 364 -40.09 -40.53 -23.54
C LEU I 364 -38.86 -41.35 -23.87
N PHE I 365 -38.56 -42.40 -23.10
CA PHE I 365 -37.37 -43.20 -23.36
C PHE I 365 -37.65 -44.69 -23.46
N ASN I 366 -38.82 -45.17 -23.04
CA ASN I 366 -39.14 -46.59 -23.06
C ASN I 366 -39.57 -47.02 -24.47
N THR I 367 -38.67 -46.78 -25.42
CA THR I 367 -38.95 -47.11 -26.81
C THR I 367 -38.97 -48.63 -26.99
N LYS I 368 -39.89 -49.10 -27.82
CA LYS I 368 -40.01 -50.53 -28.10
C LYS I 368 -38.82 -51.02 -28.95
N GLU I 374 -44.24 -44.97 -31.70
CA GLU I 374 -44.56 -44.00 -32.74
C GLU I 374 -45.52 -42.94 -32.22
N PHE I 375 -44.97 -41.80 -31.79
CA PHE I 375 -45.81 -40.72 -31.29
C PHE I 375 -46.70 -40.16 -32.38
N ASN I 376 -46.10 -39.83 -33.53
CA ASN I 376 -46.81 -39.30 -34.71
C ASN I 376 -47.80 -38.19 -34.32
N GLY I 377 -47.47 -37.44 -33.28
CA GLY I 377 -48.34 -36.40 -32.80
C GLY I 377 -47.95 -36.01 -31.39
N THR I 378 -48.64 -35.00 -30.88
CA THR I 378 -48.36 -34.52 -29.53
C THR I 378 -48.68 -35.60 -28.51
N ILE I 379 -47.84 -35.71 -27.49
CA ILE I 379 -47.99 -36.71 -26.44
C ILE I 379 -48.10 -36.02 -25.09
N ILE I 380 -48.98 -36.53 -24.24
CA ILE I 380 -49.23 -35.97 -22.92
C ILE I 380 -48.60 -36.89 -21.88
N LEU I 381 -47.89 -36.29 -20.93
CA LEU I 381 -47.26 -36.97 -19.81
C LEU I 381 -47.91 -36.55 -18.50
N PRO I 382 -48.19 -37.51 -17.61
CA PRO I 382 -48.74 -37.16 -16.30
C PRO I 382 -47.75 -36.34 -15.48
N CYS I 383 -48.29 -35.41 -14.70
CA CYS I 383 -47.48 -34.58 -13.84
C CYS I 383 -48.32 -34.12 -12.66
N ARG I 384 -47.68 -34.06 -11.49
CA ARG I 384 -48.35 -33.72 -10.24
C ARG I 384 -47.56 -32.65 -9.52
N ILE I 385 -48.11 -32.18 -8.41
CA ILE I 385 -47.44 -31.19 -7.59
C ILE I 385 -47.34 -31.67 -6.15
N SER I 405 -55.44 -28.91 -18.28
CA SER I 405 -55.24 -29.61 -17.01
C SER I 405 -55.53 -28.69 -15.83
N GLY I 406 -56.09 -27.52 -16.13
CA GLY I 406 -56.42 -26.57 -15.07
C GLY I 406 -55.22 -26.04 -14.32
N ILE I 407 -54.07 -25.89 -15.00
CA ILE I 407 -52.85 -25.41 -14.39
C ILE I 407 -52.21 -24.39 -15.33
N ILE I 408 -51.38 -23.52 -14.75
CA ILE I 408 -50.56 -22.63 -15.57
C ILE I 408 -49.63 -23.49 -16.42
N ASN I 409 -49.35 -23.03 -17.64
CA ASN I 409 -48.61 -23.93 -18.50
C ASN I 409 -47.13 -23.60 -18.44
N CYS I 410 -46.30 -24.61 -18.73
CA CYS I 410 -44.86 -24.39 -18.76
C CYS I 410 -44.36 -24.84 -20.13
N THR I 411 -43.95 -23.88 -20.95
CA THR I 411 -43.55 -24.12 -22.33
C THR I 411 -42.04 -23.93 -22.50
N SER I 412 -41.28 -24.32 -21.49
CA SER I 412 -39.83 -24.15 -21.54
C SER I 412 -39.23 -25.03 -22.64
N ASN I 413 -38.12 -24.55 -23.20
CA ASN I 413 -37.46 -25.23 -24.31
C ASN I 413 -36.33 -26.11 -23.83
N ILE I 414 -36.21 -27.30 -24.44
CA ILE I 414 -35.15 -28.23 -24.08
C ILE I 414 -33.85 -27.79 -24.74
N THR I 415 -32.77 -27.78 -23.96
CA THR I 415 -31.46 -27.45 -24.49
C THR I 415 -30.48 -28.62 -24.51
N GLY I 416 -30.77 -29.68 -23.75
CA GLY I 416 -29.87 -30.81 -23.66
C GLY I 416 -30.40 -31.78 -22.64
N ILE I 417 -29.78 -32.95 -22.57
CA ILE I 417 -30.27 -34.00 -21.68
C ILE I 417 -29.11 -34.61 -20.90
N ILE I 418 -29.47 -35.30 -19.83
CA ILE I 418 -28.51 -36.02 -18.98
C ILE I 418 -28.72 -37.51 -19.21
N LEU I 419 -27.63 -38.22 -19.48
CA LEU I 419 -27.72 -39.61 -19.87
C LEU I 419 -26.66 -40.42 -19.13
N THR I 420 -27.03 -41.62 -18.70
CA THR I 420 -26.17 -42.50 -17.93
C THR I 420 -26.33 -43.92 -18.46
N ARG I 421 -25.32 -44.75 -18.23
CA ARG I 421 -25.34 -46.14 -18.67
C ARG I 421 -25.28 -47.07 -17.47
N ASP I 422 -25.81 -48.29 -17.67
CA ASP I 422 -25.77 -49.33 -16.66
C ASP I 422 -24.99 -50.53 -17.20
N GLY I 423 -24.06 -51.04 -16.39
CA GLY I 423 -23.27 -52.18 -16.76
C GLY I 423 -22.43 -51.97 -18.00
N THR I 429 -26.02 -57.47 -27.57
CA THR I 429 -25.17 -56.41 -27.04
C THR I 429 -25.88 -55.06 -27.10
N ASP I 430 -27.18 -55.06 -26.84
CA ASP I 430 -27.98 -53.83 -26.88
C ASP I 430 -27.71 -53.04 -25.61
N GLU I 431 -26.69 -52.19 -25.65
CA GLU I 431 -26.38 -51.34 -24.50
C GLU I 431 -27.54 -50.41 -24.20
N THR I 432 -27.82 -50.22 -22.93
CA THR I 432 -28.94 -49.41 -22.49
C THR I 432 -28.43 -48.13 -21.85
N PHE I 433 -28.97 -47.00 -22.29
CA PHE I 433 -28.72 -45.72 -21.64
C PHE I 433 -29.91 -45.36 -20.76
N ARG I 434 -29.65 -44.43 -19.88
CA ARG I 434 -30.43 -44.38 -18.65
C ARG I 434 -30.60 -42.92 -18.26
N PRO I 435 -31.82 -42.39 -18.27
CA PRO I 435 -32.04 -41.04 -17.75
C PRO I 435 -31.79 -41.01 -16.25
N GLY I 436 -31.50 -39.81 -15.75
CA GLY I 436 -31.21 -39.66 -14.34
C GLY I 436 -29.89 -38.98 -14.09
N GLY I 437 -28.93 -39.71 -13.53
CA GLY I 437 -27.58 -39.19 -13.38
C GLY I 437 -27.25 -38.67 -11.99
N GLY I 438 -26.45 -37.61 -11.94
CA GLY I 438 -25.94 -37.08 -10.69
C GLY I 438 -26.83 -36.05 -10.05
N ASN I 439 -26.23 -35.23 -9.20
CA ASN I 439 -26.93 -34.24 -8.41
C ASN I 439 -27.18 -32.97 -9.23
N ILE I 440 -27.57 -31.90 -8.55
CA ILE I 440 -27.86 -30.64 -9.23
C ILE I 440 -26.59 -30.04 -9.85
N LYS I 441 -25.42 -30.35 -9.28
CA LYS I 441 -24.18 -29.71 -9.71
C LYS I 441 -23.97 -29.85 -11.21
N ASP I 442 -24.22 -31.04 -11.75
CA ASP I 442 -23.96 -31.30 -13.16
C ASP I 442 -24.69 -30.31 -14.06
N ASN I 443 -25.82 -29.78 -13.61
CA ASN I 443 -26.54 -28.78 -14.39
C ASN I 443 -25.62 -27.62 -14.75
N TRP I 444 -24.95 -27.06 -13.74
CA TRP I 444 -24.06 -25.94 -14.01
C TRP I 444 -22.80 -26.37 -14.74
N ARG I 445 -22.51 -27.68 -14.77
CA ARG I 445 -21.43 -28.15 -15.62
C ARG I 445 -21.83 -28.12 -17.08
N SER I 446 -23.12 -28.17 -17.38
CA SER I 446 -23.58 -28.17 -18.76
C SER I 446 -23.63 -26.77 -19.37
N GLU I 447 -23.36 -25.73 -18.59
CA GLU I 447 -23.41 -24.37 -19.08
C GLU I 447 -22.17 -23.55 -18.73
N LEU I 448 -21.40 -23.93 -17.73
CA LEU I 448 -20.24 -23.14 -17.34
C LEU I 448 -18.98 -24.00 -17.50
N TYR I 449 -18.87 -24.68 -18.63
CA TYR I 449 -17.71 -25.50 -18.95
C TYR I 449 -16.72 -24.82 -19.88
N LYS I 450 -17.09 -23.74 -20.55
CA LYS I 450 -16.21 -23.07 -21.48
C LYS I 450 -15.24 -22.13 -20.81
N TYR I 451 -15.30 -21.98 -19.50
CA TYR I 451 -14.61 -20.89 -18.81
C TYR I 451 -13.59 -21.46 -17.83
N LYS I 452 -12.46 -20.76 -17.71
CA LYS I 452 -11.43 -21.11 -16.75
C LYS I 452 -10.95 -19.85 -16.05
N VAL I 453 -10.61 -19.98 -14.77
CA VAL I 453 -10.11 -18.87 -13.96
C VAL I 453 -8.60 -19.00 -13.87
N VAL I 454 -7.89 -17.89 -14.09
CA VAL I 454 -6.45 -17.95 -14.26
C VAL I 454 -5.78 -16.80 -13.51
N GLN I 455 -4.65 -17.11 -12.88
CA GLN I 455 -3.84 -16.17 -12.14
C GLN I 455 -2.81 -15.50 -13.03
N ILE I 456 -2.67 -14.18 -12.92
CA ILE I 456 -1.63 -13.44 -13.60
C ILE I 456 -0.47 -13.25 -12.63
N GLU I 457 0.75 -13.55 -13.10
CA GLU I 457 1.95 -13.50 -12.27
C GLU I 457 2.99 -12.62 -12.97
N PRO I 458 2.86 -11.31 -12.85
CA PRO I 458 3.75 -10.39 -13.60
C PRO I 458 5.14 -10.23 -12.98
N LEU I 459 5.99 -11.22 -13.22
CA LEU I 459 7.41 -11.13 -12.85
C LEU I 459 8.18 -12.13 -13.69
N GLY I 460 9.21 -11.65 -14.39
CA GLY I 460 9.96 -12.50 -15.28
C GLY I 460 11.45 -12.28 -15.16
N ILE I 461 12.21 -13.36 -15.36
CA ILE I 461 13.66 -13.37 -15.26
C ILE I 461 14.21 -13.86 -16.59
N ALA I 462 15.15 -13.11 -17.17
CA ALA I 462 15.64 -13.48 -18.49
C ALA I 462 17.13 -13.19 -18.61
N PRO I 463 17.85 -13.92 -19.46
CA PRO I 463 19.27 -13.63 -19.65
C PRO I 463 19.54 -12.61 -20.73
N THR I 464 20.29 -11.55 -20.42
CA THR I 464 20.55 -10.48 -21.38
C THR I 464 22.02 -10.07 -21.30
N ARG I 465 22.44 -9.31 -22.30
CA ARG I 465 23.82 -8.80 -22.34
C ARG I 465 23.90 -7.39 -21.77
N CYS I 466 23.45 -7.23 -20.52
CA CYS I 466 23.46 -5.92 -19.89
C CYS I 466 23.59 -6.10 -18.38
N LYS I 467 24.26 -5.14 -17.74
CA LYS I 467 24.48 -5.18 -16.31
C LYS I 467 24.92 -3.81 -15.83
N ARG I 468 24.50 -3.45 -14.62
CA ARG I 468 24.90 -2.20 -14.00
C ARG I 468 24.55 -2.19 -12.51
N GLY I 492 -3.97 -4.79 -24.02
CA GLY I 492 -2.94 -4.52 -23.03
C GLY I 492 -2.29 -5.78 -22.50
N PHE I 493 -2.24 -5.91 -21.18
CA PHE I 493 -1.67 -7.10 -20.56
C PHE I 493 -2.45 -8.33 -20.98
N LEU I 494 -1.73 -9.45 -21.13
CA LEU I 494 -2.23 -10.70 -21.69
C LEU I 494 -2.64 -10.58 -23.15
N GLY I 495 -2.42 -9.42 -23.77
CA GLY I 495 -2.80 -9.25 -25.16
C GLY I 495 -1.96 -10.10 -26.08
N ALA I 496 -0.68 -9.78 -26.21
CA ALA I 496 0.23 -10.58 -27.02
C ALA I 496 0.96 -11.62 -26.16
N ALA I 497 0.20 -12.38 -25.38
CA ALA I 497 0.81 -13.34 -24.48
C ALA I 497 1.24 -14.62 -25.19
N GLY I 498 0.90 -14.76 -26.46
CA GLY I 498 1.41 -15.85 -27.27
C GLY I 498 2.53 -15.47 -28.19
N SER I 499 2.90 -14.19 -28.25
CA SER I 499 3.94 -13.75 -29.14
C SER I 499 5.32 -14.14 -28.62
N THR I 500 6.33 -13.92 -29.44
CA THR I 500 7.70 -14.23 -29.09
C THR I 500 8.17 -13.33 -27.96
N MET I 501 9.23 -13.77 -27.27
CA MET I 501 9.81 -13.02 -26.17
C MET I 501 10.10 -11.57 -26.56
N GLY I 502 10.69 -11.38 -27.74
CA GLY I 502 11.02 -10.03 -28.16
C GLY I 502 9.79 -9.15 -28.31
N ALA I 503 8.78 -9.67 -29.00
CA ALA I 503 7.58 -8.87 -29.25
C ALA I 503 6.88 -8.51 -27.95
N ALA I 504 6.70 -9.48 -27.06
CA ALA I 504 6.03 -9.21 -25.80
C ALA I 504 6.84 -8.28 -24.92
N SER I 505 8.18 -8.42 -24.96
CA SER I 505 9.02 -7.52 -24.20
C SER I 505 8.88 -6.09 -24.69
N ILE I 506 8.88 -5.88 -26.01
CA ILE I 506 8.83 -4.52 -26.53
C ILE I 506 7.44 -3.92 -26.39
N THR I 507 6.39 -4.74 -26.49
CA THR I 507 5.06 -4.21 -26.35
C THR I 507 4.74 -3.80 -24.92
N LEU I 508 5.62 -4.13 -23.98
CA LEU I 508 5.44 -3.72 -22.59
C LEU I 508 5.73 -2.23 -22.46
N THR I 509 4.72 -1.48 -22.03
CA THR I 509 4.86 -0.06 -21.73
C THR I 509 4.35 0.20 -20.31
N VAL I 510 4.64 1.38 -19.80
CA VAL I 510 4.29 1.73 -18.43
C VAL I 510 2.79 1.94 -18.33
N GLN I 511 2.16 1.28 -17.37
CA GLN I 511 0.74 1.49 -17.12
C GLN I 511 0.52 2.72 -16.25
N ALA I 512 -0.75 3.11 -16.10
CA ALA I 512 -1.15 4.17 -15.20
C ALA I 512 -2.24 3.72 -14.23
N ARG I 513 -2.50 2.42 -14.15
CA ARG I 513 -3.51 1.87 -13.25
C ARG I 513 -2.91 0.73 -12.44
N GLN I 514 -3.53 0.47 -11.29
CA GLN I 514 -3.05 -0.59 -10.41
C GLN I 514 -3.31 -1.95 -11.05
N LEU I 515 -2.29 -2.80 -11.06
CA LEU I 515 -2.39 -4.16 -11.59
C LEU I 515 -2.91 -4.20 -13.02
N TRP I 522 -13.72 -2.24 -12.11
CA TRP I 522 -13.73 -1.07 -12.98
C TRP I 522 -15.12 -0.85 -13.57
N LEU I 523 -15.93 -1.91 -13.58
CA LEU I 523 -17.30 -1.80 -14.06
C LEU I 523 -18.14 -0.81 -13.27
N PRO I 524 -18.23 -0.89 -11.94
CA PRO I 524 -19.18 -0.06 -11.21
C PRO I 524 -18.61 1.33 -10.93
N ASP I 525 -19.41 2.14 -10.23
CA ASP I 525 -18.99 3.49 -9.88
C ASP I 525 -19.85 3.94 -8.70
N MET I 526 -19.19 4.30 -7.59
CA MET I 526 -19.84 4.80 -6.36
C MET I 526 -21.01 3.91 -5.94
N THR I 527 -20.69 2.63 -5.77
CA THR I 527 -21.69 1.61 -5.46
C THR I 527 -21.22 0.83 -4.24
N VAL I 528 -22.19 0.35 -3.45
CA VAL I 528 -21.87 -0.51 -2.32
C VAL I 528 -21.31 -1.83 -2.84
N TRP I 529 -20.14 -2.22 -2.33
CA TRP I 529 -19.42 -3.34 -2.91
C TRP I 529 -19.91 -4.68 -2.37
N GLY I 530 -19.83 -4.87 -1.05
CA GLY I 530 -20.18 -6.14 -0.45
C GLY I 530 -18.96 -6.87 0.07
N ILE I 531 -19.23 -8.02 0.71
CA ILE I 531 -18.17 -8.75 1.40
C ILE I 531 -17.17 -9.32 0.40
N LYS I 532 -17.67 -10.00 -0.64
CA LYS I 532 -16.77 -10.66 -1.57
C LYS I 532 -15.94 -9.65 -2.36
N GLN I 533 -16.55 -8.53 -2.77
CA GLN I 533 -15.82 -7.53 -3.52
C GLN I 533 -14.70 -6.92 -2.67
N LEU I 534 -14.98 -6.60 -1.40
CA LEU I 534 -13.95 -6.09 -0.52
C LEU I 534 -12.85 -7.11 -0.29
N GLN I 535 -13.24 -8.38 -0.11
CA GLN I 535 -12.24 -9.44 -0.01
C GLN I 535 -11.30 -9.43 -1.19
N ALA I 536 -11.86 -9.41 -2.40
CA ALA I 536 -11.05 -9.46 -3.61
C ALA I 536 -10.14 -8.24 -3.71
N ARG I 537 -10.70 -7.05 -3.45
CA ARG I 537 -9.91 -5.83 -3.60
C ARG I 537 -8.76 -5.78 -2.60
N VAL I 538 -9.03 -6.14 -1.34
CA VAL I 538 -7.98 -6.12 -0.33
C VAL I 538 -6.91 -7.15 -0.65
N LEU I 539 -7.31 -8.35 -1.08
CA LEU I 539 -6.32 -9.35 -1.45
C LEU I 539 -5.46 -8.86 -2.61
N ALA I 540 -6.08 -8.21 -3.60
CA ALA I 540 -5.33 -7.72 -4.74
C ALA I 540 -4.33 -6.65 -4.33
N VAL I 541 -4.76 -5.69 -3.50
CA VAL I 541 -3.85 -4.62 -3.11
C VAL I 541 -2.72 -5.17 -2.25
N GLU I 542 -3.02 -6.15 -1.39
CA GLU I 542 -1.96 -6.76 -0.59
C GLU I 542 -0.95 -7.49 -1.48
N ARG I 543 -1.45 -8.20 -2.50
CA ARG I 543 -0.55 -8.89 -3.41
C ARG I 543 0.34 -7.90 -4.15
N TYR I 544 -0.24 -6.79 -4.62
CA TYR I 544 0.57 -5.79 -5.31
C TYR I 544 1.62 -5.19 -4.38
N LEU I 545 1.25 -4.89 -3.14
CA LEU I 545 2.21 -4.33 -2.21
C LEU I 545 3.35 -5.30 -1.94
N LYS I 546 3.03 -6.58 -1.72
CA LYS I 546 4.07 -7.56 -1.47
C LYS I 546 5.01 -7.67 -2.66
N ASP I 547 4.44 -7.72 -3.87
CA ASP I 547 5.27 -7.84 -5.06
C ASP I 547 6.12 -6.60 -5.27
N GLN I 548 5.57 -5.42 -4.99
CA GLN I 548 6.36 -4.19 -5.16
C GLN I 548 7.51 -4.15 -4.17
N LYS I 549 7.28 -4.55 -2.92
CA LYS I 549 8.38 -4.61 -1.97
C LYS I 549 9.44 -5.62 -2.41
N PHE I 550 8.99 -6.77 -2.92
CA PHE I 550 9.92 -7.79 -3.39
C PHE I 550 10.78 -7.25 -4.53
N LEU I 551 10.16 -6.52 -5.46
CA LEU I 551 10.93 -5.95 -6.57
C LEU I 551 11.86 -4.85 -6.09
N GLY I 552 11.41 -4.03 -5.13
CA GLY I 552 12.23 -2.93 -4.65
C GLY I 552 13.38 -3.35 -3.79
N LEU I 553 13.34 -4.57 -3.23
CA LEU I 553 14.47 -5.06 -2.45
C LEU I 553 15.77 -5.02 -3.23
N TRP I 554 15.72 -5.22 -4.54
CA TRP I 554 16.90 -5.19 -5.38
C TRP I 554 17.24 -3.80 -5.88
N GLY I 555 16.49 -2.78 -5.50
CA GLY I 555 16.69 -1.44 -5.98
C GLY I 555 16.02 -1.12 -7.29
N CYS I 556 15.40 -2.10 -7.94
CA CYS I 556 14.68 -1.88 -9.19
C CYS I 556 13.25 -1.48 -8.87
N SER I 557 13.12 -0.31 -8.26
CA SER I 557 11.83 0.12 -7.74
C SER I 557 10.97 0.76 -8.84
N GLY I 558 11.43 1.85 -9.42
CA GLY I 558 10.60 2.62 -10.32
C GLY I 558 10.56 2.16 -11.76
N LYS I 559 11.59 1.43 -12.19
CA LYS I 559 11.73 1.04 -13.58
C LYS I 559 11.18 -0.37 -13.77
N ILE I 560 10.38 -0.55 -14.82
CA ILE I 560 9.77 -1.85 -15.08
C ILE I 560 10.83 -2.88 -15.47
N ILE I 561 11.85 -2.45 -16.20
CA ILE I 561 12.94 -3.32 -16.64
C ILE I 561 14.19 -2.96 -15.85
N CYS I 562 14.86 -3.98 -15.32
CA CYS I 562 16.04 -3.73 -14.49
C CYS I 562 17.11 -4.76 -14.79
N CYS I 563 18.29 -4.29 -15.16
CA CYS I 563 19.45 -5.16 -15.32
C CYS I 563 20.27 -5.16 -14.03
N THR I 564 20.70 -6.34 -13.60
CA THR I 564 21.40 -6.50 -12.34
C THR I 564 22.73 -7.21 -12.58
N ASN I 565 23.57 -7.19 -11.54
CA ASN I 565 24.93 -7.71 -11.64
C ASN I 565 24.98 -9.11 -11.03
N VAL I 566 24.47 -10.07 -11.79
CA VAL I 566 24.54 -11.49 -11.40
C VAL I 566 24.94 -12.31 -12.61
N PRO I 567 26.04 -13.06 -12.54
CA PRO I 567 26.38 -13.96 -13.66
C PRO I 567 25.33 -15.04 -13.85
N TRP I 568 25.16 -15.44 -15.10
CA TRP I 568 24.13 -16.39 -15.49
C TRP I 568 24.73 -17.79 -15.48
N ASN I 569 24.39 -18.58 -14.46
CA ASN I 569 24.84 -19.95 -14.36
C ASN I 569 24.22 -20.76 -15.50
N SER I 570 25.04 -21.16 -16.48
CA SER I 570 24.52 -21.80 -17.67
C SER I 570 23.81 -23.11 -17.37
N THR I 571 24.07 -23.72 -16.21
CA THR I 571 23.40 -24.96 -15.85
C THR I 571 21.93 -24.78 -15.54
N TRP I 572 21.45 -23.54 -15.40
CA TRP I 572 20.06 -23.31 -15.05
C TRP I 572 19.12 -23.76 -16.17
N SER I 573 19.43 -23.37 -17.40
CA SER I 573 18.49 -23.63 -18.49
C SER I 573 19.12 -24.14 -19.78
N ASN I 574 20.44 -24.07 -19.94
CA ASN I 574 21.10 -24.32 -21.24
C ASN I 574 20.44 -23.37 -22.23
N LYS I 575 19.87 -23.85 -23.33
CA LYS I 575 18.98 -23.03 -24.17
C LYS I 575 19.68 -21.77 -24.66
N SER I 576 20.61 -21.98 -25.60
CA SER I 576 21.45 -20.93 -26.15
C SER I 576 20.69 -19.63 -26.40
N TYR I 577 21.37 -18.50 -26.20
CA TYR I 577 20.70 -17.19 -26.15
C TYR I 577 19.86 -16.92 -27.39
N GLU I 578 20.23 -17.48 -28.53
CA GLU I 578 19.48 -17.22 -29.75
C GLU I 578 18.04 -17.70 -29.64
N GLU I 579 17.83 -18.90 -29.11
CA GLU I 579 16.49 -19.45 -29.01
C GLU I 579 15.70 -18.88 -27.86
N ILE I 580 16.30 -18.06 -27.01
CA ILE I 580 15.56 -17.49 -25.89
C ILE I 580 14.58 -16.44 -26.38
N TRP I 581 15.01 -15.55 -27.26
CA TRP I 581 14.21 -14.39 -27.66
C TRP I 581 13.72 -14.47 -29.09
N ASN I 582 13.75 -15.64 -29.70
CA ASN I 582 13.27 -15.81 -31.07
C ASN I 582 12.26 -16.93 -31.24
N ASN I 583 12.13 -17.84 -30.28
CA ASN I 583 11.35 -19.05 -30.49
C ASN I 583 10.41 -19.41 -29.34
N MET I 584 10.66 -18.98 -28.11
CA MET I 584 9.87 -19.42 -26.97
C MET I 584 8.85 -18.37 -26.56
N THR I 585 7.65 -18.83 -26.24
CA THR I 585 6.64 -17.97 -25.66
C THR I 585 6.98 -17.69 -24.20
N TRP I 586 6.49 -16.56 -23.68
CA TRP I 586 6.80 -16.17 -22.31
C TRP I 586 6.32 -17.23 -21.32
N ILE I 587 5.12 -17.78 -21.54
CA ILE I 587 4.57 -18.77 -20.62
C ILE I 587 5.44 -20.02 -20.60
N GLU I 588 5.91 -20.45 -21.77
CA GLU I 588 6.81 -21.61 -21.82
C GLU I 588 8.11 -21.32 -21.07
N TRP I 589 8.63 -20.10 -21.20
CA TRP I 589 9.85 -19.73 -20.50
C TRP I 589 9.66 -19.79 -18.99
N GLU I 590 8.54 -19.25 -18.50
CA GLU I 590 8.27 -19.32 -17.06
C GLU I 590 8.09 -20.76 -16.61
N LYS I 591 7.41 -21.57 -17.41
CA LYS I 591 7.21 -22.98 -17.07
C LYS I 591 8.55 -23.71 -16.96
N GLU I 592 9.48 -23.39 -17.86
CA GLU I 592 10.79 -24.04 -17.82
C GLU I 592 11.66 -23.52 -16.68
N ILE I 593 11.56 -22.23 -16.35
CA ILE I 593 12.44 -21.67 -15.33
C ILE I 593 11.87 -21.85 -13.92
N SER I 594 10.62 -22.29 -13.79
CA SER I 594 9.99 -22.40 -12.47
C SER I 594 10.74 -23.33 -11.53
N ASN I 595 11.56 -24.24 -12.06
CA ASN I 595 12.30 -25.14 -11.19
C ASN I 595 13.30 -24.39 -10.31
N TYR I 596 13.83 -23.27 -10.79
CA TYR I 596 14.94 -22.58 -10.12
C TYR I 596 14.64 -21.15 -9.75
N THR I 597 13.36 -20.74 -9.73
CA THR I 597 13.05 -19.34 -9.49
C THR I 597 13.49 -18.89 -8.10
N ASN I 598 13.27 -19.72 -7.08
CA ASN I 598 13.60 -19.33 -5.71
C ASN I 598 15.09 -19.10 -5.55
N ARG I 599 15.91 -19.98 -6.11
CA ARG I 599 17.36 -19.79 -6.06
C ARG I 599 17.76 -18.51 -6.77
N ILE I 600 17.14 -18.23 -7.91
CA ILE I 600 17.44 -17.01 -8.66
C ILE I 600 17.13 -15.78 -7.81
N TYR I 601 15.96 -15.79 -7.15
CA TYR I 601 15.57 -14.66 -6.33
C TYR I 601 16.54 -14.46 -5.17
N ASP I 602 16.92 -15.57 -4.51
CA ASP I 602 17.84 -15.48 -3.39
C ASP I 602 19.19 -14.95 -3.83
N LEU I 603 19.70 -15.43 -4.97
CA LEU I 603 20.98 -14.95 -5.46
C LEU I 603 20.90 -13.47 -5.84
N LEU I 604 19.78 -13.05 -6.43
CA LEU I 604 19.62 -11.64 -6.77
C LEU I 604 19.66 -10.77 -5.51
N THR I 605 18.92 -11.18 -4.48
CA THR I 605 18.90 -10.42 -3.24
C THR I 605 20.28 -10.39 -2.59
N GLU I 606 20.97 -11.54 -2.58
CA GLU I 606 22.30 -11.59 -1.99
C GLU I 606 23.28 -10.69 -2.73
N SER I 607 23.24 -10.70 -4.06
CA SER I 607 24.18 -9.88 -4.83
C SER I 607 23.87 -8.40 -4.68
N GLN I 608 22.58 -8.03 -4.57
CA GLN I 608 22.27 -6.64 -4.30
C GLN I 608 22.73 -6.24 -2.91
N ASN I 609 22.61 -7.14 -1.93
CA ASN I 609 23.08 -6.85 -0.57
C ASN I 609 24.58 -6.66 -0.54
N GLN I 610 25.32 -7.50 -1.27
CA GLN I 610 26.78 -7.43 -1.24
C GLN I 610 27.30 -6.13 -1.82
N GLN I 611 26.64 -5.60 -2.84
CA GLN I 611 27.07 -4.38 -3.53
C GLN I 611 28.48 -4.53 -4.10
#